data_7X55
#
_entry.id   7X55
#
_cell.length_a   1.00
_cell.length_b   1.00
_cell.length_c   1.00
_cell.angle_alpha   90.00
_cell.angle_beta   90.00
_cell.angle_gamma   90.00
#
_symmetry.space_group_name_H-M   'P 1'
#
loop_
_entity.id
_entity.type
_entity.pdbx_description
1 polymer 'ParM/StbA family protein'
2 non-polymer "GUANOSINE-5'-TRIPHOSPHATE"
#
_entity_poly.entity_id   1
_entity_poly.type   'polypeptide(L)'
_entity_poly.pdbx_seq_one_letter_code
;MKITVVDLGNINVKYVGENKGRFSSKITNDYQSYEEGFQRVEYNGIKTYIGVGELSREFNKADRDYMAQLLYSLAKANTA
DTKEINLTLLLPIIQMKNKTRLIETLKGENFKFKFNGIDREIKINDLMVLPEGYASYYSLDIENKKGDVCILDLGSRTIN
ICVLENAKIVKTNTIKLGSFDFYSKIKSLENAKGEDYIEEDIQRLIDNGLIKVDSKQYIEFLSDILNAVKPYVNLKTYNT
IFTGGTSLMLKEYIEKLPLNKFKVHPNALTSNVDGAMEASKKVWN
;
_entity_poly.pdbx_strand_id   A,B,C,D,E
#
loop_
_chem_comp.id
_chem_comp.type
_chem_comp.name
_chem_comp.formula
GTP non-polymer GUANOSINE-5'-TRIPHOSPHATE 'C10 H16 N5 O14 P3'
#
# COMPACT_ATOMS: atom_id res chain seq x y z
N MET A 1 0.51 5.41 55.48
CA MET A 1 1.64 4.61 56.02
C MET A 1 1.76 3.25 55.31
N LYS A 2 0.88 2.33 55.70
CA LYS A 2 1.14 0.91 55.53
C LYS A 2 0.69 0.43 54.15
N ILE A 3 1.45 -0.51 53.59
CA ILE A 3 1.18 -1.07 52.28
C ILE A 3 1.10 -2.59 52.42
N THR A 4 0.26 -3.19 51.57
CA THR A 4 0.09 -4.63 51.57
C THR A 4 -0.17 -5.11 50.15
N VAL A 5 0.38 -6.27 49.81
CA VAL A 5 0.02 -6.98 48.57
C VAL A 5 -0.52 -8.33 48.97
N VAL A 6 -1.72 -8.64 48.47
CA VAL A 6 -2.30 -9.97 48.59
C VAL A 6 -2.50 -10.51 47.17
N ASP A 7 -1.80 -11.59 46.87
CA ASP A 7 -1.88 -12.25 45.57
C ASP A 7 -2.62 -13.57 45.72
N LEU A 8 -3.62 -13.78 44.87
CA LEU A 8 -4.53 -14.90 45.06
C LEU A 8 -4.04 -16.20 44.41
N GLY A 9 -3.04 -16.12 43.52
CA GLY A 9 -2.35 -17.30 43.05
C GLY A 9 -3.22 -18.38 42.43
N ASN A 10 -2.61 -19.51 42.10
CA ASN A 10 -3.31 -20.67 41.57
C ASN A 10 -3.60 -21.71 42.64
N ILE A 11 -2.55 -22.16 43.35
CA ILE A 11 -2.71 -23.16 44.40
C ILE A 11 -2.72 -22.54 45.78
N ASN A 12 -2.06 -21.40 45.96
CA ASN A 12 -1.91 -20.76 47.25
C ASN A 12 -2.39 -19.32 47.16
N VAL A 13 -2.60 -18.74 48.32
CA VAL A 13 -2.81 -17.32 48.44
C VAL A 13 -1.65 -16.74 49.24
N LYS A 14 -1.44 -15.44 49.09
CA LYS A 14 -0.15 -14.82 49.27
C LYS A 14 -0.35 -13.49 49.95
N TYR A 15 0.36 -13.25 51.05
CA TYR A 15 0.17 -12.04 51.83
C TYR A 15 1.53 -11.42 52.13
N VAL A 16 1.63 -10.10 52.00
CA VAL A 16 2.82 -9.37 52.39
C VAL A 16 2.38 -8.00 52.90
N GLY A 17 2.91 -7.62 54.06
CA GLY A 17 2.45 -6.46 54.79
C GLY A 17 3.26 -6.30 56.05
N GLU A 18 2.60 -6.13 57.20
CA GLU A 18 3.31 -6.24 58.47
C GLU A 18 3.97 -7.61 58.61
N ASN A 19 3.49 -8.61 57.87
CA ASN A 19 4.06 -9.95 57.87
C ASN A 19 4.01 -10.49 56.45
N LYS A 20 4.84 -11.49 56.17
CA LYS A 20 4.96 -12.07 54.84
C LYS A 20 4.72 -13.57 54.89
N GLY A 21 4.18 -14.10 53.80
CA GLY A 21 4.04 -15.53 53.67
C GLY A 21 2.93 -15.89 52.70
N ARG A 22 2.51 -17.15 52.80
CA ARG A 22 1.47 -17.69 51.93
C ARG A 22 0.85 -18.89 52.62
N PHE A 23 -0.17 -19.46 51.98
CA PHE A 23 -0.77 -20.69 52.47
C PHE A 23 -1.65 -21.26 51.37
N SER A 24 -2.14 -22.48 51.60
CA SER A 24 -2.89 -23.18 50.57
C SER A 24 -4.17 -22.45 50.22
N SER A 25 -4.60 -22.61 48.96
CA SER A 25 -5.85 -22.02 48.48
C SER A 25 -7.04 -22.92 48.75
N LYS A 26 -6.85 -24.08 49.37
CA LYS A 26 -7.95 -25.00 49.62
C LYS A 26 -8.96 -24.35 50.58
N ILE A 27 -10.24 -24.60 50.33
CA ILE A 27 -11.33 -24.05 51.13
C ILE A 27 -12.29 -25.15 51.53
N THR A 28 -12.68 -25.15 52.80
CA THR A 28 -13.81 -25.90 53.29
C THR A 28 -14.77 -24.98 54.02
N ASN A 29 -16.02 -24.97 53.56
CA ASN A 29 -17.14 -24.58 54.41
C ASN A 29 -18.10 -25.76 54.52
N ASP A 30 -17.64 -26.94 54.09
CA ASP A 30 -18.38 -28.19 54.19
C ASP A 30 -18.20 -28.70 55.62
N TYR A 31 -18.49 -29.98 55.89
CA TYR A 31 -18.51 -30.38 57.31
C TYR A 31 -17.37 -29.84 58.14
N GLN A 32 -17.70 -29.59 59.39
CA GLN A 32 -16.75 -29.04 60.33
C GLN A 32 -17.18 -29.47 61.72
N SER A 33 -16.30 -30.16 62.42
CA SER A 33 -16.57 -30.57 63.79
C SER A 33 -15.61 -29.92 64.77
N TYR A 34 -14.29 -30.08 64.56
CA TYR A 34 -13.31 -29.66 65.55
C TYR A 34 -12.87 -28.23 65.25
N GLU A 35 -13.72 -27.29 65.66
CA GLU A 35 -13.44 -25.87 65.41
C GLU A 35 -12.04 -25.49 65.89
N GLU A 36 -11.62 -26.04 67.02
CA GLU A 36 -10.38 -25.59 67.66
C GLU A 36 -9.15 -26.04 66.89
N GLY A 37 -9.22 -27.15 66.18
CA GLY A 37 -8.06 -27.67 65.48
C GLY A 37 -7.83 -27.14 64.09
N PHE A 38 -8.66 -26.23 63.61
CA PHE A 38 -8.54 -25.67 62.27
C PHE A 38 -8.67 -24.15 62.33
N GLN A 39 -7.94 -23.49 61.44
CA GLN A 39 -8.15 -22.07 61.24
C GLN A 39 -9.57 -21.83 60.73
N ARG A 40 -10.22 -20.79 61.26
CA ARG A 40 -11.64 -20.61 61.05
C ARG A 40 -11.98 -19.14 61.07
N VAL A 41 -12.97 -18.76 60.27
CA VAL A 41 -13.43 -17.37 60.21
C VAL A 41 -14.87 -17.35 59.71
N GLU A 42 -15.68 -16.51 60.35
CA GLU A 42 -17.08 -16.32 59.98
C GLU A 42 -17.32 -14.86 59.68
N TYR A 43 -17.99 -14.59 58.56
CA TYR A 43 -18.29 -13.22 58.14
C TYR A 43 -19.52 -13.22 57.26
N ASN A 44 -20.48 -12.36 57.60
CA ASN A 44 -21.70 -12.17 56.81
C ASN A 44 -22.41 -13.48 56.52
N GLY A 45 -22.44 -14.37 57.52
CA GLY A 45 -23.11 -15.64 57.39
C GLY A 45 -22.32 -16.72 56.72
N ILE A 46 -21.09 -16.44 56.30
CA ILE A 46 -20.22 -17.41 55.65
C ILE A 46 -19.20 -17.86 56.68
N LYS A 47 -19.26 -19.14 57.07
CA LYS A 47 -18.28 -19.74 57.97
C LYS A 47 -17.37 -20.64 57.18
N THR A 48 -16.07 -20.37 57.24
CA THR A 48 -15.08 -21.07 56.43
C THR A 48 -13.89 -21.44 57.29
N TYR A 49 -13.19 -22.48 56.85
CA TYR A 49 -12.01 -22.99 57.54
C TYR A 49 -10.90 -23.15 56.52
N ILE A 50 -9.71 -22.69 56.89
CA ILE A 50 -8.73 -22.19 55.94
C ILE A 50 -7.75 -23.30 55.58
N GLY A 51 -7.45 -23.42 54.28
CA GLY A 51 -6.41 -24.32 53.83
C GLY A 51 -6.78 -25.78 53.75
N VAL A 52 -8.07 -26.09 53.58
CA VAL A 52 -8.51 -27.47 53.45
C VAL A 52 -9.94 -27.50 52.93
N GLY A 53 -10.28 -28.54 52.17
CA GLY A 53 -11.64 -28.70 51.70
C GLY A 53 -11.78 -28.99 50.22
N GLU A 54 -12.43 -28.06 49.50
CA GLU A 54 -12.69 -28.20 48.08
C GLU A 54 -11.99 -27.08 47.32
N LEU A 55 -11.40 -27.41 46.19
CA LEU A 55 -10.84 -26.39 45.31
C LEU A 55 -11.33 -26.52 43.88
N SER A 56 -11.48 -27.75 43.38
CA SER A 56 -12.15 -28.06 42.12
C SER A 56 -11.89 -27.16 40.92
N ARG A 57 -10.67 -26.65 40.77
CA ARG A 57 -10.21 -26.02 39.53
C ARG A 57 -11.12 -24.92 39.00
N GLU A 58 -11.96 -24.32 39.85
CA GLU A 58 -13.00 -23.40 39.39
C GLU A 58 -12.48 -22.00 39.17
N PHE A 59 -13.04 -21.36 38.14
CA PHE A 59 -12.90 -19.94 37.89
C PHE A 59 -13.58 -19.17 39.03
N ASN A 60 -13.62 -17.86 38.93
CA ASN A 60 -14.37 -17.05 39.89
C ASN A 60 -13.84 -17.22 41.31
N LYS A 61 -12.54 -17.49 41.44
CA LYS A 61 -11.95 -17.53 42.77
C LYS A 61 -12.17 -16.21 43.49
N ALA A 62 -12.37 -15.13 42.75
CA ALA A 62 -12.65 -13.82 43.30
C ALA A 62 -14.14 -13.60 43.58
N ASP A 63 -14.94 -14.67 43.59
CA ASP A 63 -16.34 -14.54 44.00
C ASP A 63 -16.85 -15.67 44.88
N ARG A 64 -16.15 -16.81 44.97
CA ARG A 64 -16.69 -17.99 45.64
C ARG A 64 -16.04 -18.13 47.02
N ASP A 65 -16.58 -17.38 47.98
CA ASP A 65 -16.27 -17.50 49.39
C ASP A 65 -14.80 -17.30 49.71
N TYR A 66 -13.98 -16.89 48.73
CA TYR A 66 -12.60 -16.54 49.02
C TYR A 66 -12.52 -15.37 49.99
N MET A 67 -13.59 -14.60 50.11
CA MET A 67 -13.60 -13.42 50.97
C MET A 67 -12.94 -13.72 52.31
N ALA A 68 -13.55 -14.63 53.07
CA ALA A 68 -12.98 -15.09 54.32
C ALA A 68 -11.48 -15.34 54.15
N GLN A 69 -11.15 -16.27 53.25
CA GLN A 69 -9.76 -16.58 52.98
C GLN A 69 -8.95 -15.31 52.74
N LEU A 70 -9.39 -14.49 51.79
CA LEU A 70 -8.68 -13.25 51.51
C LEU A 70 -8.47 -12.46 52.79
N LEU A 71 -9.55 -12.25 53.55
CA LEU A 71 -9.42 -11.55 54.82
C LEU A 71 -8.36 -12.22 55.69
N TYR A 72 -8.45 -13.55 55.82
CA TYR A 72 -7.45 -14.29 56.57
C TYR A 72 -6.05 -13.94 56.10
N SER A 73 -5.84 -13.98 54.78
CA SER A 73 -4.51 -13.69 54.26
C SER A 73 -4.07 -12.29 54.68
N LEU A 74 -4.97 -11.32 54.61
CA LEU A 74 -4.62 -9.98 55.07
C LEU A 74 -4.28 -9.99 56.55
N ALA A 75 -5.03 -10.75 57.36
CA ALA A 75 -4.69 -10.90 58.76
C ALA A 75 -3.32 -11.55 58.91
N LYS A 76 -2.93 -12.41 57.97
CA LYS A 76 -1.62 -13.04 58.06
C LYS A 76 -0.49 -12.03 57.88
N ALA A 77 -0.57 -11.22 56.82
CA ALA A 77 0.42 -10.17 56.63
C ALA A 77 0.27 -9.03 57.62
N ASN A 78 -0.85 -8.97 58.34
CA ASN A 78 -1.13 -7.90 59.28
C ASN A 78 -1.08 -8.44 60.70
N THR A 79 -1.22 -7.52 61.66
CA THR A 79 -1.33 -7.92 63.06
C THR A 79 -2.74 -8.42 63.34
N ALA A 80 -2.93 -8.96 64.54
CA ALA A 80 -4.21 -9.54 64.92
C ALA A 80 -5.24 -8.48 65.33
N ASP A 81 -4.85 -7.21 65.39
CA ASP A 81 -5.74 -6.15 65.83
C ASP A 81 -5.76 -4.98 64.83
N THR A 82 -5.61 -5.28 63.55
CA THR A 82 -5.54 -4.24 62.54
C THR A 82 -6.92 -3.68 62.22
N LYS A 83 -6.96 -2.41 61.84
CA LYS A 83 -8.19 -1.73 61.48
C LYS A 83 -8.13 -0.92 60.20
N GLU A 84 -6.93 -0.57 59.71
CA GLU A 84 -6.81 0.24 58.51
C GLU A 84 -5.50 -0.10 57.82
N ILE A 85 -5.58 -0.41 56.52
CA ILE A 85 -4.40 -0.67 55.71
C ILE A 85 -4.70 -0.29 54.27
N ASN A 86 -3.64 0.01 53.52
CA ASN A 86 -3.76 0.30 52.10
C ASN A 86 -3.49 -0.99 51.31
N LEU A 87 -4.29 -1.22 50.27
CA LEU A 87 -4.36 -2.52 49.62
C LEU A 87 -3.85 -2.46 48.18
N THR A 88 -2.86 -3.29 47.88
CA THR A 88 -2.56 -3.72 46.52
C THR A 88 -3.01 -5.17 46.40
N LEU A 89 -3.84 -5.44 45.40
CA LEU A 89 -4.29 -6.79 45.10
C LEU A 89 -3.79 -7.19 43.72
N LEU A 90 -3.99 -8.46 43.38
CA LEU A 90 -3.63 -8.91 42.05
C LEU A 90 -4.59 -10.03 41.64
N LEU A 91 -4.80 -10.13 40.33
CA LEU A 91 -5.54 -11.24 39.75
C LEU A 91 -4.85 -11.70 38.49
N PRO A 92 -5.01 -12.96 38.09
CA PRO A 92 -4.44 -13.40 36.82
C PRO A 92 -4.96 -12.52 35.69
N ILE A 93 -4.19 -12.48 34.60
CA ILE A 93 -4.47 -11.56 33.51
C ILE A 93 -5.93 -11.70 33.08
N ILE A 94 -6.28 -12.89 32.59
CA ILE A 94 -7.60 -13.10 32.01
C ILE A 94 -8.68 -12.72 33.03
N GLN A 95 -8.54 -13.21 34.26
CA GLN A 95 -9.61 -13.03 35.24
C GLN A 95 -9.96 -11.56 35.45
N MET A 96 -9.11 -10.62 35.02
CA MET A 96 -9.47 -9.22 35.17
C MET A 96 -10.78 -8.87 34.51
N LYS A 97 -11.34 -9.75 33.67
CA LYS A 97 -12.66 -9.45 33.15
C LYS A 97 -13.68 -9.23 34.26
N ASN A 98 -13.29 -9.47 35.52
CA ASN A 98 -14.14 -9.28 36.68
C ASN A 98 -13.68 -8.16 37.60
N LYS A 99 -12.70 -7.33 37.19
CA LYS A 99 -12.17 -6.30 38.08
C LYS A 99 -13.29 -5.46 38.69
N THR A 100 -14.02 -4.74 37.84
CA THR A 100 -14.79 -3.57 38.27
C THR A 100 -15.55 -3.83 39.57
N ARG A 101 -16.50 -4.78 39.54
CA ARG A 101 -17.35 -4.97 40.71
C ARG A 101 -16.51 -5.17 41.96
N LEU A 102 -15.57 -6.12 41.90
CA LEU A 102 -14.71 -6.38 43.05
C LEU A 102 -14.21 -5.06 43.64
N ILE A 103 -13.59 -4.23 42.81
CA ILE A 103 -13.02 -2.98 43.29
C ILE A 103 -14.06 -2.19 44.07
N GLU A 104 -15.20 -1.88 43.43
CA GLU A 104 -16.17 -1.04 44.13
C GLU A 104 -16.94 -1.82 45.19
N THR A 105 -16.89 -3.16 45.12
CA THR A 105 -17.45 -3.92 46.24
C THR A 105 -16.51 -3.96 47.43
N LEU A 106 -15.28 -3.49 47.26
CA LEU A 106 -14.29 -3.46 48.33
C LEU A 106 -13.78 -2.07 48.64
N LYS A 107 -13.64 -1.20 47.63
CA LYS A 107 -12.92 0.06 47.74
C LYS A 107 -13.25 0.81 49.01
N GLY A 108 -12.22 1.08 49.82
CA GLY A 108 -12.33 1.98 50.95
C GLY A 108 -13.45 1.62 51.91
N GLU A 109 -13.67 0.33 52.12
CA GLU A 109 -14.76 -0.15 52.96
C GLU A 109 -14.20 -0.94 54.14
N ASN A 110 -15.06 -1.15 55.13
CA ASN A 110 -14.72 -1.93 56.31
C ASN A 110 -15.51 -3.23 56.30
N PHE A 111 -14.85 -4.32 56.69
CA PHE A 111 -15.43 -5.65 56.59
C PHE A 111 -15.16 -6.41 57.89
N LYS A 112 -16.17 -7.16 58.32
CA LYS A 112 -16.15 -7.86 59.60
C LYS A 112 -15.64 -9.29 59.41
N PHE A 113 -15.48 -9.98 60.53
CA PHE A 113 -15.17 -11.41 60.52
C PHE A 113 -15.10 -11.88 61.98
N LYS A 114 -14.99 -13.20 62.14
CA LYS A 114 -14.91 -13.83 63.44
C LYS A 114 -13.55 -14.47 63.72
N PHE A 115 -12.64 -14.46 62.74
CA PHE A 115 -11.56 -15.44 62.66
C PHE A 115 -11.05 -15.90 64.01
N ASN A 116 -11.07 -17.22 64.22
CA ASN A 116 -10.47 -17.86 65.40
C ASN A 116 -10.85 -17.17 66.70
N GLY A 117 -11.95 -16.40 66.69
CA GLY A 117 -12.38 -15.68 67.86
C GLY A 117 -11.79 -14.29 68.01
N ILE A 118 -10.79 -13.90 67.21
CA ILE A 118 -10.29 -12.54 67.28
C ILE A 118 -11.37 -11.57 66.85
N ASP A 119 -12.16 -11.95 65.85
CA ASP A 119 -13.49 -11.37 65.60
C ASP A 119 -13.46 -9.85 65.62
N ARG A 120 -12.77 -9.29 64.63
CA ARG A 120 -12.70 -7.85 64.43
C ARG A 120 -13.04 -7.51 62.98
N GLU A 121 -13.56 -6.31 62.79
CA GLU A 121 -13.76 -5.75 61.46
C GLU A 121 -12.66 -4.76 61.14
N ILE A 122 -12.27 -4.72 59.87
CA ILE A 122 -11.10 -3.96 59.43
C ILE A 122 -11.49 -3.12 58.22
N LYS A 123 -11.09 -1.85 58.24
CA LYS A 123 -11.24 -0.98 57.08
C LYS A 123 -10.01 -1.09 56.19
N ILE A 124 -10.20 -0.78 54.91
CA ILE A 124 -9.12 -0.78 53.93
C ILE A 124 -9.01 0.63 53.37
N ASN A 125 -7.77 1.11 53.22
CA ASN A 125 -7.56 2.49 52.81
C ASN A 125 -7.78 2.69 51.32
N ASP A 126 -7.36 1.72 50.50
CA ASP A 126 -7.57 1.80 49.06
C ASP A 126 -7.12 0.50 48.42
N LEU A 127 -7.77 0.14 47.32
CA LEU A 127 -7.42 -1.05 46.55
C LEU A 127 -6.85 -0.63 45.20
N MET A 128 -5.79 -1.33 44.79
CA MET A 128 -5.21 -1.14 43.47
C MET A 128 -4.70 -2.50 42.99
N VAL A 129 -5.14 -2.94 41.82
CA VAL A 129 -5.01 -4.32 41.40
C VAL A 129 -4.02 -4.40 40.24
N LEU A 130 -3.24 -5.48 40.22
CA LEU A 130 -2.28 -5.76 39.17
C LEU A 130 -2.52 -7.14 38.56
N PRO A 131 -2.16 -7.34 37.30
CA PRO A 131 -2.23 -8.70 36.73
C PRO A 131 -1.20 -9.61 37.39
N GLU A 132 -1.68 -10.69 38.00
CA GLU A 132 -0.78 -11.68 38.54
C GLU A 132 0.12 -12.23 37.43
N GLY A 133 1.37 -12.43 37.77
CA GLY A 133 2.38 -12.78 36.77
C GLY A 133 3.08 -11.59 36.18
N TYR A 134 2.31 -10.55 35.81
CA TYR A 134 2.91 -9.38 35.19
C TYR A 134 3.78 -8.60 36.16
N ALA A 135 3.39 -8.53 37.44
CA ALA A 135 4.07 -7.65 38.37
C ALA A 135 5.55 -8.01 38.53
N SER A 136 5.94 -9.25 38.21
CA SER A 136 7.35 -9.62 38.27
C SER A 136 8.20 -8.63 37.47
N TYR A 137 7.62 -8.06 36.42
CA TYR A 137 8.27 -6.99 35.68
C TYR A 137 9.02 -6.02 36.56
N TYR A 138 8.36 -5.49 37.60
CA TYR A 138 9.00 -4.47 38.40
C TYR A 138 10.09 -5.04 39.28
N SER A 139 9.96 -6.30 39.71
CA SER A 139 11.02 -6.94 40.47
C SER A 139 12.29 -7.07 39.64
N LEU A 140 12.16 -7.02 38.32
CA LEU A 140 13.32 -7.06 37.45
C LEU A 140 14.20 -5.84 37.70
N ASP A 141 15.50 -6.03 37.55
CA ASP A 141 16.45 -4.93 37.55
C ASP A 141 16.74 -4.51 36.11
N ILE A 142 17.28 -3.30 35.96
CA ILE A 142 17.71 -2.84 34.66
C ILE A 142 18.76 -3.75 34.04
N GLU A 143 19.32 -4.68 34.84
CA GLU A 143 20.29 -5.64 34.31
C GLU A 143 19.71 -6.46 33.16
N ASN A 144 18.39 -6.61 33.12
CA ASN A 144 17.74 -7.29 31.99
C ASN A 144 16.56 -6.52 31.41
N LYS A 145 15.93 -5.63 32.17
CA LYS A 145 14.87 -4.80 31.60
C LYS A 145 15.40 -3.85 30.54
N LYS A 146 16.70 -3.53 30.58
CA LYS A 146 17.30 -2.75 29.51
C LYS A 146 17.17 -3.45 28.16
N GLY A 147 16.98 -4.77 28.17
CA GLY A 147 16.74 -5.52 26.95
C GLY A 147 15.36 -6.14 26.96
N ASP A 148 14.85 -6.50 25.79
CA ASP A 148 13.52 -7.11 25.72
C ASP A 148 13.52 -8.43 26.47
N VAL A 149 12.44 -8.70 27.19
CA VAL A 149 12.34 -9.84 28.09
C VAL A 149 10.94 -10.44 27.98
N CYS A 150 10.73 -11.51 28.74
CA CYS A 150 9.45 -12.23 28.77
C CYS A 150 9.21 -12.70 30.20
N ILE A 151 8.30 -12.04 30.89
CA ILE A 151 7.82 -12.54 32.17
C ILE A 151 6.97 -13.78 31.89
N LEU A 152 7.39 -14.92 32.44
CA LEU A 152 6.80 -16.22 32.09
C LEU A 152 6.41 -16.89 33.40
N ASP A 153 5.18 -16.66 33.84
CA ASP A 153 4.70 -17.23 35.09
C ASP A 153 4.05 -18.57 34.79
N LEU A 154 4.74 -19.65 35.14
CA LEU A 154 4.17 -20.98 35.09
C LEU A 154 3.41 -21.21 36.39
N GLY A 155 2.10 -20.96 36.36
CA GLY A 155 1.25 -21.34 37.46
C GLY A 155 0.69 -22.71 37.19
N SER A 156 0.19 -23.36 38.24
CA SER A 156 -0.13 -24.78 38.13
C SER A 156 -1.20 -25.05 37.08
N ARG A 157 -2.26 -24.24 37.03
CA ARG A 157 -3.25 -24.37 35.95
C ARG A 157 -2.93 -23.52 34.73
N THR A 158 -1.91 -22.66 34.79
CA THR A 158 -1.81 -21.59 33.82
C THR A 158 -0.35 -21.36 33.41
N ILE A 159 -0.19 -20.74 32.25
CA ILE A 159 1.04 -20.06 31.89
C ILE A 159 0.66 -18.66 31.45
N ASN A 160 1.12 -17.67 32.18
CA ASN A 160 0.91 -16.27 31.86
C ASN A 160 2.19 -15.71 31.25
N ILE A 161 2.05 -15.00 30.13
CA ILE A 161 3.17 -14.58 29.31
C ILE A 161 3.04 -13.10 29.08
N CYS A 162 4.07 -12.34 29.46
CA CYS A 162 4.12 -10.91 29.20
C CYS A 162 5.42 -10.63 28.47
N VAL A 163 5.33 -10.33 27.18
CA VAL A 163 6.48 -10.07 26.34
C VAL A 163 6.71 -8.57 26.33
N LEU A 164 7.88 -8.14 26.81
CA LEU A 164 8.13 -6.74 27.10
C LEU A 164 9.35 -6.23 26.35
N GLU A 165 9.29 -4.97 25.93
CA GLU A 165 10.43 -4.22 25.45
C GLU A 165 11.03 -3.44 26.63
N ASN A 166 11.93 -2.52 26.33
CA ASN A 166 12.48 -1.66 27.38
C ASN A 166 11.38 -0.76 27.92
N ALA A 167 11.00 -0.99 29.18
CA ALA A 167 10.06 -0.11 29.90
C ALA A 167 8.67 -0.13 29.27
N LYS A 168 8.25 -1.25 28.68
CA LYS A 168 6.91 -1.32 28.12
C LYS A 168 6.61 -2.75 27.67
N ILE A 169 5.32 -3.08 27.67
CA ILE A 169 4.86 -4.37 27.15
C ILE A 169 4.90 -4.35 25.63
N VAL A 170 5.10 -5.53 25.05
CA VAL A 170 5.03 -5.74 23.61
C VAL A 170 3.86 -6.63 23.24
N LYS A 171 3.60 -7.66 24.04
CA LYS A 171 2.47 -8.56 23.81
C LYS A 171 2.16 -9.26 25.12
N THR A 172 1.02 -9.95 25.14
CA THR A 172 0.64 -10.74 26.30
C THR A 172 -0.16 -11.95 25.85
N ASN A 173 -0.16 -12.97 26.69
CA ASN A 173 -0.89 -14.20 26.44
C ASN A 173 -1.10 -14.92 27.76
N THR A 174 -2.02 -15.87 27.77
CA THR A 174 -2.22 -16.73 28.93
C THR A 174 -3.01 -17.94 28.50
N ILE A 175 -2.46 -19.12 28.77
CA ILE A 175 -3.12 -20.38 28.44
C ILE A 175 -3.27 -21.20 29.71
N LYS A 176 -4.49 -21.66 29.96
CA LYS A 176 -4.77 -22.44 31.18
C LYS A 176 -4.13 -23.82 31.00
N LEU A 177 -2.84 -23.88 31.26
CA LEU A 177 -2.07 -25.10 31.17
C LEU A 177 -1.00 -25.06 32.25
N GLY A 178 -0.58 -26.25 32.70
CA GLY A 178 0.46 -26.32 33.71
C GLY A 178 0.53 -27.71 34.29
N SER A 179 1.12 -27.78 35.48
CA SER A 179 1.42 -29.08 36.08
C SER A 179 0.16 -29.91 36.31
N PHE A 180 -1.02 -29.27 36.33
CA PHE A 180 -2.23 -30.08 36.53
C PHE A 180 -2.54 -30.90 35.30
N ASP A 181 -2.42 -30.31 34.12
CA ASP A 181 -2.67 -31.08 32.91
C ASP A 181 -1.67 -32.21 32.80
N PHE A 182 -0.44 -32.01 33.29
CA PHE A 182 0.50 -33.12 33.36
C PHE A 182 0.03 -34.19 34.34
N TYR A 183 -0.43 -33.77 35.53
CA TYR A 183 -0.95 -34.73 36.49
C TYR A 183 -2.12 -35.51 35.91
N SER A 184 -2.99 -34.83 35.18
CA SER A 184 -4.18 -35.46 34.62
C SER A 184 -3.81 -36.39 33.48
N LYS A 185 -2.86 -35.99 32.64
CA LYS A 185 -2.40 -36.87 31.58
C LYS A 185 -1.74 -38.11 32.15
N ILE A 186 -0.98 -37.94 33.23
CA ILE A 186 -0.33 -39.07 33.90
C ILE A 186 -1.38 -39.96 34.54
N LYS A 187 -2.42 -39.36 35.11
CA LYS A 187 -3.47 -40.11 35.79
C LYS A 187 -4.38 -40.82 34.78
N SER A 188 -4.44 -40.32 33.54
CA SER A 188 -5.28 -40.93 32.53
C SER A 188 -4.95 -42.40 32.33
N LEU A 189 -3.72 -42.80 32.65
CA LEU A 189 -3.26 -44.17 32.52
C LEU A 189 -2.71 -44.75 33.82
N GLU A 190 -2.07 -43.94 34.66
CA GLU A 190 -1.60 -44.44 35.95
C GLU A 190 -2.75 -44.74 36.88
N ASN A 191 -3.81 -43.92 36.86
CA ASN A 191 -5.02 -44.28 37.59
C ASN A 191 -5.76 -45.41 36.89
N ALA A 192 -5.57 -45.56 35.58
CA ALA A 192 -6.13 -46.69 34.86
C ALA A 192 -5.47 -48.00 35.27
N LYS A 193 -4.38 -47.95 36.02
CA LYS A 193 -3.82 -49.16 36.61
C LYS A 193 -4.87 -49.94 37.37
N GLY A 194 -5.84 -49.24 37.96
CA GLY A 194 -6.74 -49.82 38.93
C GLY A 194 -6.42 -49.25 40.29
N GLU A 195 -5.93 -48.01 40.29
CA GLU A 195 -5.45 -47.34 41.49
C GLU A 195 -6.27 -46.09 41.75
N ASP A 196 -6.51 -45.79 43.03
CA ASP A 196 -7.36 -44.67 43.43
C ASP A 196 -6.47 -43.50 43.82
N TYR A 197 -6.05 -42.74 42.80
CA TYR A 197 -5.26 -41.53 43.01
C TYR A 197 -5.63 -40.50 41.96
N ILE A 198 -5.37 -39.24 42.28
CA ILE A 198 -5.85 -38.11 41.50
C ILE A 198 -4.75 -37.05 41.41
N GLU A 199 -4.98 -36.06 40.55
CA GLU A 199 -4.05 -34.95 40.40
C GLU A 199 -3.96 -34.11 41.67
N GLU A 200 -4.97 -34.16 42.53
CA GLU A 200 -4.95 -33.37 43.75
C GLU A 200 -3.96 -33.92 44.77
N ASP A 201 -3.95 -35.23 44.97
CA ASP A 201 -3.03 -35.85 45.93
C ASP A 201 -1.74 -36.33 45.29
N ILE A 202 -1.62 -36.28 43.97
CA ILE A 202 -0.47 -36.86 43.29
C ILE A 202 0.82 -36.23 43.79
N GLN A 203 0.88 -34.90 43.80
CA GLN A 203 2.13 -34.22 44.14
C GLN A 203 2.65 -34.63 45.51
N ARG A 204 1.75 -34.89 46.47
CA ARG A 204 2.20 -35.39 47.76
C ARG A 204 2.86 -36.75 47.61
N LEU A 205 2.25 -37.65 46.84
CA LEU A 205 2.77 -39.01 46.72
C LEU A 205 4.12 -39.03 46.00
N ILE A 206 4.37 -38.06 45.12
CA ILE A 206 5.72 -37.94 44.58
C ILE A 206 6.65 -37.24 45.57
N ASP A 207 6.11 -36.36 46.41
CA ASP A 207 6.94 -35.73 47.43
C ASP A 207 7.48 -36.76 48.41
N ASN A 208 6.63 -37.68 48.87
CA ASN A 208 7.07 -38.77 49.71
C ASN A 208 7.63 -39.94 48.89
N GLY A 209 7.45 -39.93 47.58
CA GLY A 209 7.95 -40.98 46.73
C GLY A 209 7.15 -42.25 46.74
N LEU A 210 5.97 -42.25 47.36
CA LEU A 210 5.13 -43.44 47.33
C LEU A 210 4.84 -43.86 45.89
N ILE A 211 4.73 -42.89 44.98
CA ILE A 211 4.70 -43.14 43.55
C ILE A 211 5.59 -42.10 42.89
N LYS A 212 6.15 -42.46 41.74
CA LYS A 212 7.07 -41.58 41.03
C LYS A 212 6.71 -41.54 39.55
N VAL A 213 7.28 -40.56 38.85
CA VAL A 213 6.93 -40.26 37.48
C VAL A 213 8.21 -40.06 36.68
N ASP A 214 8.22 -40.53 35.44
CA ASP A 214 9.41 -40.45 34.61
C ASP A 214 9.72 -39.00 34.25
N SER A 215 11.02 -38.68 34.21
CA SER A 215 11.45 -37.33 33.85
C SER A 215 11.09 -37.00 32.41
N LYS A 216 11.22 -37.98 31.50
CA LYS A 216 10.94 -37.69 30.11
C LYS A 216 9.51 -37.23 29.89
N GLN A 217 8.60 -37.54 30.81
CA GLN A 217 7.24 -37.00 30.71
C GLN A 217 7.23 -35.52 31.10
N TYR A 218 8.02 -35.13 32.09
CA TYR A 218 8.26 -33.71 32.32
C TYR A 218 8.77 -33.04 31.05
N ILE A 219 9.68 -33.71 30.35
CA ILE A 219 10.23 -33.16 29.11
C ILE A 219 9.16 -33.09 28.04
N GLU A 220 8.26 -34.06 28.00
CA GLU A 220 7.15 -34.01 27.06
C GLU A 220 6.27 -32.79 27.32
N PHE A 221 5.96 -32.53 28.59
CA PHE A 221 5.18 -31.34 28.93
C PHE A 221 5.93 -30.07 28.51
N LEU A 222 7.24 -30.03 28.77
CA LEU A 222 8.03 -28.87 28.36
C LEU A 222 7.97 -28.66 26.86
N SER A 223 8.12 -29.74 26.10
CA SER A 223 8.06 -29.64 24.64
C SER A 223 6.69 -29.18 24.19
N ASP A 224 5.63 -29.68 24.82
CA ASP A 224 4.28 -29.28 24.44
C ASP A 224 4.08 -27.79 24.67
N ILE A 225 4.49 -27.28 25.82
CA ILE A 225 4.31 -25.86 26.10
C ILE A 225 5.16 -25.03 25.16
N LEU A 226 6.38 -25.48 24.86
CA LEU A 226 7.23 -24.74 23.93
C LEU A 226 6.60 -24.69 22.55
N ASN A 227 6.02 -25.80 22.09
CA ASN A 227 5.32 -25.80 20.81
C ASN A 227 4.13 -24.87 20.85
N ALA A 228 3.44 -24.81 21.99
CA ALA A 228 2.27 -23.94 22.12
C ALA A 228 2.67 -22.47 22.01
N VAL A 229 3.80 -22.09 22.61
CA VAL A 229 4.17 -20.67 22.67
C VAL A 229 4.82 -20.18 21.38
N LYS A 230 5.27 -21.07 20.50
CA LYS A 230 6.04 -20.66 19.34
C LYS A 230 5.35 -19.59 18.49
N PRO A 231 4.06 -19.70 18.16
CA PRO A 231 3.47 -18.70 17.26
C PRO A 231 3.60 -17.28 17.75
N TYR A 232 3.51 -17.06 19.06
CA TYR A 232 3.55 -15.70 19.59
C TYR A 232 4.98 -15.19 19.73
N VAL A 233 5.86 -15.98 20.34
CA VAL A 233 7.14 -15.50 20.84
C VAL A 233 8.26 -16.38 20.32
N ASN A 234 9.40 -15.77 20.00
CA ASN A 234 10.65 -16.48 19.81
C ASN A 234 11.37 -16.49 21.15
N LEU A 235 11.37 -17.65 21.82
CA LEU A 235 11.88 -17.71 23.19
C LEU A 235 13.34 -17.30 23.27
N LYS A 236 14.11 -17.56 22.21
CA LYS A 236 15.49 -17.10 22.20
C LYS A 236 15.56 -15.59 22.32
N THR A 237 14.68 -14.89 21.59
CA THR A 237 14.43 -13.49 21.85
C THR A 237 13.64 -13.34 23.15
N TYR A 238 13.64 -12.13 23.69
CA TYR A 238 12.85 -11.82 24.89
C TYR A 238 13.29 -12.71 26.05
N ASN A 239 14.52 -12.46 26.51
CA ASN A 239 15.10 -13.22 27.61
C ASN A 239 14.03 -13.53 28.66
N THR A 240 13.87 -14.82 28.95
CA THR A 240 12.70 -15.31 29.65
C THR A 240 12.99 -15.47 31.13
N ILE A 241 12.15 -14.86 31.96
CA ILE A 241 12.24 -14.97 33.41
C ILE A 241 11.09 -15.84 33.88
N PHE A 242 11.41 -17.03 34.38
CA PHE A 242 10.39 -17.97 34.83
C PHE A 242 9.99 -17.64 36.26
N THR A 243 8.68 -17.56 36.50
CA THR A 243 8.12 -17.24 37.80
C THR A 243 7.01 -18.23 38.11
N GLY A 244 6.53 -18.21 39.34
CA GLY A 244 5.51 -19.13 39.79
C GLY A 244 6.10 -20.44 40.30
N GLY A 245 5.23 -21.23 40.93
CA GLY A 245 5.67 -22.47 41.54
C GLY A 245 5.86 -23.61 40.55
N THR A 246 5.14 -23.59 39.44
CA THR A 246 5.31 -24.65 38.44
C THR A 246 6.67 -24.56 37.76
N SER A 247 7.28 -23.37 37.74
CA SER A 247 8.66 -23.27 37.29
C SER A 247 9.59 -24.10 38.17
N LEU A 248 9.20 -24.31 39.43
CA LEU A 248 9.98 -25.14 40.34
C LEU A 248 9.73 -26.63 40.14
N MET A 249 8.70 -27.00 39.40
CA MET A 249 8.61 -28.37 38.89
C MET A 249 9.83 -28.73 38.07
N LEU A 250 10.27 -27.79 37.23
CA LEU A 250 11.09 -28.13 36.09
C LEU A 250 12.39 -27.35 35.99
N LYS A 251 12.72 -26.47 36.94
CA LYS A 251 13.97 -25.74 36.88
C LYS A 251 15.12 -26.62 36.41
N GLU A 252 15.15 -27.88 36.86
CA GLU A 252 16.24 -28.79 36.53
C GLU A 252 16.35 -29.03 35.03
N TYR A 253 15.23 -29.03 34.33
CA TYR A 253 15.21 -29.22 32.88
C TYR A 253 15.15 -27.91 32.12
N ILE A 254 14.58 -26.88 32.73
CA ILE A 254 14.56 -25.54 32.16
C ILE A 254 15.98 -25.04 31.96
N GLU A 255 16.84 -25.24 32.97
CA GLU A 255 18.25 -24.91 32.81
C GLU A 255 18.91 -25.67 31.67
N LYS A 256 18.35 -26.82 31.28
CA LYS A 256 18.89 -27.63 30.22
C LYS A 256 18.39 -27.21 28.84
N LEU A 257 17.51 -26.22 28.77
CA LEU A 257 16.92 -25.85 27.50
C LEU A 257 17.99 -25.26 26.57
N PRO A 258 17.80 -25.36 25.25
CA PRO A 258 18.78 -24.81 24.31
C PRO A 258 18.69 -23.30 24.14
N LEU A 259 17.95 -22.61 25.00
CA LEU A 259 17.71 -21.19 24.82
C LEU A 259 18.97 -20.39 25.13
N ASN A 260 19.03 -19.19 24.55
CA ASN A 260 20.22 -18.35 24.67
C ASN A 260 20.22 -17.57 25.98
N LYS A 261 19.09 -16.96 26.34
CA LYS A 261 19.02 -16.09 27.51
C LYS A 261 17.73 -16.42 28.25
N PHE A 262 17.87 -16.92 29.48
CA PHE A 262 16.73 -17.26 30.32
C PHE A 262 17.24 -17.51 31.72
N LYS A 263 16.31 -17.57 32.67
CA LYS A 263 16.65 -17.84 34.06
C LYS A 263 15.37 -18.09 34.85
N VAL A 264 15.43 -19.05 35.77
CA VAL A 264 14.38 -19.23 36.77
C VAL A 264 14.68 -18.27 37.91
N HIS A 265 13.80 -17.29 38.09
CA HIS A 265 14.07 -16.23 39.06
C HIS A 265 14.21 -16.84 40.46
N PRO A 266 15.22 -16.43 41.23
CA PRO A 266 15.27 -16.87 42.63
C PRO A 266 13.99 -16.48 43.33
N ASN A 267 13.44 -17.43 44.10
CA ASN A 267 12.09 -17.29 44.67
C ASN A 267 11.07 -17.01 43.57
N ALA A 268 11.28 -17.60 42.40
CA ALA A 268 10.44 -17.42 41.22
C ALA A 268 8.96 -17.36 41.59
N LEU A 269 8.55 -18.19 42.55
CA LEU A 269 7.15 -18.21 42.95
C LEU A 269 6.70 -16.86 43.50
N THR A 270 7.58 -16.16 44.21
CA THR A 270 7.23 -14.92 44.91
C THR A 270 7.72 -13.66 44.20
N SER A 271 8.33 -13.79 43.01
CA SER A 271 8.91 -12.63 42.34
C SER A 271 7.83 -11.62 41.95
N ASN A 272 6.67 -12.11 41.49
CA ASN A 272 5.64 -11.22 40.97
C ASN A 272 5.20 -10.22 42.02
N VAL A 273 5.00 -10.67 43.26
CA VAL A 273 4.68 -9.76 44.34
C VAL A 273 5.86 -8.83 44.61
N ASP A 274 7.09 -9.35 44.49
CA ASP A 274 8.26 -8.51 44.71
C ASP A 274 8.28 -7.31 43.76
N GLY A 275 7.71 -7.46 42.57
CA GLY A 275 7.61 -6.33 41.66
C GLY A 275 6.35 -5.50 41.87
N ALA A 276 5.25 -6.20 42.15
CA ALA A 276 4.03 -5.53 42.56
C ALA A 276 4.32 -4.52 43.66
N MET A 277 5.37 -4.75 44.44
CA MET A 277 5.78 -3.78 45.47
C MET A 277 6.50 -2.56 44.92
N GLU A 278 7.36 -2.71 43.91
CA GLU A 278 7.84 -1.51 43.23
C GLU A 278 6.65 -0.66 42.80
N ALA A 279 5.64 -1.32 42.21
CA ALA A 279 4.44 -0.61 41.79
C ALA A 279 3.71 0.02 42.98
N SER A 280 3.63 -0.72 44.09
CA SER A 280 2.95 -0.23 45.29
C SER A 280 3.57 1.08 45.75
N LYS A 281 4.91 1.12 45.81
CA LYS A 281 5.57 2.36 46.19
C LYS A 281 5.31 3.45 45.17
N LYS A 282 5.37 3.09 43.89
CA LYS A 282 5.17 4.10 42.85
C LYS A 282 3.79 4.74 42.94
N VAL A 283 2.82 4.05 43.54
CA VAL A 283 1.55 4.72 43.84
C VAL A 283 1.65 5.48 45.16
N TRP A 284 1.87 4.76 46.26
CA TRP A 284 1.86 5.39 47.58
C TRP A 284 3.04 6.31 47.82
N ASN A 285 4.13 6.16 47.08
CA ASN A 285 5.34 6.94 47.33
C ASN A 285 5.98 7.38 46.02
N MET B 1 -12.51 -43.61 -3.74
CA MET B 1 -14.00 -43.59 -3.67
C MET B 1 -14.52 -42.28 -3.07
N LYS B 2 -14.41 -42.19 -1.74
CA LYS B 2 -15.26 -41.29 -0.98
C LYS B 2 -14.66 -39.90 -0.88
N ILE B 3 -15.53 -38.90 -0.91
CA ILE B 3 -15.14 -37.49 -0.85
C ILE B 3 -15.87 -36.84 0.30
N THR B 4 -15.22 -35.85 0.91
CA THR B 4 -15.80 -35.11 2.03
C THR B 4 -15.32 -33.67 1.97
N VAL B 5 -16.22 -32.74 2.31
CA VAL B 5 -15.85 -31.35 2.56
C VAL B 5 -16.23 -31.01 3.99
N VAL B 6 -15.26 -30.50 4.74
CA VAL B 6 -15.50 -29.94 6.06
C VAL B 6 -15.12 -28.47 6.01
N ASP B 7 -16.10 -27.61 6.23
CA ASP B 7 -15.91 -26.17 6.25
C ASP B 7 -16.02 -25.66 7.67
N LEU B 8 -15.04 -24.88 8.10
CA LEU B 8 -14.94 -24.50 9.51
C LEU B 8 -15.74 -23.26 9.86
N GLY B 9 -16.19 -22.48 8.87
CA GLY B 9 -17.16 -21.43 9.09
C GLY B 9 -16.79 -20.40 10.14
N ASN B 10 -17.72 -19.49 10.43
CA ASN B 10 -17.56 -18.48 11.46
C ASN B 10 -18.22 -18.88 12.77
N ILE B 11 -19.52 -19.19 12.72
CA ILE B 11 -20.27 -19.58 13.92
C ILE B 11 -20.44 -21.09 14.02
N ASN B 12 -20.45 -21.80 12.89
CA ASN B 12 -20.72 -23.21 12.84
C ASN B 12 -19.59 -23.90 12.09
N VAL B 13 -19.54 -25.21 12.26
CA VAL B 13 -18.70 -26.06 11.45
C VAL B 13 -19.62 -26.97 10.65
N LYS B 14 -19.09 -27.51 9.55
CA LYS B 14 -19.86 -27.90 8.40
C LYS B 14 -19.28 -29.19 7.85
N TYR B 15 -20.11 -30.21 7.68
CA TYR B 15 -19.64 -31.51 7.24
C TYR B 15 -20.52 -32.01 6.11
N VAL B 16 -19.89 -32.56 5.07
CA VAL B 16 -20.60 -33.22 3.98
C VAL B 16 -19.76 -34.38 3.48
N GLY B 17 -20.39 -35.53 3.34
CA GLY B 17 -19.71 -36.80 3.09
C GLY B 17 -20.72 -37.90 2.96
N GLU B 18 -20.51 -39.00 3.70
CA GLU B 18 -21.58 -40.00 3.82
C GLU B 18 -22.83 -39.38 4.43
N ASN B 19 -22.69 -38.26 5.14
CA ASN B 19 -23.81 -37.53 5.72
C ASN B 19 -23.53 -36.04 5.58
N LYS B 20 -24.59 -35.24 5.69
CA LYS B 20 -24.50 -33.80 5.50
C LYS B 20 -25.08 -33.08 6.71
N GLY B 21 -24.53 -31.91 7.00
CA GLY B 21 -25.09 -31.05 8.03
C GLY B 21 -24.05 -30.12 8.59
N ARG B 22 -24.36 -29.56 9.75
CA ARG B 22 -23.50 -28.61 10.43
C ARG B 22 -23.86 -28.61 11.92
N PHE B 23 -23.11 -27.84 12.68
CA PHE B 23 -23.41 -27.65 14.10
C PHE B 23 -22.62 -26.46 14.60
N SER B 24 -22.91 -26.06 15.84
CA SER B 24 -22.31 -24.85 16.39
C SER B 24 -20.79 -25.00 16.52
N SER B 25 -20.10 -23.88 16.41
CA SER B 25 -18.66 -23.83 16.58
C SER B 25 -18.24 -23.67 18.04
N LYS B 26 -19.19 -23.58 18.96
CA LYS B 26 -18.87 -23.40 20.36
C LYS B 26 -18.08 -24.60 20.89
N ILE B 27 -17.10 -24.33 21.75
CA ILE B 27 -16.23 -25.36 22.33
C ILE B 27 -16.16 -25.20 23.84
N THR B 28 -16.31 -26.31 24.54
CA THR B 28 -15.96 -26.39 25.96
C THR B 28 -15.00 -27.55 26.17
N ASN B 29 -13.84 -27.23 26.74
CA ASN B 29 -13.04 -28.21 27.47
C ASN B 29 -12.93 -27.76 28.92
N ASP B 30 -13.71 -26.76 29.31
CA ASP B 30 -13.79 -26.23 30.66
C ASP B 30 -14.69 -27.19 31.46
N TYR B 31 -15.20 -26.78 32.63
CA TYR B 31 -15.87 -27.78 33.46
C TYR B 31 -16.79 -28.71 32.71
N GLN B 32 -16.85 -29.92 33.21
CA GLN B 32 -17.66 -30.95 32.61
C GLN B 32 -18.01 -31.95 33.70
N SER B 33 -19.31 -32.14 33.91
CA SER B 33 -19.78 -33.12 34.88
C SER B 33 -20.58 -34.24 34.21
N TYR B 34 -21.62 -33.91 33.46
CA TYR B 34 -22.55 -34.91 32.94
C TYR B 34 -22.08 -35.36 31.56
N GLU B 35 -21.08 -36.25 31.58
CA GLU B 35 -20.51 -36.76 30.33
C GLU B 35 -21.59 -37.27 29.39
N GLU B 36 -22.60 -37.94 29.95
CA GLU B 36 -23.58 -38.65 29.13
C GLU B 36 -24.51 -37.70 28.39
N GLY B 37 -24.75 -36.51 28.95
CA GLY B 37 -25.69 -35.57 28.35
C GLY B 37 -25.12 -34.66 27.30
N PHE B 38 -23.82 -34.77 26.99
CA PHE B 38 -23.18 -33.90 26.01
C PHE B 38 -22.35 -34.73 25.06
N GLN B 39 -22.27 -34.27 23.81
CA GLN B 39 -21.33 -34.85 22.87
C GLN B 39 -19.92 -34.62 23.37
N ARG B 40 -19.07 -35.65 23.23
CA ARG B 40 -17.78 -35.64 23.90
C ARG B 40 -16.78 -36.44 23.09
N VAL B 41 -15.53 -35.99 23.11
CA VAL B 41 -14.45 -36.69 22.41
C VAL B 41 -13.13 -36.36 23.08
N GLU B 42 -12.29 -37.38 23.23
CA GLU B 42 -10.96 -37.23 23.81
C GLU B 42 -9.93 -37.75 22.81
N TYR B 43 -8.87 -36.97 22.60
CA TYR B 43 -7.81 -37.33 21.67
C TYR B 43 -6.52 -36.65 22.08
N ASN B 44 -5.45 -37.44 22.20
CA ASN B 44 -4.11 -36.94 22.50
C ASN B 44 -4.10 -36.04 23.74
N GLY B 45 -4.87 -36.45 24.75
CA GLY B 45 -4.91 -35.72 26.00
C GLY B 45 -5.86 -34.53 26.02
N ILE B 46 -6.54 -34.25 24.91
CA ILE B 46 -7.48 -33.15 24.82
C ILE B 46 -8.88 -33.74 24.91
N LYS B 47 -9.60 -33.42 25.98
CA LYS B 47 -10.98 -33.84 26.16
C LYS B 47 -11.89 -32.63 25.91
N THR B 48 -12.81 -32.76 24.97
CA THR B 48 -13.64 -31.64 24.55
C THR B 48 -15.08 -32.12 24.41
N TYR B 49 -16.00 -31.17 24.54
CA TYR B 49 -17.43 -31.44 24.45
C TYR B 49 -18.03 -30.41 23.50
N ILE B 50 -18.88 -30.89 22.59
CA ILE B 50 -19.07 -30.27 21.29
C ILE B 50 -20.28 -29.35 21.33
N GLY B 51 -20.11 -28.16 20.74
CA GLY B 51 -21.23 -27.25 20.56
C GLY B 51 -21.63 -26.46 21.79
N VAL B 52 -20.70 -26.22 22.71
CA VAL B 52 -21.00 -25.43 23.90
C VAL B 52 -19.69 -25.05 24.59
N GLY B 53 -19.67 -23.87 25.22
CA GLY B 53 -18.50 -23.47 25.99
C GLY B 53 -18.01 -22.06 25.70
N GLU B 54 -16.79 -21.96 25.18
CA GLU B 54 -16.15 -20.69 24.89
C GLU B 54 -15.88 -20.59 23.40
N LEU B 55 -16.12 -19.41 22.83
CA LEU B 55 -15.75 -19.15 21.44
C LEU B 55 -14.92 -17.89 21.30
N SER B 56 -15.24 -16.84 22.06
CA SER B 56 -14.41 -15.64 22.20
C SER B 56 -13.75 -15.06 20.96
N ARG B 57 -14.41 -15.14 19.80
CA ARG B 57 -14.03 -14.37 18.61
C ARG B 57 -12.57 -14.54 18.19
N GLU B 58 -11.91 -15.62 18.60
CA GLU B 58 -10.46 -15.75 18.42
C GLU B 58 -10.09 -16.26 17.03
N PHE B 59 -8.97 -15.74 16.54
CA PHE B 59 -8.29 -16.26 15.38
C PHE B 59 -7.77 -17.66 15.69
N ASN B 60 -7.05 -18.26 14.75
CA ASN B 60 -6.39 -19.53 15.01
C ASN B 60 -7.40 -20.63 15.35
N LYS B 61 -8.61 -20.53 14.79
CA LYS B 61 -9.56 -21.61 14.96
C LYS B 61 -8.98 -22.93 14.46
N ALA B 62 -8.02 -22.85 13.55
CA ALA B 62 -7.34 -24.01 13.01
C ALA B 62 -6.16 -24.45 13.87
N ASP B 63 -6.05 -23.96 15.11
CA ASP B 63 -5.03 -24.46 16.01
C ASP B 63 -5.50 -24.65 17.45
N ARG B 64 -6.64 -24.10 17.86
CA ARG B 64 -7.05 -24.10 19.26
C ARG B 64 -8.11 -25.16 19.50
N ASP B 65 -7.65 -26.40 19.66
CA ASP B 65 -8.46 -27.53 20.10
C ASP B 65 -9.64 -27.82 19.19
N TYR B 66 -9.74 -27.16 18.03
CA TYR B 66 -10.76 -27.51 17.07
C TYR B 66 -10.58 -28.93 16.57
N MET B 67 -9.38 -29.49 16.73
CA MET B 67 -9.10 -30.84 16.23
C MET B 67 -10.24 -31.79 16.56
N ALA B 68 -10.47 -32.00 17.85
CA ALA B 68 -11.59 -32.81 18.29
C ALA B 68 -12.85 -32.44 17.51
N GLN B 69 -13.26 -31.18 17.61
CA GLN B 69 -14.43 -30.71 16.87
C GLN B 69 -14.35 -31.12 15.41
N LEU B 70 -13.26 -30.75 14.74
CA LEU B 70 -13.10 -31.11 13.34
C LEU B 70 -13.33 -32.60 13.14
N LEU B 71 -12.64 -33.42 13.93
CA LEU B 71 -12.84 -34.86 13.86
C LEU B 71 -14.32 -35.20 14.02
N TYR B 72 -14.95 -34.63 15.05
CA TYR B 72 -16.38 -34.83 15.25
C TYR B 72 -17.15 -34.52 13.98
N SER B 73 -16.88 -33.37 13.36
CA SER B 73 -17.60 -33.00 12.15
C SER B 73 -17.41 -34.05 11.07
N LEU B 74 -16.18 -34.55 10.92
CA LEU B 74 -15.95 -35.61 9.96
C LEU B 74 -16.76 -36.85 10.31
N ALA B 75 -16.81 -37.19 11.60
CA ALA B 75 -17.66 -38.29 12.03
C ALA B 75 -19.12 -38.02 11.71
N LYS B 76 -19.52 -36.74 11.72
CA LYS B 76 -20.91 -36.41 11.40
C LYS B 76 -21.23 -36.73 9.95
N ALA B 77 -20.40 -36.25 9.03
CA ALA B 77 -20.60 -36.56 7.61
C ALA B 77 -20.25 -38.00 7.29
N ASN B 78 -19.60 -38.71 8.19
CA ASN B 78 -19.16 -40.08 7.99
C ASN B 78 -19.98 -41.03 8.87
N THR B 79 -19.75 -42.32 8.68
CA THR B 79 -20.35 -43.32 9.55
C THR B 79 -19.58 -43.38 10.87
N ALA B 80 -20.12 -44.13 11.82
CA ALA B 80 -19.52 -44.24 13.14
C ALA B 80 -18.33 -45.19 13.19
N ASP B 81 -18.02 -45.88 12.08
CA ASP B 81 -16.95 -46.85 12.05
C ASP B 81 -16.01 -46.60 10.87
N THR B 82 -15.82 -45.34 10.50
CA THR B 82 -15.00 -45.00 9.34
C THR B 82 -13.51 -45.11 9.68
N LYS B 83 -12.71 -45.44 8.66
CA LYS B 83 -11.27 -45.55 8.80
C LYS B 83 -10.48 -44.86 7.71
N GLU B 84 -11.07 -44.57 6.56
CA GLU B 84 -10.35 -43.95 5.45
C GLU B 84 -11.31 -43.11 4.63
N ILE B 85 -10.95 -41.84 4.40
CA ILE B 85 -11.73 -40.94 3.56
C ILE B 85 -10.78 -39.93 2.93
N ASN B 86 -11.22 -39.38 1.80
CA ASN B 86 -10.47 -38.32 1.13
C ASN B 86 -11.04 -36.97 1.56
N LEU B 87 -10.16 -36.00 1.80
CA LEU B 87 -10.53 -34.78 2.50
C LEU B 87 -10.40 -33.55 1.61
N THR B 88 -11.49 -32.82 1.48
CA THR B 88 -11.46 -31.41 1.08
C THR B 88 -11.78 -30.59 2.32
N LEU B 89 -10.91 -29.64 2.63
CA LEU B 89 -11.12 -28.72 3.72
C LEU B 89 -11.22 -27.30 3.17
N LEU B 90 -11.58 -26.37 4.04
CA LEU B 90 -11.62 -24.97 3.65
C LEU B 90 -11.27 -24.09 4.84
N LEU B 91 -10.70 -22.94 4.54
CA LEU B 91 -10.45 -21.92 5.54
C LEU B 91 -10.79 -20.56 4.96
N PRO B 92 -11.14 -19.59 5.80
CA PRO B 92 -11.37 -18.23 5.27
C PRO B 92 -10.13 -17.75 4.54
N ILE B 93 -10.34 -16.79 3.63
CA ILE B 93 -9.26 -16.37 2.75
C ILE B 93 -8.03 -16.00 3.57
N ILE B 94 -8.16 -14.98 4.42
CA ILE B 94 -7.02 -14.46 5.15
C ILE B 94 -6.33 -15.58 5.93
N GLN B 95 -7.13 -16.38 6.65
CA GLN B 95 -6.53 -17.36 7.54
C GLN B 95 -5.59 -18.32 6.82
N MET B 96 -5.65 -18.38 5.48
CA MET B 96 -4.73 -19.26 4.77
C MET B 96 -3.27 -18.94 5.08
N LYS B 97 -2.98 -17.81 5.71
CA LYS B 97 -1.58 -17.60 6.10
C LYS B 97 -1.07 -18.72 6.98
N ASN B 98 -1.94 -19.64 7.40
CA ASN B 98 -1.59 -20.78 8.22
C ASN B 98 -1.71 -22.13 7.51
N LYS B 99 -1.93 -22.14 6.19
CA LYS B 99 -2.15 -23.41 5.49
C LYS B 99 -1.06 -24.43 5.81
N THR B 100 0.18 -24.12 5.43
CA THR B 100 1.21 -25.12 5.25
C THR B 100 1.23 -26.14 6.39
N ARG B 101 1.53 -25.70 7.61
CA ARG B 101 1.69 -26.63 8.71
C ARG B 101 0.48 -27.55 8.81
N LEU B 102 -0.72 -26.97 8.88
CA LEU B 102 -1.92 -27.76 8.97
C LEU B 102 -1.88 -28.92 7.99
N ILE B 103 -1.67 -28.60 6.71
CA ILE B 103 -1.65 -29.62 5.67
C ILE B 103 -0.71 -30.76 6.05
N GLU B 104 0.57 -30.43 6.28
CA GLU B 104 1.51 -31.51 6.55
C GLU B 104 1.35 -32.06 7.97
N THR B 105 0.67 -31.32 8.85
CA THR B 105 0.35 -31.90 10.14
C THR B 105 -0.84 -32.84 10.04
N LEU B 106 -1.53 -32.88 8.90
CA LEU B 106 -2.67 -33.75 8.69
C LEU B 106 -2.50 -34.71 7.53
N LYS B 107 -1.81 -34.29 6.47
CA LYS B 107 -1.79 -34.98 5.18
C LYS B 107 -1.61 -36.48 5.34
N GLY B 108 -2.58 -37.25 4.85
CA GLY B 108 -2.44 -38.68 4.71
C GLY B 108 -2.07 -39.39 6.01
N GLU B 109 -2.60 -38.91 7.13
CA GLU B 109 -2.28 -39.44 8.44
C GLU B 109 -3.53 -40.02 9.10
N ASN B 110 -3.30 -40.81 10.13
CA ASN B 110 -4.38 -41.39 10.94
C ASN B 110 -4.39 -40.75 12.32
N PHE B 111 -5.59 -40.50 12.82
CA PHE B 111 -5.76 -39.76 14.06
C PHE B 111 -6.81 -40.45 14.92
N LYS B 112 -6.53 -40.50 16.22
CA LYS B 112 -7.35 -41.22 17.19
C LYS B 112 -8.39 -40.29 17.81
N PHE B 113 -9.27 -40.88 18.61
CA PHE B 113 -10.21 -40.13 19.41
C PHE B 113 -11.01 -41.12 20.26
N LYS B 114 -11.82 -40.58 21.17
CA LYS B 114 -12.66 -41.36 22.07
C LYS B 114 -14.14 -41.18 21.79
N PHE B 115 -14.52 -40.32 20.85
CA PHE B 115 -15.83 -39.67 20.85
C PHE B 115 -16.94 -40.56 21.39
N ASN B 116 -17.66 -40.07 22.40
CA ASN B 116 -18.87 -40.71 22.92
C ASN B 116 -18.67 -42.20 23.17
N GLY B 117 -17.42 -42.65 23.30
CA GLY B 117 -17.13 -44.04 23.50
C GLY B 117 -16.96 -44.86 22.23
N ILE B 118 -17.29 -44.31 21.06
CA ILE B 118 -17.03 -45.05 19.83
C ILE B 118 -15.53 -45.24 19.63
N ASP B 119 -14.74 -44.23 20.00
CA ASP B 119 -13.32 -44.39 20.32
C ASP B 119 -12.58 -45.19 19.24
N ARG B 120 -12.51 -44.59 18.05
CA ARG B 120 -11.78 -45.17 16.93
C ARG B 120 -10.83 -44.13 16.34
N GLU B 121 -9.75 -44.61 15.74
CA GLU B 121 -8.84 -43.77 14.97
C GLU B 121 -9.12 -43.95 13.49
N ILE B 122 -8.96 -42.85 12.74
CA ILE B 122 -9.35 -42.81 11.34
C ILE B 122 -8.20 -42.23 10.53
N LYS B 123 -7.89 -42.87 9.41
CA LYS B 123 -6.94 -42.34 8.45
C LYS B 123 -7.64 -41.46 7.44
N ILE B 124 -6.90 -40.53 6.86
CA ILE B 124 -7.40 -39.64 5.83
C ILE B 124 -6.60 -39.88 4.55
N ASN B 125 -7.29 -39.93 3.42
CA ASN B 125 -6.63 -40.28 2.17
C ASN B 125 -5.83 -39.11 1.60
N ASP B 126 -6.34 -37.89 1.71
CA ASP B 126 -5.63 -36.71 1.22
C ASP B 126 -6.41 -35.47 1.61
N LEU B 127 -5.69 -34.38 1.84
CA LEU B 127 -6.28 -33.09 2.16
C LEU B 127 -6.07 -32.12 1.02
N MET B 128 -7.11 -31.34 0.71
CA MET B 128 -7.00 -30.28 -0.29
C MET B 128 -7.92 -29.16 0.17
N VAL B 129 -7.36 -27.95 0.30
CA VAL B 129 -8.01 -26.86 1.02
C VAL B 129 -8.43 -25.78 0.04
N LEU B 130 -9.57 -25.15 0.31
CA LEU B 130 -10.11 -24.06 -0.48
C LEU B 130 -10.39 -22.84 0.40
N PRO B 131 -10.34 -21.64 -0.16
CA PRO B 131 -10.76 -20.45 0.61
C PRO B 131 -12.25 -20.50 0.87
N GLU B 132 -12.62 -20.49 2.15
CA GLU B 132 -14.03 -20.39 2.50
C GLU B 132 -14.62 -19.11 1.93
N GLY B 133 -15.83 -19.22 1.42
CA GLY B 133 -16.46 -18.13 0.68
C GLY B 133 -16.20 -18.20 -0.81
N TYR B 134 -14.95 -18.46 -1.20
CA TYR B 134 -14.63 -18.51 -2.62
C TYR B 134 -15.27 -19.68 -3.32
N ALA B 135 -15.38 -20.83 -2.64
CA ALA B 135 -15.81 -22.05 -3.32
C ALA B 135 -17.21 -21.91 -3.90
N SER B 136 -18.03 -20.98 -3.40
CA SER B 136 -19.35 -20.76 -3.97
C SER B 136 -19.26 -20.53 -5.47
N TYR B 137 -18.14 -19.96 -5.92
CA TYR B 137 -17.85 -19.85 -7.35
C TYR B 137 -18.28 -21.07 -8.15
N TYR B 138 -17.86 -22.26 -7.72
CA TYR B 138 -18.14 -23.44 -8.52
C TYR B 138 -19.61 -23.83 -8.44
N SER B 139 -20.27 -23.56 -7.32
CA SER B 139 -21.70 -23.83 -7.23
C SER B 139 -22.48 -22.97 -8.22
N LEU B 140 -21.88 -21.87 -8.68
CA LEU B 140 -22.53 -21.05 -9.69
C LEU B 140 -22.70 -21.84 -10.98
N ASP B 141 -23.78 -21.55 -11.69
CA ASP B 141 -23.97 -22.06 -13.04
C ASP B 141 -23.48 -21.03 -14.05
N ILE B 142 -23.26 -21.48 -15.28
CA ILE B 142 -22.91 -20.58 -16.37
C ILE B 142 -23.99 -19.54 -16.60
N GLU B 143 -25.17 -19.71 -15.99
CA GLU B 143 -26.23 -18.72 -16.10
C GLU B 143 -25.78 -17.34 -15.62
N ASN B 144 -24.79 -17.28 -14.73
CA ASN B 144 -24.21 -16.02 -14.29
C ASN B 144 -22.69 -15.98 -14.33
N LYS B 145 -22.01 -17.13 -14.28
CA LYS B 145 -20.57 -17.13 -14.43
C LYS B 145 -20.14 -16.68 -15.82
N LYS B 146 -21.02 -16.81 -16.82
CA LYS B 146 -20.74 -16.25 -18.14
C LYS B 146 -20.51 -14.75 -18.09
N GLY B 147 -21.02 -14.09 -17.05
CA GLY B 147 -20.76 -12.68 -16.84
C GLY B 147 -19.99 -12.44 -15.56
N ASP B 148 -19.35 -11.28 -15.44
CA ASP B 148 -18.58 -10.98 -14.25
C ASP B 148 -19.50 -10.95 -13.04
N VAL B 149 -19.01 -11.48 -11.91
CA VAL B 149 -19.82 -11.67 -10.72
C VAL B 149 -18.99 -11.34 -9.50
N CYS B 150 -19.61 -11.45 -8.32
CA CYS B 150 -18.97 -11.18 -7.05
C CYS B 150 -19.51 -12.16 -6.02
N ILE B 151 -18.71 -13.16 -5.67
CA ILE B 151 -19.02 -14.02 -4.54
C ILE B 151 -18.87 -13.19 -3.26
N LEU B 152 -19.96 -13.04 -2.52
CA LEU B 152 -20.02 -12.11 -1.39
C LEU B 152 -20.51 -12.90 -0.18
N ASP B 153 -19.57 -13.48 0.57
CA ASP B 153 -19.90 -14.28 1.74
C ASP B 153 -19.95 -13.36 2.96
N LEU B 154 -21.17 -13.07 3.42
CA LEU B 154 -21.36 -12.36 4.68
C LEU B 154 -21.33 -13.40 5.79
N GLY B 155 -20.15 -13.58 6.39
CA GLY B 155 -20.06 -14.37 7.59
C GLY B 155 -20.19 -13.46 8.80
N SER B 156 -20.50 -14.05 9.95
CA SER B 156 -20.91 -13.25 11.09
C SER B 156 -19.82 -12.27 11.54
N ARG B 157 -18.56 -12.70 11.59
CA ARG B 157 -17.46 -11.77 11.86
C ARG B 157 -16.87 -11.14 10.61
N THR B 158 -17.27 -11.58 9.42
CA THR B 158 -16.47 -11.29 8.24
C THR B 158 -17.37 -10.99 7.05
N ILE B 159 -16.78 -10.30 6.07
CA ILE B 159 -17.30 -10.27 4.71
C ILE B 159 -16.13 -10.64 3.80
N ASN B 160 -16.28 -11.76 3.11
CA ASN B 160 -15.30 -12.22 2.13
C ASN B 160 -15.82 -11.92 0.73
N ILE B 161 -14.96 -11.34 -0.09
CA ILE B 161 -15.35 -10.78 -1.38
C ILE B 161 -14.42 -11.36 -2.43
N CYS B 162 -15.00 -12.00 -3.44
CA CYS B 162 -14.24 -12.52 -4.57
C CYS B 162 -14.87 -11.98 -5.83
N VAL B 163 -14.19 -11.04 -6.47
CA VAL B 163 -14.68 -10.38 -7.67
C VAL B 163 -14.11 -11.13 -8.87
N LEU B 164 -14.99 -11.70 -9.69
CA LEU B 164 -14.59 -12.66 -10.71
C LEU B 164 -15.06 -12.20 -12.10
N GLU B 165 -14.23 -12.51 -13.09
CA GLU B 165 -14.60 -12.41 -14.49
C GLU B 165 -15.10 -13.78 -14.95
N ASN B 166 -15.25 -13.97 -16.25
CA ASN B 166 -15.62 -15.27 -16.78
C ASN B 166 -14.50 -16.26 -16.54
N ALA B 167 -14.75 -17.25 -15.67
CA ALA B 167 -13.83 -18.35 -15.44
C ALA B 167 -12.50 -17.89 -14.82
N LYS B 168 -12.53 -16.83 -14.01
CA LYS B 168 -11.30 -16.39 -13.36
C LYS B 168 -11.62 -15.29 -12.36
N ILE B 169 -10.76 -15.19 -11.34
CA ILE B 169 -10.85 -14.11 -10.37
C ILE B 169 -10.34 -12.80 -10.97
N VAL B 170 -10.89 -11.70 -10.50
CA VAL B 170 -10.42 -10.36 -10.85
C VAL B 170 -9.79 -9.65 -9.67
N LYS B 171 -10.39 -9.82 -8.48
CA LYS B 171 -9.87 -9.22 -7.26
C LYS B 171 -10.43 -9.99 -6.07
N THR B 172 -9.87 -9.73 -4.90
CA THR B 172 -10.37 -10.32 -3.67
C THR B 172 -10.18 -9.36 -2.52
N ASN B 173 -10.99 -9.56 -1.48
CA ASN B 173 -10.93 -8.75 -0.27
C ASN B 173 -11.58 -9.53 0.85
N THR B 174 -11.32 -9.09 2.08
CA THR B 174 -12.00 -9.65 3.23
C THR B 174 -11.83 -8.70 4.40
N ILE B 175 -12.95 -8.29 4.99
CA ILE B 175 -12.93 -7.40 6.14
C ILE B 175 -13.67 -8.06 7.29
N LYS B 176 -13.03 -8.11 8.46
CA LYS B 176 -13.62 -8.76 9.62
C LYS B 176 -14.74 -7.86 10.14
N LEU B 177 -15.89 -7.99 9.49
CA LEU B 177 -17.08 -7.24 9.85
C LEU B 177 -18.29 -8.11 9.58
N GLY B 178 -19.37 -7.88 10.32
CA GLY B 178 -20.58 -8.64 10.12
C GLY B 178 -21.55 -8.41 11.27
N SER B 179 -22.47 -9.37 11.42
CA SER B 179 -23.55 -9.19 12.37
C SER B 179 -23.05 -9.03 13.80
N PHE B 180 -21.81 -9.43 14.09
CA PHE B 180 -21.31 -9.26 15.45
C PHE B 180 -21.04 -7.81 15.75
N ASP B 181 -20.42 -7.09 14.82
CA ASP B 181 -20.20 -5.68 15.04
C ASP B 181 -21.51 -4.93 15.19
N PHE B 182 -22.55 -5.38 14.49
CA PHE B 182 -23.87 -4.83 14.71
C PHE B 182 -24.38 -5.15 16.12
N TYR B 183 -24.22 -6.40 16.55
CA TYR B 183 -24.63 -6.75 17.91
C TYR B 183 -23.89 -5.92 18.94
N SER B 184 -22.60 -5.70 18.71
CA SER B 184 -21.77 -4.96 19.66
C SER B 184 -22.13 -3.48 19.66
N LYS B 185 -22.38 -2.92 18.48
CA LYS B 185 -22.81 -1.53 18.41
C LYS B 185 -24.16 -1.34 19.09
N ILE B 186 -25.06 -2.31 18.92
CA ILE B 186 -26.36 -2.27 19.57
C ILE B 186 -26.21 -2.42 21.07
N LYS B 187 -25.28 -3.28 21.51
CA LYS B 187 -25.06 -3.51 22.92
C LYS B 187 -24.33 -2.35 23.58
N SER B 188 -23.61 -1.55 22.80
CA SER B 188 -22.88 -0.41 23.35
C SER B 188 -23.81 0.53 24.09
N LEU B 189 -25.09 0.52 23.76
CA LEU B 189 -26.10 1.37 24.38
C LEU B 189 -27.27 0.60 24.94
N GLU B 190 -27.67 -0.51 24.31
CA GLU B 190 -28.75 -1.33 24.85
C GLU B 190 -28.31 -2.03 26.14
N ASN B 191 -27.06 -2.50 26.20
CA ASN B 191 -26.53 -3.00 27.46
C ASN B 191 -26.26 -1.87 28.43
N ALA B 192 -26.02 -0.65 27.91
CA ALA B 192 -25.89 0.52 28.76
C ALA B 192 -27.21 0.88 29.45
N LYS B 193 -28.32 0.27 29.02
CA LYS B 193 -29.58 0.42 29.76
C LYS B 193 -29.39 0.11 31.23
N GLY B 194 -28.48 -0.80 31.56
CA GLY B 194 -28.41 -1.39 32.88
C GLY B 194 -28.85 -2.83 32.80
N GLU B 195 -28.62 -3.45 31.65
CA GLU B 195 -29.10 -4.78 31.34
C GLU B 195 -27.91 -5.70 31.07
N ASP B 196 -28.03 -6.95 31.49
CA ASP B 196 -26.93 -7.93 31.38
C ASP B 196 -27.20 -8.81 30.16
N TYR B 197 -26.79 -8.32 29.00
CA TYR B 197 -26.90 -9.06 27.75
C TYR B 197 -25.71 -8.71 26.86
N ILE B 198 -25.41 -9.62 25.93
CA ILE B 198 -24.19 -9.57 25.14
C ILE B 198 -24.50 -9.98 23.70
N GLU B 199 -23.51 -9.77 22.83
CA GLU B 199 -23.66 -10.16 21.43
C GLU B 199 -23.75 -11.68 21.27
N GLU B 200 -23.28 -12.44 22.26
CA GLU B 200 -23.33 -13.90 22.16
C GLU B 200 -24.75 -14.42 22.32
N ASP B 201 -25.49 -13.92 23.31
CA ASP B 201 -26.86 -14.37 23.55
C ASP B 201 -27.90 -13.50 22.86
N ILE B 202 -27.49 -12.39 22.24
CA ILE B 202 -28.46 -11.44 21.70
C ILE B 202 -29.36 -12.13 20.66
N GLN B 203 -28.74 -12.82 19.70
CA GLN B 203 -29.51 -13.39 18.59
C GLN B 203 -30.60 -14.31 19.10
N ARG B 204 -30.37 -15.05 20.18
CA ARG B 204 -31.42 -15.87 20.76
C ARG B 204 -32.58 -15.01 21.24
N LEU B 205 -32.27 -13.92 21.95
CA LEU B 205 -33.32 -13.09 22.52
C LEU B 205 -34.13 -12.39 21.46
N ILE B 206 -33.54 -12.11 20.29
CA ILE B 206 -34.37 -11.64 19.18
C ILE B 206 -35.09 -12.79 18.51
N ASP B 207 -34.53 -14.00 18.54
CA ASP B 207 -35.23 -15.16 17.98
C ASP B 207 -36.52 -15.43 18.74
N ASN B 208 -36.46 -15.40 20.07
CA ASN B 208 -37.66 -15.52 20.89
C ASN B 208 -38.39 -14.19 21.06
N GLY B 209 -37.77 -13.08 20.66
CA GLY B 209 -38.40 -11.78 20.76
C GLY B 209 -38.41 -11.19 22.15
N LEU B 210 -37.69 -11.78 23.10
CA LEU B 210 -37.60 -11.18 24.43
C LEU B 210 -37.07 -9.76 24.35
N ILE B 211 -36.18 -9.48 23.40
CA ILE B 211 -35.77 -8.14 23.04
C ILE B 211 -35.73 -8.06 21.52
N LYS B 212 -35.95 -6.87 20.99
CA LYS B 212 -35.99 -6.65 19.55
C LYS B 212 -35.17 -5.43 19.17
N VAL B 213 -34.88 -5.31 17.88
CA VAL B 213 -33.97 -4.31 17.35
C VAL B 213 -34.61 -3.66 16.14
N ASP B 214 -34.41 -2.35 15.99
CA ASP B 214 -35.02 -1.62 14.89
C ASP B 214 -34.43 -2.04 13.56
N SER B 215 -35.28 -2.10 12.53
CA SER B 215 -34.82 -2.47 11.20
C SER B 215 -33.87 -1.42 10.63
N LYS B 216 -34.14 -0.14 10.89
CA LYS B 216 -33.28 0.90 10.33
C LYS B 216 -31.84 0.75 10.79
N GLN B 217 -31.60 0.09 11.92
CA GLN B 217 -30.22 -0.19 12.32
C GLN B 217 -29.60 -1.27 11.45
N TYR B 218 -30.40 -2.29 11.07
CA TYR B 218 -29.95 -3.20 10.02
C TYR B 218 -29.58 -2.43 8.76
N ILE B 219 -30.39 -1.44 8.41
CA ILE B 219 -30.12 -0.63 7.22
C ILE B 219 -28.86 0.18 7.41
N GLU B 220 -28.61 0.67 8.62
CA GLU B 220 -27.37 1.39 8.91
C GLU B 220 -26.17 0.48 8.68
N PHE B 221 -26.24 -0.76 9.16
CA PHE B 221 -25.14 -1.69 8.93
C PHE B 221 -24.96 -1.95 7.45
N LEU B 222 -26.06 -2.12 6.72
CA LEU B 222 -25.97 -2.33 5.27
C LEU B 222 -25.29 -1.14 4.59
N SER B 223 -25.68 0.07 4.96
CA SER B 223 -25.07 1.26 4.37
C SER B 223 -23.59 1.33 4.71
N ASP B 224 -23.23 0.99 5.95
CA ASP B 224 -21.82 1.03 6.34
C ASP B 224 -21.00 0.06 5.51
N ILE B 225 -21.49 -1.18 5.35
CA ILE B 225 -20.73 -2.15 4.57
C ILE B 225 -20.65 -1.72 3.11
N LEU B 226 -21.74 -1.18 2.58
CA LEU B 226 -21.71 -0.71 1.19
C LEU B 226 -20.71 0.41 1.00
N ASN B 227 -20.65 1.34 1.95
CA ASN B 227 -19.65 2.40 1.90
C ASN B 227 -18.25 1.81 1.98
N ALA B 228 -18.07 0.77 2.80
CA ALA B 228 -16.76 0.15 2.95
C ALA B 228 -16.31 -0.49 1.64
N VAL B 229 -17.23 -1.14 0.92
CA VAL B 229 -16.83 -1.90 -0.27
C VAL B 229 -16.65 -1.02 -1.50
N LYS B 230 -17.14 0.21 -1.49
CA LYS B 230 -17.13 1.05 -2.69
C LYS B 230 -15.76 1.18 -3.33
N PRO B 231 -14.67 1.44 -2.60
CA PRO B 231 -13.38 1.67 -3.28
C PRO B 231 -12.96 0.53 -4.17
N TYR B 232 -13.24 -0.72 -3.77
CA TYR B 232 -12.78 -1.87 -4.54
C TYR B 232 -13.72 -2.16 -5.71
N VAL B 233 -15.02 -2.24 -5.45
CA VAL B 233 -15.96 -2.83 -6.39
C VAL B 233 -17.11 -1.87 -6.64
N ASN B 234 -17.59 -1.86 -7.88
CA ASN B 234 -18.88 -1.26 -8.22
C ASN B 234 -19.94 -2.35 -8.14
N LEU B 235 -20.74 -2.34 -7.07
CA LEU B 235 -21.65 -3.44 -6.81
C LEU B 235 -22.64 -3.64 -7.95
N LYS B 236 -23.00 -2.56 -8.66
CA LYS B 236 -23.87 -2.72 -9.81
C LYS B 236 -23.21 -3.59 -10.86
N THR B 237 -21.91 -3.37 -11.09
CA THR B 237 -21.11 -4.33 -11.82
C THR B 237 -20.86 -5.56 -10.95
N TYR B 238 -20.44 -6.65 -11.59
CA TYR B 238 -20.10 -7.87 -10.87
C TYR B 238 -21.30 -8.38 -10.07
N ASN B 239 -22.30 -8.84 -10.81
CA ASN B 239 -23.53 -9.37 -10.22
C ASN B 239 -23.21 -10.15 -8.96
N THR B 240 -23.82 -9.75 -7.85
CA THR B 240 -23.38 -10.15 -6.53
C THR B 240 -24.21 -11.33 -6.02
N ILE B 241 -23.54 -12.39 -5.62
CA ILE B 241 -24.18 -13.58 -5.06
C ILE B 241 -23.85 -13.59 -3.58
N PHE B 242 -24.88 -13.39 -2.75
CA PHE B 242 -24.69 -13.35 -1.30
C PHE B 242 -24.72 -14.76 -0.74
N THR B 243 -23.72 -15.08 0.08
CA THR B 243 -23.58 -16.38 0.69
C THR B 243 -23.30 -16.20 2.18
N GLY B 244 -23.35 -17.30 2.93
CA GLY B 244 -23.16 -17.26 4.36
C GLY B 244 -24.45 -16.99 5.11
N GLY B 245 -24.38 -17.17 6.43
CA GLY B 245 -25.56 -17.02 7.26
C GLY B 245 -25.93 -15.58 7.56
N THR B 246 -24.96 -14.68 7.57
CA THR B 246 -25.28 -13.28 7.81
C THR B 246 -26.06 -12.66 6.67
N SER B 247 -25.95 -13.23 5.47
CA SER B 247 -26.83 -12.81 4.38
C SER B 247 -28.29 -13.09 4.74
N LEU B 248 -28.53 -14.07 5.60
CA LEU B 248 -29.88 -14.39 6.05
C LEU B 248 -30.36 -13.45 7.15
N MET B 249 -29.46 -12.68 7.77
CA MET B 249 -29.88 -11.55 8.59
C MET B 249 -30.75 -10.60 7.78
N LEU B 250 -30.33 -10.34 6.54
CA LEU B 250 -30.75 -9.14 5.84
C LEU B 250 -31.37 -9.38 4.47
N LYS B 251 -31.51 -10.64 4.03
CA LYS B 251 -32.12 -10.89 2.72
C LYS B 251 -33.31 -9.96 2.46
N GLU B 252 -34.12 -9.71 3.50
CA GLU B 252 -35.31 -8.90 3.35
C GLU B 252 -34.99 -7.48 2.88
N TYR B 253 -33.86 -6.93 3.28
CA TYR B 253 -33.43 -5.61 2.88
C TYR B 253 -32.46 -5.63 1.71
N ILE B 254 -31.72 -6.73 1.58
CA ILE B 254 -30.83 -6.92 0.44
C ILE B 254 -31.65 -6.93 -0.85
N GLU B 255 -32.78 -7.63 -0.85
CA GLU B 255 -33.68 -7.60 -2.00
C GLU B 255 -34.17 -6.20 -2.29
N LYS B 256 -34.17 -5.31 -1.30
CA LYS B 256 -34.62 -3.93 -1.48
C LYS B 256 -33.53 -3.01 -1.99
N LEU B 257 -32.32 -3.50 -2.16
CA LEU B 257 -31.22 -2.64 -2.56
C LEU B 257 -31.45 -2.10 -3.97
N PRO B 258 -30.89 -0.93 -4.28
CA PRO B 258 -31.05 -0.35 -5.62
C PRO B 258 -30.17 -0.99 -6.69
N LEU B 259 -29.55 -2.12 -6.40
CA LEU B 259 -28.58 -2.72 -7.31
C LEU B 259 -29.29 -3.33 -8.52
N ASN B 260 -28.53 -3.45 -9.61
CA ASN B 260 -29.11 -3.91 -10.87
C ASN B 260 -29.18 -5.43 -10.92
N LYS B 261 -28.11 -6.12 -10.52
CA LYS B 261 -28.02 -7.57 -10.64
C LYS B 261 -27.43 -8.12 -9.34
N PHE B 262 -28.23 -8.89 -8.61
CA PHE B 262 -27.78 -9.49 -7.36
C PHE B 262 -28.81 -10.55 -6.96
N LYS B 263 -28.43 -11.37 -5.99
CA LYS B 263 -29.33 -12.40 -5.47
C LYS B 263 -28.71 -13.01 -4.22
N VAL B 264 -29.56 -13.32 -3.25
CA VAL B 264 -29.17 -14.13 -2.11
C VAL B 264 -29.33 -15.58 -2.51
N HIS B 265 -28.21 -16.29 -2.60
CA HIS B 265 -28.25 -17.65 -3.14
C HIS B 265 -29.15 -18.52 -2.27
N PRO B 266 -30.02 -19.33 -2.86
CA PRO B 266 -30.77 -20.30 -2.06
C PRO B 266 -29.81 -21.18 -1.28
N ASN B 267 -30.11 -21.38 0.01
CA ASN B 267 -29.18 -22.00 0.95
C ASN B 267 -27.83 -21.27 0.95
N ALA B 268 -27.90 -19.95 0.79
CA ALA B 268 -26.72 -19.09 0.72
C ALA B 268 -25.65 -19.51 1.71
N LEU B 269 -26.07 -19.94 2.90
CA LEU B 269 -25.11 -20.34 3.93
C LEU B 269 -24.27 -21.53 3.47
N THR B 270 -24.87 -22.46 2.71
CA THR B 270 -24.23 -23.70 2.33
C THR B 270 -23.74 -23.72 0.89
N SER B 271 -23.86 -22.61 0.16
CA SER B 271 -23.50 -22.61 -1.26
C SER B 271 -22.01 -22.84 -1.46
N ASN B 272 -21.19 -22.27 -0.59
CA ASN B 272 -19.74 -22.34 -0.78
C ASN B 272 -19.27 -23.79 -0.82
N VAL B 273 -19.76 -24.62 0.10
CA VAL B 273 -19.43 -26.03 0.05
C VAL B 273 -20.01 -26.67 -1.21
N ASP B 274 -21.19 -26.23 -1.64
CA ASP B 274 -21.79 -26.77 -2.85
C ASP B 274 -20.87 -26.59 -4.05
N GLY B 275 -20.07 -25.54 -4.06
CA GLY B 275 -19.11 -25.34 -5.13
C GLY B 275 -17.77 -26.02 -4.87
N ALA B 276 -17.35 -25.96 -3.60
CA ALA B 276 -16.19 -26.74 -3.17
C ALA B 276 -16.31 -28.18 -3.64
N MET B 277 -17.53 -28.66 -3.82
CA MET B 277 -17.73 -30.01 -4.34
C MET B 277 -17.50 -30.13 -5.85
N GLU B 278 -17.90 -29.15 -6.64
CA GLU B 278 -17.45 -29.16 -8.04
C GLU B 278 -15.93 -29.29 -8.07
N ALA B 279 -15.25 -28.51 -7.22
CA ALA B 279 -13.80 -28.58 -7.14
C ALA B 279 -13.33 -29.97 -6.70
N SER B 280 -14.01 -30.54 -5.70
CA SER B 280 -13.65 -31.85 -5.18
C SER B 280 -13.67 -32.89 -6.29
N LYS B 281 -14.72 -32.89 -7.10
CA LYS B 281 -14.78 -33.81 -8.24
C LYS B 281 -13.66 -33.51 -9.21
N LYS B 282 -13.43 -32.22 -9.49
CA LYS B 282 -12.41 -31.87 -10.47
C LYS B 282 -11.03 -32.37 -10.05
N VAL B 283 -10.82 -32.58 -8.75
CA VAL B 283 -9.58 -33.24 -8.33
C VAL B 283 -9.74 -34.75 -8.41
N TRP B 284 -10.67 -35.32 -7.63
CA TRP B 284 -10.81 -36.77 -7.56
C TRP B 284 -11.37 -37.38 -8.84
N ASN B 285 -12.06 -36.61 -9.67
CA ASN B 285 -12.70 -37.16 -10.85
C ASN B 285 -12.54 -36.23 -12.05
N MET C 1 -5.74 31.50 15.69
CA MET C 1 -4.56 31.35 16.60
C MET C 1 -3.70 30.15 16.22
N LYS C 2 -4.19 28.97 16.60
CA LYS C 2 -3.33 27.81 16.77
C LYS C 2 -3.15 27.05 15.47
N ILE C 3 -1.94 26.52 15.28
CA ILE C 3 -1.59 25.77 14.08
C ILE C 3 -1.06 24.41 14.50
N THR C 4 -1.30 23.42 13.64
CA THR C 4 -0.85 22.06 13.90
C THR C 4 -0.50 21.39 12.58
N VAL C 5 0.56 20.58 12.60
CA VAL C 5 0.87 19.68 11.49
C VAL C 5 0.86 18.26 12.03
N VAL C 6 0.08 17.41 11.38
CA VAL C 6 0.10 15.98 11.64
C VAL C 6 0.55 15.28 10.36
N ASP C 7 1.69 14.60 10.42
CA ASP C 7 2.24 13.87 9.30
C ASP C 7 2.11 12.37 9.57
N LEU C 8 1.56 11.65 8.60
CA LEU C 8 1.19 10.26 8.81
C LEU C 8 2.33 9.28 8.55
N GLY C 9 3.40 9.72 7.89
CA GLY C 9 4.63 8.95 7.81
C GLY C 9 4.48 7.54 7.28
N ASN C 10 5.59 6.79 7.30
CA ASN C 10 5.60 5.39 6.88
C ASN C 10 5.50 4.44 8.08
N ILE C 11 6.40 4.57 9.05
CA ILE C 11 6.39 3.72 10.22
C ILE C 11 5.76 4.40 11.43
N ASN C 12 5.80 5.72 11.50
CA ASN C 12 5.33 6.47 12.63
C ASN C 12 4.33 7.52 12.16
N VAL C 13 3.59 8.05 13.11
CA VAL C 13 2.78 9.21 12.90
C VAL C 13 3.34 10.32 13.78
N LYS C 14 3.01 11.56 13.42
CA LYS C 14 3.82 12.72 13.71
C LYS C 14 2.90 13.87 14.06
N TYR C 15 3.12 14.51 15.21
CA TYR C 15 2.25 15.57 15.67
C TYR C 15 3.08 16.76 16.11
N VAL C 16 2.65 17.96 15.72
CA VAL C 16 3.27 19.19 16.19
C VAL C 16 2.18 20.24 16.31
N GLY C 17 2.17 20.93 17.45
CA GLY C 17 1.09 21.82 17.83
C GLY C 17 1.38 22.45 19.18
N GLU C 18 0.44 22.39 20.10
CA GLU C 18 0.75 22.74 21.48
C GLU C 18 1.86 21.84 22.03
N ASN C 19 2.06 20.67 21.43
CA ASN C 19 3.12 19.75 21.82
C ASN C 19 3.68 19.11 20.55
N LYS C 20 4.89 18.57 20.65
CA LYS C 20 5.59 18.00 19.52
C LYS C 20 6.00 16.56 19.83
N GLY C 21 6.05 15.75 18.78
CA GLY C 21 6.57 14.40 18.92
C GLY C 21 6.00 13.49 17.84
N ARG C 22 6.14 12.19 18.10
CA ARG C 22 5.70 11.16 17.17
C ARG C 22 5.48 9.88 17.95
N PHE C 23 5.01 8.85 17.25
CA PHE C 23 4.87 7.53 17.85
C PHE C 23 4.64 6.52 16.74
N SER C 24 4.66 5.25 17.11
CA SER C 24 4.60 4.18 16.10
C SER C 24 3.26 4.22 15.36
N SER C 25 3.30 3.77 14.10
CA SER C 25 2.10 3.67 13.28
C SER C 25 1.36 2.36 13.47
N LYS C 26 1.85 1.48 14.35
CA LYS C 26 1.21 0.19 14.56
C LYS C 26 -0.19 0.39 15.13
N ILE C 27 -1.13 -0.45 14.69
CA ILE C 27 -2.52 -0.37 15.12
C ILE C 27 -3.01 -1.75 15.54
N THR C 28 -3.69 -1.80 16.69
CA THR C 28 -4.48 -2.95 17.08
C THR C 28 -5.90 -2.49 17.40
N ASN C 29 -6.87 -3.10 16.71
CA ASN C 29 -8.22 -3.18 17.20
C ASN C 29 -8.59 -4.66 17.37
N ASP C 30 -7.59 -5.54 17.28
CA ASP C 30 -7.73 -6.97 17.48
C ASP C 30 -7.75 -7.21 19.00
N TYR C 31 -7.54 -8.44 19.47
CA TYR C 31 -7.77 -8.68 20.89
C TYR C 31 -7.24 -7.61 21.80
N GLN C 32 -7.96 -7.43 22.89
CA GLN C 32 -7.63 -6.42 23.87
C GLN C 32 -8.20 -6.86 25.20
N SER C 33 -7.33 -7.01 26.19
CA SER C 33 -7.77 -7.37 27.53
C SER C 33 -7.46 -6.26 28.53
N TYR C 34 -6.20 -5.83 28.63
CA TYR C 34 -5.78 -4.91 29.70
C TYR C 34 -5.93 -3.48 29.19
N GLU C 35 -7.17 -2.99 29.24
CA GLU C 35 -7.45 -1.63 28.77
C GLU C 35 -6.52 -0.61 29.43
N GLU C 36 -6.24 -0.81 30.71
CA GLU C 36 -5.53 0.22 31.47
C GLU C 36 -4.06 0.33 31.08
N GLY C 37 -3.46 -0.77 30.61
CA GLY C 37 -2.05 -0.78 30.27
C GLY C 37 -1.70 -0.32 28.89
N PHE C 38 -2.68 0.06 28.07
CA PHE C 38 -2.44 0.49 26.70
C PHE C 38 -3.19 1.78 26.41
N GLN C 39 -2.61 2.62 25.57
CA GLN C 39 -3.33 3.77 25.04
C GLN C 39 -4.52 3.28 24.23
N ARG C 40 -5.65 3.96 24.40
CA ARG C 40 -6.91 3.45 23.88
C ARG C 40 -7.83 4.60 23.53
N VAL C 41 -8.62 4.41 22.48
CA VAL C 41 -9.59 5.42 22.05
C VAL C 41 -10.72 4.73 21.29
N GLU C 42 -11.94 5.17 21.56
CA GLU C 42 -13.13 4.66 20.88
C GLU C 42 -13.88 5.83 20.25
N TYR C 43 -14.27 5.66 18.99
CA TYR C 43 -14.97 6.69 18.26
C TYR C 43 -15.81 6.05 17.16
N ASN C 44 -17.10 6.41 17.12
CA ASN C 44 -18.02 5.95 16.07
C ASN C 44 -18.01 4.43 15.93
N GLY C 45 -17.94 3.72 17.06
CA GLY C 45 -17.96 2.29 17.05
C GLY C 45 -16.63 1.62 16.79
N ILE C 46 -15.57 2.39 16.58
CA ILE C 46 -14.23 1.87 16.33
C ILE C 46 -13.44 2.02 17.62
N LYS C 47 -13.06 0.92 18.24
CA LYS C 47 -12.22 0.91 19.42
C LYS C 47 -10.83 0.46 19.02
N THR C 48 -9.82 1.29 19.29
CA THR C 48 -8.46 1.04 18.85
C THR C 48 -7.49 1.34 19.99
N TYR C 49 -6.34 0.70 19.92
CA TYR C 49 -5.29 0.85 20.92
C TYR C 49 -3.98 1.11 20.20
N ILE C 50 -3.24 2.10 20.69
CA ILE C 50 -2.34 2.90 19.88
C ILE C 50 -0.93 2.34 19.96
N GLY C 51 -0.27 2.23 18.80
CA GLY C 51 1.13 1.87 18.76
C GLY C 51 1.43 0.40 18.90
N VAL C 52 0.49 -0.47 18.54
CA VAL C 52 0.72 -1.90 18.63
C VAL C 52 -0.37 -2.63 17.84
N GLY C 53 -0.03 -3.77 17.24
CA GLY C 53 -1.00 -4.59 16.55
C GLY C 53 -0.61 -5.03 15.16
N GLU C 54 -1.37 -4.59 14.16
CA GLU C 54 -1.15 -4.95 12.77
C GLU C 54 -0.81 -3.71 11.96
N LEU C 55 0.15 -3.84 11.07
CA LEU C 55 0.46 -2.76 10.13
C LEU C 55 0.47 -3.24 8.69
N SER C 56 0.99 -4.44 8.43
CA SER C 56 0.87 -5.13 7.15
C SER C 56 1.05 -4.34 5.86
N ARG C 57 1.93 -3.33 5.86
CA ARG C 57 2.40 -2.68 4.64
C ARG C 57 1.30 -2.17 3.72
N GLU C 58 0.08 -1.94 4.25
CA GLU C 58 -1.06 -1.65 3.41
C GLU C 58 -1.15 -0.18 3.02
N PHE C 59 -1.61 0.03 1.79
CA PHE C 59 -2.03 1.32 1.30
C PHE C 59 -3.24 1.80 2.09
N ASN C 60 -3.80 2.95 1.72
CA ASN C 60 -5.05 3.40 2.31
C ASN C 60 -4.91 3.62 3.82
N LYS C 61 -3.70 3.99 4.26
CA LYS C 61 -3.53 4.35 5.67
C LYS C 61 -4.46 5.48 6.05
N ALA C 62 -4.90 6.28 5.07
CA ALA C 62 -5.83 7.36 5.28
C ALA C 62 -7.29 6.90 5.20
N ASP C 63 -7.54 5.59 5.27
CA ASP C 63 -8.92 5.11 5.36
C ASP C 63 -9.13 3.96 6.33
N ARG C 64 -8.07 3.28 6.78
CA ARG C 64 -8.22 2.05 7.56
C ARG C 64 -7.98 2.34 9.04
N ASP C 65 -9.02 2.85 9.70
CA ASP C 65 -9.07 3.01 11.14
C ASP C 65 -7.97 3.89 11.70
N TYR C 66 -7.17 4.53 10.84
CA TYR C 66 -6.19 5.49 11.34
C TYR C 66 -6.87 6.66 12.03
N MET C 67 -8.17 6.87 11.79
CA MET C 67 -8.89 7.99 12.36
C MET C 67 -8.55 8.14 13.84
N ALA C 68 -8.92 7.13 14.63
CA ALA C 68 -8.56 7.11 16.03
C ALA C 68 -7.12 7.54 16.23
N GLN C 69 -6.20 6.79 15.61
CA GLN C 69 -4.78 7.12 15.70
C GLN C 69 -4.55 8.60 15.38
N LEU C 70 -5.02 9.04 14.21
CA LEU C 70 -4.85 10.43 13.83
C LEU C 70 -5.33 11.34 14.94
N LEU C 71 -6.56 11.11 15.42
CA LEU C 71 -7.09 11.91 16.51
C LEU C 71 -6.12 11.88 17.69
N TYR C 72 -5.69 10.67 18.07
CA TYR C 72 -4.71 10.52 19.14
C TYR C 72 -3.51 11.43 18.89
N SER C 73 -2.96 11.38 17.69
CA SER C 73 -1.79 12.20 17.39
C SER C 73 -2.09 13.67 17.60
N LEU C 74 -3.27 14.12 17.16
CA LEU C 74 -3.65 15.50 17.39
C LEU C 74 -3.74 15.78 18.89
N ALA C 75 -4.31 14.85 19.66
CA ALA C 75 -4.32 15.00 21.10
C ALA C 75 -2.90 15.06 21.65
N LYS C 76 -1.95 14.39 21.01
CA LYS C 76 -0.57 14.43 21.49
C LYS C 76 0.02 15.83 21.34
N ALA C 77 -0.09 16.41 20.15
CA ALA C 77 0.39 17.78 19.94
C ALA C 77 -0.49 18.81 20.62
N ASN C 78 -1.67 18.42 21.08
CA ASN C 78 -2.63 19.31 21.71
C ASN C 78 -2.74 19.00 23.19
N THR C 79 -3.50 19.83 23.89
CA THR C 79 -3.81 19.56 25.29
C THR C 79 -4.91 18.51 25.38
N ALA C 80 -5.17 18.04 26.60
CA ALA C 80 -6.13 16.99 26.83
C ALA C 80 -7.58 17.49 26.80
N ASP C 81 -7.79 18.80 26.67
CA ASP C 81 -9.13 19.38 26.70
C ASP C 81 -9.36 20.31 25.51
N THR C 82 -8.75 20.00 24.38
CA THR C 82 -8.86 20.86 23.20
C THR C 82 -10.21 20.69 22.51
N LYS C 83 -10.66 21.76 21.88
CA LYS C 83 -11.93 21.77 21.15
C LYS C 83 -11.86 22.41 19.77
N GLU C 84 -10.85 23.22 19.47
CA GLU C 84 -10.75 23.88 18.18
C GLU C 84 -9.28 24.10 17.85
N ILE C 85 -8.87 23.68 16.65
CA ILE C 85 -7.52 23.90 16.16
C ILE C 85 -7.56 23.98 14.65
N ASN C 86 -6.56 24.65 14.08
CA ASN C 86 -6.39 24.72 12.63
C ASN C 86 -5.42 23.64 12.20
N LEU C 87 -5.73 22.98 11.08
CA LEU C 87 -5.06 21.72 10.70
C LEU C 87 -4.26 21.88 9.42
N THR C 88 -2.97 21.56 9.51
CA THR C 88 -2.17 21.19 8.35
C THR C 88 -1.92 19.69 8.43
N LEU C 89 -2.26 18.98 7.36
CA LEU C 89 -2.00 17.56 7.25
C LEU C 89 -1.03 17.30 6.11
N LEU C 90 -0.58 16.07 6.01
CA LEU C 90 0.28 15.69 4.90
C LEU C 90 0.03 14.24 4.54
N LEU C 91 0.24 13.93 3.26
CA LEU C 91 0.21 12.56 2.79
C LEU C 91 1.35 12.36 1.80
N PRO C 92 1.83 11.12 1.65
CA PRO C 92 2.86 10.87 0.64
C PRO C 92 2.36 11.31 -0.73
N ILE C 93 3.31 11.59 -1.62
CA ILE C 93 2.95 12.18 -2.91
C ILE C 93 1.88 11.35 -3.60
N ILE C 94 2.21 10.09 -3.90
CA ILE C 94 1.29 9.25 -4.68
C ILE C 94 -0.07 9.19 -3.99
N GLN C 95 -0.08 8.94 -2.69
CA GLN C 95 -1.34 8.70 -1.99
C GLN C 95 -2.32 9.86 -2.17
N MET C 96 -1.86 11.04 -2.59
CA MET C 96 -2.80 12.14 -2.80
C MET C 96 -3.89 11.78 -3.78
N LYS C 97 -3.79 10.67 -4.51
CA LYS C 97 -4.93 10.30 -5.34
C LYS C 97 -6.19 10.12 -4.52
N ASN C 98 -6.10 10.21 -3.19
CA ASN C 98 -7.23 10.09 -2.28
C ASN C 98 -7.55 11.38 -1.54
N LYS C 99 -6.95 12.52 -1.91
CA LYS C 99 -7.16 13.75 -1.16
C LYS C 99 -8.64 14.05 -0.96
N THR C 100 -9.34 14.28 -2.07
CA THR C 100 -10.61 14.99 -2.05
C THR C 100 -11.51 14.54 -0.90
N ARG C 101 -11.94 13.28 -0.93
CA ARG C 101 -12.91 12.82 0.05
C ARG C 101 -12.43 13.14 1.47
N LEU C 102 -11.21 12.73 1.80
CA LEU C 102 -10.66 12.99 3.11
C LEU C 102 -10.94 14.43 3.53
N ILE C 103 -10.52 15.37 2.68
CA ILE C 103 -10.68 16.79 3.00
C ILE C 103 -12.12 17.08 3.37
N GLU C 104 -13.06 16.79 2.47
CA GLU C 104 -14.45 17.15 2.77
C GLU C 104 -15.07 16.20 3.79
N THR C 105 -14.46 15.04 4.02
CA THR C 105 -14.92 14.21 5.12
C THR C 105 -14.41 14.71 6.46
N LEU C 106 -13.50 15.69 6.45
CA LEU C 106 -12.95 16.25 7.67
C LEU C 106 -13.16 17.75 7.79
N LYS C 107 -13.14 18.48 6.67
CA LYS C 107 -13.07 19.93 6.66
C LYS C 107 -14.01 20.58 7.66
N GLY C 108 -13.44 21.35 8.59
CA GLY C 108 -14.22 22.19 9.47
C GLY C 108 -15.30 21.47 10.24
N GLU C 109 -15.02 20.23 10.66
CA GLU C 109 -15.98 19.40 11.34
C GLU C 109 -15.48 19.07 12.74
N ASN C 110 -16.41 18.58 13.57
CA ASN C 110 -16.11 18.14 14.92
C ASN C 110 -16.26 16.63 15.02
N PHE C 111 -15.33 16.01 15.74
CA PHE C 111 -15.24 14.56 15.81
C PHE C 111 -15.05 14.13 17.25
N LYS C 112 -15.73 13.04 17.62
CA LYS C 112 -15.75 12.55 18.98
C LYS C 112 -14.67 11.50 19.19
N PHE C 113 -14.54 11.06 20.45
CA PHE C 113 -13.68 9.95 20.79
C PHE C 113 -13.82 9.68 22.29
N LYS C 114 -13.20 8.59 22.74
CA LYS C 114 -13.23 8.18 24.13
C LYS C 114 -11.86 8.25 24.80
N PHE C 115 -10.81 8.60 24.05
CA PHE C 115 -9.44 8.21 24.37
C PHE C 115 -9.16 8.16 25.88
N ASN C 116 -8.69 7.00 26.35
CA ASN C 116 -8.21 6.82 27.72
C ASN C 116 -9.19 7.38 28.75
N GLY C 117 -10.46 7.56 28.37
CA GLY C 117 -11.45 8.11 29.25
C GLY C 117 -11.56 9.63 29.24
N ILE C 118 -10.64 10.33 28.58
CA ILE C 118 -10.79 11.78 28.48
C ILE C 118 -12.02 12.12 27.65
N ASP C 119 -12.28 11.31 26.61
CA ASP C 119 -13.60 11.20 25.99
C ASP C 119 -14.23 12.57 25.70
N ARG C 120 -13.59 13.28 24.78
CA ARG C 120 -14.08 14.57 24.31
C ARG C 120 -14.12 14.58 22.79
N GLU C 121 -15.02 15.41 22.25
CA GLU C 121 -15.07 15.67 20.82
C GLU C 121 -14.45 17.03 20.54
N ILE C 122 -13.77 17.13 19.39
CA ILE C 122 -12.96 18.28 19.05
C ILE C 122 -13.33 18.74 17.64
N LYS C 123 -13.51 20.05 17.48
CA LYS C 123 -13.70 20.64 16.16
C LYS C 123 -12.35 21.03 15.58
N ILE C 124 -12.30 21.09 14.25
CA ILE C 124 -11.10 21.50 13.54
C ILE C 124 -11.43 22.75 12.72
N ASN C 125 -10.52 23.72 12.75
CA ASN C 125 -10.80 25.00 12.12
C ASN C 125 -10.67 24.93 10.59
N ASP C 126 -9.68 24.19 10.08
CA ASP C 126 -9.52 24.05 8.65
C ASP C 126 -8.39 23.04 8.38
N LEU C 127 -8.53 22.31 7.28
CA LEU C 127 -7.51 21.35 6.85
C LEU C 127 -6.82 21.86 5.60
N MET C 128 -5.50 21.68 5.55
CA MET C 128 -4.72 22.00 4.36
C MET C 128 -3.58 20.98 4.29
N VAL C 129 -3.46 20.28 3.16
CA VAL C 129 -2.66 19.07 3.06
C VAL C 129 -1.46 19.35 2.17
N LEU C 130 -0.32 18.75 2.52
CA LEU C 130 0.91 18.85 1.76
C LEU C 130 1.44 17.46 1.42
N PRO C 131 2.18 17.31 0.32
CA PRO C 131 2.85 16.04 0.03
C PRO C 131 3.94 15.76 1.05
N GLU C 132 3.80 14.64 1.76
CA GLU C 132 4.87 14.23 2.67
C GLU C 132 6.16 14.04 1.90
N GLY C 133 7.25 14.47 2.51
CA GLY C 133 8.54 14.52 1.83
C GLY C 133 8.81 15.84 1.15
N TYR C 134 7.81 16.37 0.45
CA TYR C 134 8.00 17.63 -0.27
C TYR C 134 8.16 18.81 0.68
N ALA C 135 7.46 18.81 1.81
CA ALA C 135 7.43 19.99 2.67
C ALA C 135 8.82 20.35 3.19
N SER C 136 9.76 19.40 3.21
CA SER C 136 11.12 19.73 3.62
C SER C 136 11.66 20.91 2.83
N TYR C 137 11.21 21.06 1.58
CA TYR C 137 11.52 22.22 0.78
C TYR C 137 11.52 23.52 1.59
N TYR C 138 10.45 23.77 2.34
CA TYR C 138 10.36 25.06 3.02
C TYR C 138 11.32 25.12 4.21
N SER C 139 11.60 23.98 4.85
CA SER C 139 12.59 23.98 5.92
C SER C 139 13.96 24.36 5.41
N LEU C 140 14.19 24.22 4.11
CA LEU C 140 15.45 24.64 3.52
C LEU C 140 15.64 26.14 3.68
N ASP C 141 16.88 26.55 3.84
CA ASP C 141 17.25 27.96 3.81
C ASP C 141 17.71 28.32 2.40
N ILE C 142 17.71 29.63 2.12
CA ILE C 142 18.25 30.11 0.85
C ILE C 142 19.71 29.72 0.67
N GLU C 143 20.37 29.24 1.73
CA GLU C 143 21.75 28.77 1.62
C GLU C 143 21.90 27.68 0.58
N ASN C 144 20.83 26.93 0.28
CA ASN C 144 20.86 25.93 -0.78
C ASN C 144 19.67 26.02 -1.73
N LYS C 145 18.54 26.60 -1.32
CA LYS C 145 17.42 26.80 -2.24
C LYS C 145 17.77 27.79 -3.34
N LYS C 146 18.76 28.66 -3.11
CA LYS C 146 19.25 29.52 -4.18
C LYS C 146 19.80 28.73 -5.34
N GLY C 147 20.18 27.47 -5.11
CA GLY C 147 20.60 26.59 -6.18
C GLY C 147 19.66 25.41 -6.31
N ASP C 148 19.69 24.75 -7.46
CA ASP C 148 18.82 23.60 -7.68
C ASP C 148 19.17 22.49 -6.69
N VAL C 149 18.13 21.83 -6.17
CA VAL C 149 18.29 20.86 -5.09
C VAL C 149 17.36 19.68 -5.35
N CYS C 150 17.42 18.70 -4.44
CA CYS C 150 16.60 17.50 -4.53
C CYS C 150 16.20 17.09 -3.12
N ILE C 151 14.94 17.34 -2.76
CA ILE C 151 14.40 16.78 -1.54
C ILE C 151 14.25 15.28 -1.73
N LEU C 152 14.95 14.51 -0.88
CA LEU C 152 15.07 13.07 -1.07
C LEU C 152 14.66 12.41 0.24
N ASP C 153 13.38 12.09 0.38
CA ASP C 153 12.85 11.48 1.59
C ASP C 153 12.93 9.97 1.44
N LEU C 154 13.89 9.36 2.13
CA LEU C 154 13.97 7.92 2.25
C LEU C 154 13.05 7.50 3.38
N GLY C 155 11.82 7.12 3.04
CA GLY C 155 10.96 6.49 4.00
C GLY C 155 11.10 5.00 3.91
N SER C 156 10.67 4.30 4.94
CA SER C 156 11.00 2.88 5.07
C SER C 156 10.47 2.05 3.90
N ARG C 157 9.23 2.28 3.47
CA ARG C 157 8.71 1.63 2.27
C ARG C 157 8.97 2.41 0.99
N THR C 158 9.48 3.63 1.07
CA THR C 158 9.38 4.54 -0.05
C THR C 158 10.65 5.37 -0.20
N ILE C 159 10.85 5.89 -1.40
CA ILE C 159 11.74 7.02 -1.64
C ILE C 159 10.94 8.03 -2.42
N ASN C 160 10.72 9.20 -1.82
CA ASN C 160 10.05 10.31 -2.46
C ASN C 160 11.08 11.33 -2.90
N ILE C 161 10.97 11.79 -4.14
CA ILE C 161 11.99 12.60 -4.79
C ILE C 161 11.32 13.84 -5.35
N CYS C 162 11.79 15.01 -4.93
CA CYS C 162 11.31 16.28 -5.46
C CYS C 162 12.52 17.05 -5.95
N VAL C 163 12.66 17.15 -7.26
CA VAL C 163 13.78 17.83 -7.90
C VAL C 163 13.36 19.26 -8.17
N LEU C 164 14.05 20.22 -7.56
CA LEU C 164 13.61 21.60 -7.52
C LEU C 164 14.66 22.54 -8.09
N GLU C 165 14.19 23.58 -8.76
CA GLU C 165 15.01 24.72 -9.14
C GLU C 165 14.88 25.79 -8.06
N ASN C 166 15.35 27.00 -8.34
CA ASN C 166 15.18 28.11 -7.40
C ASN C 166 13.71 28.45 -7.28
N ALA C 167 13.13 28.19 -6.12
CA ALA C 167 11.76 28.60 -5.80
C ALA C 167 10.72 27.90 -6.67
N LYS C 168 11.00 26.66 -7.08
CA LYS C 168 10.01 25.94 -7.89
C LYS C 168 10.47 24.50 -8.08
N ILE C 169 9.49 23.61 -8.28
CA ILE C 169 9.77 22.22 -8.60
C ILE C 169 10.21 22.11 -10.05
N VAL C 170 11.04 21.10 -10.33
CA VAL C 170 11.45 20.75 -11.68
C VAL C 170 10.90 19.39 -12.09
N LYS C 171 10.90 18.44 -11.17
CA LYS C 171 10.36 17.10 -11.43
C LYS C 171 10.03 16.45 -10.09
N THR C 172 9.31 15.34 -10.16
CA THR C 172 9.01 14.56 -8.97
C THR C 172 8.93 13.09 -9.32
N ASN C 173 9.14 12.26 -8.30
CA ASN C 173 9.08 10.82 -8.44
C ASN C 173 8.84 10.21 -7.07
N THR C 174 8.43 8.95 -7.06
CA THR C 174 8.32 8.21 -5.81
C THR C 174 8.25 6.73 -6.13
N ILE C 175 9.15 5.97 -5.52
CA ILE C 175 9.19 4.52 -5.72
C ILE C 175 9.07 3.85 -4.37
N LYS C 176 8.13 2.89 -4.27
CA LYS C 176 7.89 2.20 -3.01
C LYS C 176 9.05 1.25 -2.77
N LEU C 177 10.14 1.81 -2.25
CA LEU C 177 11.34 1.06 -1.92
C LEU C 177 11.97 1.69 -0.68
N GLY C 178 12.70 0.88 0.07
CA GLY C 178 13.36 1.38 1.25
C GLY C 178 13.85 0.24 2.11
N SER C 179 14.06 0.54 3.39
CA SER C 179 14.70 -0.41 4.28
C SER C 179 13.89 -1.69 4.42
N PHE C 180 12.60 -1.68 4.07
CA PHE C 180 11.83 -2.91 4.18
C PHE C 180 12.24 -3.91 3.12
N ASP C 181 12.41 -3.44 1.88
CA ASP C 181 12.85 -4.34 0.83
C ASP C 181 14.22 -4.90 1.15
N PHE C 182 15.07 -4.12 1.83
CA PHE C 182 16.32 -4.66 2.32
C PHE C 182 16.09 -5.73 3.37
N TYR C 183 15.21 -5.46 4.33
CA TYR C 183 14.90 -6.45 5.35
C TYR C 183 14.37 -7.74 4.72
N SER C 184 13.52 -7.59 3.70
CA SER C 184 12.91 -8.75 3.06
C SER C 184 13.92 -9.52 2.23
N LYS C 185 14.80 -8.80 1.53
CA LYS C 185 15.86 -9.46 0.78
C LYS C 185 16.80 -10.21 1.72
N ILE C 186 17.10 -9.61 2.87
CA ILE C 186 17.94 -10.26 3.86
C ILE C 186 17.24 -11.46 4.45
N LYS C 187 15.93 -11.36 4.68
CA LYS C 187 15.15 -12.44 5.25
C LYS C 187 14.93 -13.57 4.26
N SER C 188 15.01 -13.27 2.96
CA SER C 188 14.80 -14.28 1.94
C SER C 188 15.76 -15.45 2.12
N LEU C 189 16.90 -15.21 2.76
CA LEU C 189 17.90 -16.23 3.00
C LEU C 189 18.29 -16.38 4.46
N GLU C 190 18.26 -15.29 5.24
CA GLU C 190 18.54 -15.39 6.67
C GLU C 190 17.41 -16.11 7.40
N ASN C 191 16.15 -15.86 6.99
CA ASN C 191 15.06 -16.67 7.52
C ASN C 191 15.07 -18.06 6.94
N ALA C 192 15.65 -18.23 5.75
CA ALA C 192 15.85 -19.54 5.17
C ALA C 192 16.85 -20.38 5.96
N LYS C 193 17.58 -19.77 6.90
CA LYS C 193 18.41 -20.53 7.82
C LYS C 193 17.62 -21.63 8.50
N GLY C 194 16.32 -21.40 8.72
CA GLY C 194 15.52 -22.23 9.59
C GLY C 194 15.19 -21.46 10.85
N GLU C 195 15.10 -20.14 10.69
CA GLU C 195 14.92 -19.21 11.81
C GLU C 195 13.60 -18.45 11.62
N ASP C 196 12.93 -18.19 12.74
CA ASP C 196 11.61 -17.54 12.73
C ASP C 196 11.80 -16.06 13.04
N TYR C 197 12.11 -15.29 12.00
CA TYR C 197 12.25 -13.84 12.12
C TYR C 197 11.77 -13.20 10.82
N ILE C 198 11.39 -11.92 10.92
CA ILE C 198 10.71 -11.21 9.86
C ILE C 198 11.24 -9.79 9.78
N GLU C 199 10.85 -9.10 8.69
CA GLU C 199 11.24 -7.70 8.52
C GLU C 199 10.62 -6.80 9.57
N GLU C 200 9.54 -7.23 10.22
CA GLU C 200 8.89 -6.41 11.23
C GLU C 200 9.71 -6.34 12.51
N ASP C 201 10.21 -7.48 12.98
CA ASP C 201 11.00 -7.53 14.21
C ASP C 201 12.51 -7.42 13.96
N ILE C 202 12.94 -7.44 12.69
CA ILE C 202 14.37 -7.50 12.40
C ILE C 202 15.09 -6.31 13.01
N GLN C 203 14.58 -5.10 12.75
CA GLN C 203 15.28 -3.90 13.18
C GLN C 203 15.54 -3.90 14.69
N ARG C 204 14.61 -4.46 15.48
CA ARG C 204 14.86 -4.57 16.91
C ARG C 204 16.05 -5.49 17.18
N LEU C 205 16.10 -6.63 16.50
CA LEU C 205 17.16 -7.60 16.77
C LEU C 205 18.52 -7.08 16.35
N ILE C 206 18.57 -6.18 15.36
CA ILE C 206 19.84 -5.52 15.09
C ILE C 206 20.08 -4.38 16.08
N ASP C 207 19.02 -3.77 16.61
CA ASP C 207 19.19 -2.74 17.62
C ASP C 207 19.84 -3.31 18.88
N ASN C 208 19.36 -4.47 19.33
CA ASN C 208 19.98 -5.16 20.45
C ASN C 208 21.17 -6.02 20.01
N GLY C 209 21.35 -6.21 18.71
CA GLY C 209 22.46 -6.99 18.21
C GLY C 209 22.30 -8.48 18.32
N LEU C 210 21.11 -8.96 18.69
CA LEU C 210 20.88 -10.41 18.72
C LEU C 210 21.20 -11.04 17.37
N ILE C 211 20.94 -10.32 16.28
CA ILE C 211 21.41 -10.69 14.95
C ILE C 211 21.93 -9.41 14.29
N LYS C 212 22.87 -9.58 13.37
CA LYS C 212 23.49 -8.46 12.69
C LYS C 212 23.56 -8.72 11.20
N VAL C 213 23.83 -7.66 10.45
CA VAL C 213 23.78 -7.67 9.00
C VAL C 213 25.03 -6.99 8.46
N ASP C 214 25.56 -7.52 7.36
CA ASP C 214 26.78 -6.98 6.78
C ASP C 214 26.54 -5.58 6.21
N SER C 215 27.54 -4.72 6.36
CA SER C 215 27.44 -3.36 5.84
C SER C 215 27.40 -3.36 4.31
N LYS C 216 28.15 -4.24 3.68
CA LYS C 216 28.17 -4.25 2.22
C LYS C 216 26.79 -4.51 1.63
N GLN C 217 25.88 -5.12 2.39
CA GLN C 217 24.51 -5.26 1.92
C GLN C 217 23.77 -3.93 1.98
N TYR C 218 24.03 -3.13 3.01
CA TYR C 218 23.58 -1.74 2.99
C TYR C 218 24.09 -1.04 1.74
N ILE C 219 25.35 -1.28 1.39
CA ILE C 219 25.93 -0.65 0.21
C ILE C 219 25.26 -1.17 -1.05
N GLU C 220 24.90 -2.46 -1.08
CA GLU C 220 24.16 -3.01 -2.21
C GLU C 220 22.83 -2.29 -2.38
N PHE C 221 22.11 -2.08 -1.28
CA PHE C 221 20.85 -1.35 -1.36
C PHE C 221 21.07 0.07 -1.86
N LEU C 222 22.12 0.73 -1.37
CA LEU C 222 22.43 2.08 -1.83
C LEU C 222 22.70 2.09 -3.33
N SER C 223 23.49 1.13 -3.81
CA SER C 223 23.80 1.06 -5.24
C SER C 223 22.53 0.80 -6.04
N ASP C 224 21.66 -0.06 -5.54
CA ASP C 224 20.41 -0.36 -6.26
C ASP C 224 19.55 0.88 -6.39
N ILE C 225 19.39 1.63 -5.29
CA ILE C 225 18.56 2.84 -5.35
C ILE C 225 19.20 3.88 -6.27
N LEU C 226 20.52 4.00 -6.21
CA LEU C 226 21.21 4.96 -7.08
C LEU C 226 21.01 4.59 -8.54
N ASN C 227 21.11 3.30 -8.87
CA ASN C 227 20.85 2.87 -10.23
C ASN C 227 19.41 3.15 -10.63
N ALA C 228 18.48 2.98 -9.68
CA ALA C 228 17.07 3.24 -9.97
C ALA C 228 16.83 4.71 -10.30
N VAL C 229 17.49 5.62 -9.57
CA VAL C 229 17.20 7.04 -9.72
C VAL C 229 17.89 7.67 -10.92
N LYS C 230 18.90 7.00 -11.49
CA LYS C 230 19.72 7.60 -12.55
C LYS C 230 18.90 8.16 -13.71
N PRO C 231 17.91 7.45 -14.26
CA PRO C 231 17.23 7.97 -15.46
C PRO C 231 16.61 9.34 -15.24
N TYR C 232 16.09 9.62 -14.05
CA TYR C 232 15.41 10.89 -13.80
C TYR C 232 16.41 12.00 -13.50
N VAL C 233 17.32 11.75 -12.57
CA VAL C 233 18.10 12.82 -11.95
C VAL C 233 19.59 12.49 -12.03
N ASN C 234 20.40 13.53 -12.23
CA ASN C 234 21.83 13.44 -12.01
C ASN C 234 22.11 13.89 -10.58
N LEU C 235 22.40 12.93 -9.71
CA LEU C 235 22.49 13.23 -8.28
C LEU C 235 23.57 14.26 -7.99
N LYS C 236 24.65 14.29 -8.80
CA LYS C 236 25.65 15.33 -8.62
C LYS C 236 25.05 16.70 -8.81
N THR C 237 24.19 16.85 -9.82
CA THR C 237 23.32 18.01 -9.90
C THR C 237 22.22 17.90 -8.86
N TYR C 238 21.55 19.02 -8.59
CA TYR C 238 20.43 19.04 -7.66
C TYR C 238 20.86 18.56 -6.27
N ASN C 239 21.69 19.38 -5.63
CA ASN C 239 22.22 19.09 -4.30
C ASN C 239 21.14 18.41 -3.46
N THR C 240 21.46 17.23 -2.95
CA THR C 240 20.46 16.32 -2.41
C THR C 240 20.38 16.44 -0.90
N ILE C 241 19.17 16.68 -0.39
CA ILE C 241 18.91 16.77 1.04
C ILE C 241 18.15 15.52 1.42
N PHE C 242 18.79 14.65 2.21
CA PHE C 242 18.18 13.40 2.63
C PHE C 242 17.30 13.64 3.85
N THR C 243 16.08 13.14 3.79
CA THR C 243 15.10 13.29 4.87
C THR C 243 14.47 11.93 5.15
N GLY C 244 13.71 11.85 6.23
CA GLY C 244 13.09 10.61 6.64
C GLY C 244 14.01 9.76 7.52
N GLY C 245 13.41 8.72 8.10
CA GLY C 245 14.15 7.88 9.02
C GLY C 245 15.06 6.87 8.36
N THR C 246 14.73 6.44 7.13
CA THR C 246 15.59 5.50 6.43
C THR C 246 16.91 6.14 6.03
N SER C 247 16.95 7.47 5.90
CA SER C 247 18.23 8.14 5.72
C SER C 247 19.14 7.91 6.91
N LEU C 248 18.55 7.66 8.08
CA LEU C 248 19.33 7.37 9.29
C LEU C 248 19.79 5.92 9.35
N MET C 249 19.25 5.05 8.50
CA MET C 249 19.88 3.75 8.28
C MET C 249 21.31 3.92 7.80
N LEU C 250 21.52 4.87 6.90
CA LEU C 250 22.69 4.84 6.03
C LEU C 250 23.52 6.10 6.04
N LYS C 251 23.18 7.12 6.84
CA LYS C 251 23.98 8.34 6.89
C LYS C 251 25.48 8.03 6.84
N GLU C 252 25.89 6.98 7.54
CA GLU C 252 27.31 6.64 7.63
C GLU C 252 27.91 6.34 6.27
N TYR C 253 27.13 5.77 5.36
CA TYR C 253 27.59 5.45 4.01
C TYR C 253 27.19 6.51 3.00
N ILE C 254 26.10 7.23 3.27
CA ILE C 254 25.67 8.34 2.45
C ILE C 254 26.76 9.42 2.44
N GLU C 255 27.32 9.72 3.62
CA GLU C 255 28.44 10.64 3.69
C GLU C 255 29.63 10.17 2.87
N LYS C 256 29.74 8.86 2.63
CA LYS C 256 30.84 8.29 1.87
C LYS C 256 30.59 8.30 0.37
N LEU C 257 29.43 8.77 -0.08
CA LEU C 257 29.12 8.72 -1.50
C LEU C 257 30.05 9.65 -2.28
N PRO C 258 30.29 9.34 -3.56
CA PRO C 258 31.16 10.19 -4.38
C PRO C 258 30.49 11.46 -4.87
N LEU C 259 29.33 11.82 -4.33
CA LEU C 259 28.58 12.95 -4.84
C LEU C 259 29.25 14.27 -4.45
N ASN C 260 28.95 15.30 -5.24
CA ASN C 260 29.60 16.59 -5.06
C ASN C 260 28.93 17.41 -3.97
N LYS C 261 27.59 17.47 -3.97
CA LYS C 261 26.85 18.31 -3.04
C LYS C 261 25.67 17.51 -2.51
N PHE C 262 25.68 17.24 -1.21
CA PHE C 262 24.60 16.50 -0.57
C PHE C 262 24.77 16.63 0.94
N LYS C 263 23.72 16.25 1.67
CA LYS C 263 23.76 16.28 3.12
C LYS C 263 22.55 15.56 3.67
N VAL C 264 22.74 14.82 4.76
CA VAL C 264 21.64 14.28 5.53
C VAL C 264 21.18 15.37 6.50
N HIS C 265 19.97 15.85 6.31
CA HIS C 265 19.50 17.00 7.07
C HIS C 265 19.50 16.67 8.56
N PRO C 266 19.99 17.55 9.42
CA PRO C 266 19.84 17.31 10.86
C PRO C 266 18.38 17.13 11.20
N ASN C 267 18.09 16.12 12.01
CA ASN C 267 16.71 15.68 12.26
C ASN C 267 16.00 15.36 10.95
N ALA C 268 16.76 14.83 9.99
CA ALA C 268 16.27 14.49 8.66
C ALA C 268 14.86 13.90 8.69
N LEU C 269 14.59 13.08 9.70
CA LEU C 269 13.27 12.46 9.80
C LEU C 269 12.17 13.50 9.96
N THR C 270 12.45 14.59 10.69
CA THR C 270 11.44 15.59 11.04
C THR C 270 11.53 16.86 10.19
N SER C 271 12.43 16.91 9.21
CA SER C 271 12.62 18.14 8.45
C SER C 271 11.37 18.51 7.65
N ASN C 272 10.71 17.50 7.08
CA ASN C 272 9.58 17.77 6.19
C ASN C 272 8.49 18.56 6.90
N VAL C 273 8.18 18.17 8.14
CA VAL C 273 7.22 18.96 8.93
C VAL C 273 7.79 20.33 9.24
N ASP C 274 9.10 20.42 9.47
CA ASP C 274 9.72 21.72 9.75
C ASP C 274 9.48 22.69 8.60
N GLY C 275 9.37 22.19 7.37
CA GLY C 275 9.06 23.07 6.25
C GLY C 275 7.56 23.25 6.04
N ALA C 276 6.82 22.16 6.22
CA ALA C 276 5.37 22.23 6.24
C ALA C 276 4.91 23.36 7.15
N MET C 277 5.70 23.71 8.15
CA MET C 277 5.38 24.83 9.02
C MET C 277 5.64 26.20 8.39
N GLU C 278 6.72 26.37 7.62
CA GLU C 278 6.82 27.58 6.84
C GLU C 278 5.54 27.75 6.00
N ALA C 279 5.11 26.66 5.38
CA ALA C 279 3.88 26.70 4.59
C ALA C 279 2.66 27.04 5.45
N SER C 280 2.60 26.45 6.64
CA SER C 280 1.48 26.68 7.55
C SER C 280 1.35 28.17 7.86
N LYS C 281 2.47 28.82 8.18
CA LYS C 281 2.43 30.26 8.43
C LYS C 281 2.02 31.00 7.17
N LYS C 282 2.58 30.59 6.02
CA LYS C 282 2.26 31.30 4.79
C LYS C 282 0.77 31.25 4.48
N VAL C 283 0.06 30.26 4.99
CA VAL C 283 -1.41 30.29 4.88
C VAL C 283 -1.99 31.13 6.01
N TRP C 284 -1.80 30.70 7.26
CA TRP C 284 -2.43 31.37 8.39
C TRP C 284 -1.86 32.75 8.68
N ASN C 285 -0.64 33.05 8.22
CA ASN C 285 0.01 34.31 8.53
C ASN C 285 0.74 34.87 7.32
N MET D 1 19.58 -23.48 -33.42
CA MET D 1 18.26 -24.12 -33.67
C MET D 1 17.10 -23.13 -33.49
N LYS D 2 16.79 -22.87 -32.22
CA LYS D 2 15.47 -22.38 -31.85
C LYS D 2 15.39 -20.86 -31.93
N ILE D 3 14.24 -20.36 -32.36
CA ILE D 3 13.99 -18.94 -32.51
C ILE D 3 12.77 -18.56 -31.70
N THR D 4 12.76 -17.33 -31.19
CA THR D 4 11.65 -16.83 -30.41
C THR D 4 11.48 -15.34 -30.67
N VAL D 5 10.24 -14.89 -30.72
CA VAL D 5 9.92 -13.46 -30.70
C VAL D 5 9.06 -13.19 -29.49
N VAL D 6 9.47 -12.23 -28.68
CA VAL D 6 8.67 -11.71 -27.58
C VAL D 6 8.42 -10.23 -27.86
N ASP D 7 7.15 -9.89 -28.04
CA ASP D 7 6.73 -8.51 -28.29
C ASP D 7 6.01 -7.98 -27.07
N LEU D 8 6.43 -6.80 -26.61
CA LEU D 8 5.97 -6.29 -25.33
C LEU D 8 4.67 -5.50 -25.42
N GLY D 9 4.25 -5.10 -26.62
CA GLY D 9 2.91 -4.58 -26.85
C GLY D 9 2.52 -3.40 -25.98
N ASN D 10 1.26 -2.98 -26.09
CA ASN D 10 0.71 -1.90 -25.28
C ASN D 10 -0.09 -2.44 -24.10
N ILE D 11 -1.07 -3.29 -24.34
CA ILE D 11 -1.90 -3.86 -23.29
C ILE D 11 -1.47 -5.27 -22.91
N ASN D 12 -0.87 -6.00 -23.83
CA ASN D 12 -0.51 -7.39 -23.64
C ASN D 12 0.96 -7.58 -23.96
N VAL D 13 1.49 -8.70 -23.51
CA VAL D 13 2.78 -9.16 -23.95
C VAL D 13 2.59 -10.46 -24.71
N LYS D 14 3.58 -10.81 -25.53
CA LYS D 14 3.38 -11.61 -26.71
C LYS D 14 4.57 -12.55 -26.83
N TYR D 15 4.31 -13.85 -26.96
CA TYR D 15 5.38 -14.84 -27.01
C TYR D 15 5.14 -15.78 -28.17
N VAL D 16 6.20 -16.10 -28.90
CA VAL D 16 6.15 -17.10 -29.95
C VAL D 16 7.49 -17.80 -30.00
N GLY D 17 7.45 -19.13 -30.03
CA GLY D 17 8.62 -19.97 -29.86
C GLY D 17 8.23 -21.43 -29.96
N GLU D 18 8.66 -22.24 -28.98
CA GLU D 18 8.09 -23.58 -28.88
C GLU D 18 6.59 -23.54 -28.70
N ASN D 19 6.05 -22.41 -28.24
CA ASN D 19 4.62 -22.21 -28.06
C ASN D 19 4.30 -20.77 -28.44
N LYS D 20 3.03 -20.52 -28.74
CA LYS D 20 2.56 -19.21 -29.21
C LYS D 20 1.43 -18.72 -28.32
N GLY D 21 1.35 -17.41 -28.18
CA GLY D 21 0.23 -16.80 -27.50
C GLY D 21 0.60 -15.43 -26.94
N ARG D 22 -0.23 -14.97 -26.02
CA ARG D 22 -0.06 -13.67 -25.39
C ARG D 22 -0.78 -13.69 -24.05
N PHE D 23 -0.67 -12.59 -23.32
CA PHE D 23 -1.41 -12.42 -22.07
C PHE D 23 -1.35 -10.95 -21.67
N SER D 24 -2.11 -10.61 -20.64
CA SER D 24 -2.23 -9.22 -20.25
C SER D 24 -0.90 -8.66 -19.77
N SER D 25 -0.71 -7.36 -19.97
CA SER D 25 0.48 -6.66 -19.50
C SER D 25 0.37 -6.18 -18.06
N LYS D 26 -0.76 -6.44 -17.40
CA LYS D 26 -0.95 -5.99 -16.03
C LYS D 26 0.08 -6.66 -15.11
N ILE D 27 0.57 -5.89 -14.13
CA ILE D 27 1.58 -6.36 -13.19
C ILE D 27 1.14 -6.04 -11.77
N THR D 28 1.28 -7.03 -10.88
CA THR D 28 1.21 -6.81 -9.45
C THR D 28 2.47 -7.38 -8.79
N ASN D 29 3.17 -6.53 -8.07
CA ASN D 29 4.05 -6.97 -7.00
C ASN D 29 3.57 -6.37 -5.69
N ASP D 30 2.36 -5.80 -5.70
CA ASP D 30 1.71 -5.24 -4.53
C ASP D 30 1.09 -6.41 -3.76
N TYR D 31 0.16 -6.16 -2.84
CA TYR D 31 -0.26 -7.27 -1.98
C TYR D 31 -0.49 -8.57 -2.69
N GLN D 32 -0.18 -9.64 -1.96
CA GLN D 32 -0.29 -10.97 -2.49
C GLN D 32 -0.51 -11.91 -1.32
N SER D 33 -1.62 -12.64 -1.35
CA SER D 33 -1.89 -13.62 -0.31
C SER D 33 -1.95 -15.03 -0.88
N TYR D 34 -2.78 -15.28 -1.89
CA TYR D 34 -3.02 -16.64 -2.37
C TYR D 34 -2.05 -16.97 -3.49
N GLU D 35 -0.82 -17.31 -3.08
CA GLU D 35 0.24 -17.62 -4.05
C GLU D 35 -0.23 -18.67 -5.05
N GLU D 36 -1.00 -19.65 -4.59
CA GLU D 36 -1.33 -20.79 -5.43
C GLU D 36 -2.32 -20.44 -6.54
N GLY D 37 -3.17 -19.45 -6.32
CA GLY D 37 -4.19 -19.08 -7.28
C GLY D 37 -3.77 -18.11 -8.35
N PHE D 38 -2.52 -17.67 -8.35
CA PHE D 38 -2.04 -16.71 -9.34
C PHE D 38 -0.70 -17.16 -9.89
N GLN D 39 -0.48 -16.84 -11.16
CA GLN D 39 0.85 -17.03 -11.74
C GLN D 39 1.85 -16.14 -11.01
N ARG D 40 3.03 -16.69 -10.74
CA ARG D 40 3.96 -16.04 -9.84
C ARG D 40 5.39 -16.39 -10.24
N VAL D 41 6.29 -15.43 -10.04
CA VAL D 41 7.71 -15.63 -10.34
C VAL D 41 8.53 -14.68 -9.49
N GLU D 42 9.63 -15.20 -8.96
CA GLU D 42 10.58 -14.42 -8.15
C GLU D 42 11.96 -14.52 -8.77
N TYR D 43 12.61 -13.37 -8.91
CA TYR D 43 13.94 -13.31 -9.51
C TYR D 43 14.67 -12.08 -8.99
N ASN D 44 15.90 -12.29 -8.48
CA ASN D 44 16.77 -11.21 -8.01
C ASN D 44 16.06 -10.30 -7.02
N GLY D 45 15.28 -10.90 -6.13
CA GLY D 45 14.59 -10.15 -5.10
C GLY D 45 13.29 -9.52 -5.54
N ILE D 46 12.89 -9.68 -6.79
CA ILE D 46 11.64 -9.14 -7.31
C ILE D 46 10.65 -10.28 -7.39
N LYS D 47 9.59 -10.21 -6.60
CA LYS D 47 8.50 -11.18 -6.63
C LYS D 47 7.30 -10.54 -7.31
N THR D 48 6.81 -11.15 -8.38
CA THR D 48 5.76 -10.58 -9.19
C THR D 48 4.73 -11.66 -9.52
N TYR D 49 3.51 -11.21 -9.80
CA TYR D 49 2.41 -12.09 -10.13
C TYR D 49 1.73 -11.55 -11.38
N ILE D 50 1.46 -12.44 -12.32
CA ILE D 50 1.40 -12.11 -13.74
C ILE D 50 -0.03 -11.82 -14.15
N GLY D 51 -0.21 -10.75 -14.92
CA GLY D 51 -1.50 -10.45 -15.53
C GLY D 51 -2.51 -9.81 -14.61
N VAL D 52 -2.07 -9.09 -13.59
CA VAL D 52 -2.98 -8.41 -12.68
C VAL D 52 -2.19 -7.41 -11.83
N GLY D 53 -2.82 -6.30 -11.47
CA GLY D 53 -2.20 -5.33 -10.57
C GLY D 53 -2.26 -3.89 -11.03
N GLU D 54 -1.09 -3.31 -11.30
CA GLU D 54 -0.97 -1.92 -11.71
C GLU D 54 -0.35 -1.85 -13.10
N LEU D 55 -0.88 -0.98 -13.94
CA LEU D 55 -0.27 -0.72 -15.24
C LEU D 55 -0.02 0.76 -15.47
N SER D 56 -0.94 1.63 -15.03
CA SER D 56 -0.75 3.07 -14.98
C SER D 56 -0.06 3.77 -16.14
N ARG D 57 -0.27 3.29 -17.38
CA ARG D 57 0.08 4.02 -18.59
C ARG D 57 1.54 4.49 -18.65
N GLU D 58 2.44 3.87 -17.88
CA GLU D 58 3.79 4.37 -17.73
C GLU D 58 4.71 3.95 -18.87
N PHE D 59 5.61 4.87 -19.21
CA PHE D 59 6.75 4.59 -20.07
C PHE D 59 7.68 3.61 -19.37
N ASN D 60 8.81 3.30 -19.98
CA ASN D 60 9.83 2.50 -19.32
C ASN D 60 9.31 1.11 -18.98
N LYS D 61 8.37 0.60 -19.78
CA LYS D 61 7.93 -0.77 -19.60
C LYS D 61 9.10 -1.74 -19.67
N ALA D 62 10.18 -1.32 -20.36
CA ALA D 62 11.39 -2.11 -20.48
C ALA D 62 12.36 -1.88 -19.32
N ASP D 63 11.90 -1.27 -18.23
CA ASP D 63 12.73 -1.17 -17.03
C ASP D 63 11.99 -1.42 -15.72
N ARG D 64 10.67 -1.40 -15.69
CA ARG D 64 9.91 -1.44 -14.45
C ARG D 64 9.35 -2.84 -14.22
N ASP D 65 10.22 -3.71 -13.70
CA ASP D 65 9.85 -5.04 -13.21
C ASP D 65 9.20 -5.91 -14.27
N TYR D 66 9.17 -5.48 -15.54
CA TYR D 66 8.69 -6.34 -16.60
C TYR D 66 9.56 -7.58 -16.74
N MET D 67 10.79 -7.53 -16.21
CA MET D 67 11.72 -8.64 -16.34
C MET D 67 11.02 -9.96 -16.08
N ALA D 68 10.55 -10.14 -14.84
CA ALA D 68 9.77 -11.31 -14.49
C ALA D 68 8.75 -11.62 -15.58
N GLN D 69 7.85 -10.67 -15.84
CA GLN D 69 6.86 -10.85 -16.88
C GLN D 69 7.50 -11.32 -18.18
N LEU D 70 8.50 -10.57 -18.66
CA LEU D 70 9.18 -10.96 -19.89
C LEU D 70 9.63 -12.41 -19.81
N LEU D 71 10.34 -12.75 -18.73
CA LEU D 71 10.78 -14.13 -18.54
C LEU D 71 9.58 -15.07 -18.63
N TYR D 72 8.52 -14.75 -17.90
CA TYR D 72 7.29 -15.54 -17.96
C TYR D 72 6.86 -15.74 -19.41
N SER D 73 6.81 -14.65 -20.18
CA SER D 73 6.36 -14.77 -21.57
C SER D 73 7.26 -15.72 -22.34
N LEU D 74 8.58 -15.63 -22.12
CA LEU D 74 9.48 -16.57 -22.77
C LEU D 74 9.17 -17.99 -22.33
N ALA D 75 8.91 -18.19 -21.05
CA ALA D 75 8.50 -19.51 -20.58
C ALA D 75 7.21 -19.95 -21.25
N LYS D 76 6.33 -19.00 -21.60
CA LYS D 76 5.09 -19.36 -22.27
C LYS D 76 5.35 -19.92 -23.65
N ALA D 77 6.14 -19.21 -24.46
CA ALA D 77 6.49 -19.72 -25.79
C ALA D 77 7.47 -20.88 -25.72
N ASN D 78 8.06 -21.13 -24.57
CA ASN D 78 9.06 -22.17 -24.38
C ASN D 78 8.49 -23.29 -23.51
N THR D 79 9.26 -24.36 -23.36
CA THR D 79 8.89 -25.42 -22.45
C THR D 79 9.23 -25.01 -21.02
N ALA D 80 8.79 -25.82 -20.07
CA ALA D 80 8.98 -25.52 -18.65
C ALA D 80 10.39 -25.83 -18.16
N ASP D 81 11.24 -26.41 -19.00
CA ASP D 81 12.59 -26.80 -18.60
C ASP D 81 13.63 -26.28 -19.58
N THR D 82 13.39 -25.10 -20.17
CA THR D 82 14.30 -24.56 -21.16
C THR D 82 15.52 -23.95 -20.51
N LYS D 83 16.64 -23.98 -21.24
CA LYS D 83 17.91 -23.42 -20.77
C LYS D 83 18.63 -22.57 -21.80
N GLU D 84 18.31 -22.68 -23.09
CA GLU D 84 19.00 -21.91 -24.11
C GLU D 84 18.06 -21.68 -25.28
N ILE D 85 17.93 -20.41 -25.70
CA ILE D 85 17.12 -20.04 -26.84
C ILE D 85 17.71 -18.79 -27.47
N ASN D 86 17.43 -18.60 -28.75
CA ASN D 86 17.83 -17.40 -29.47
C ASN D 86 16.67 -16.40 -29.46
N LEU D 87 16.97 -15.12 -29.25
CA LEU D 87 15.95 -14.13 -28.91
C LEU D 87 15.83 -13.07 -30.00
N THR D 88 14.61 -12.92 -30.51
CA THR D 88 14.18 -11.70 -31.18
C THR D 88 13.22 -10.99 -30.24
N LEU D 89 13.50 -9.72 -29.96
CA LEU D 89 12.64 -8.88 -29.16
C LEU D 89 12.12 -7.73 -30.00
N LEU D 90 11.19 -6.97 -29.44
CA LEU D 90 10.70 -5.79 -30.12
C LEU D 90 10.31 -4.75 -29.09
N LEU D 91 10.43 -3.49 -29.50
CA LEU D 91 9.93 -2.37 -28.71
C LEU D 91 9.26 -1.37 -29.63
N PRO D 92 8.33 -0.57 -29.11
CA PRO D 92 7.73 0.47 -29.94
C PRO D 92 8.82 1.39 -30.48
N ILE D 93 8.50 2.06 -31.60
CA ILE D 93 9.52 2.83 -32.30
C ILE D 93 10.20 3.79 -31.34
N ILE D 94 9.43 4.71 -30.77
CA ILE D 94 10.01 5.77 -29.94
C ILE D 94 10.84 5.15 -28.81
N GLN D 95 10.28 4.16 -28.13
CA GLN D 95 10.94 3.63 -26.94
C GLN D 95 12.34 3.13 -27.24
N MET D 96 12.70 2.91 -28.51
CA MET D 96 14.06 2.48 -28.80
C MET D 96 15.10 3.44 -28.27
N LYS D 97 14.72 4.65 -27.84
CA LYS D 97 15.74 5.50 -27.22
C LYS D 97 16.40 4.82 -26.03
N ASN D 98 15.90 3.65 -25.62
CA ASN D 98 16.43 2.87 -24.51
C ASN D 98 17.07 1.55 -24.95
N LYS D 99 17.27 1.31 -26.24
CA LYS D 99 17.78 0.02 -26.69
C LYS D 99 19.05 -0.37 -25.94
N THR D 100 20.11 0.42 -26.11
CA THR D 100 21.46 -0.03 -25.85
C THR D 100 21.57 -0.81 -24.55
N ARG D 101 21.30 -0.16 -23.41
CA ARG D 101 21.53 -0.82 -22.13
C ARG D 101 20.81 -2.16 -22.09
N LEU D 102 19.52 -2.17 -22.40
CA LEU D 102 18.75 -3.41 -22.41
C LEU D 102 19.54 -4.52 -23.09
N ILE D 103 19.97 -4.27 -24.33
CA ILE D 103 20.67 -5.27 -25.11
C ILE D 103 21.85 -5.83 -24.30
N GLU D 104 22.77 -4.94 -23.88
CA GLU D 104 23.95 -5.45 -23.20
C GLU D 104 23.64 -5.87 -21.77
N THR D 105 22.50 -5.42 -21.22
CA THR D 105 22.08 -5.96 -19.94
C THR D 105 21.46 -7.34 -20.07
N LEU D 106 21.21 -7.79 -21.30
CA LEU D 106 20.63 -9.10 -21.56
C LEU D 106 21.50 -9.99 -22.44
N LYS D 107 22.21 -9.40 -23.39
CA LYS D 107 22.88 -10.15 -24.46
C LYS D 107 23.60 -11.38 -23.95
N GLY D 108 23.21 -12.54 -24.47
CA GLY D 108 23.96 -13.77 -24.26
C GLY D 108 24.19 -14.11 -22.81
N GLU D 109 23.22 -13.81 -21.96
CA GLU D 109 23.34 -14.01 -20.52
C GLU D 109 22.31 -15.01 -20.03
N ASN D 110 22.53 -15.52 -18.83
CA ASN D 110 21.61 -16.43 -18.17
C ASN D 110 20.95 -15.74 -16.99
N PHE D 111 19.65 -15.99 -16.81
CA PHE D 111 18.85 -15.30 -15.82
C PHE D 111 17.99 -16.30 -15.07
N LYS D 112 17.87 -16.08 -13.77
CA LYS D 112 17.19 -17.00 -12.87
C LYS D 112 15.73 -16.58 -12.69
N PHE D 113 14.98 -17.42 -11.98
CA PHE D 113 13.63 -17.09 -11.57
C PHE D 113 13.10 -18.24 -10.72
N LYS D 114 11.92 -18.03 -10.14
CA LYS D 114 11.26 -19.02 -9.30
C LYS D 114 9.97 -19.56 -9.91
N PHE D 115 9.56 -19.04 -11.07
CA PHE D 115 8.16 -19.05 -11.48
C PHE D 115 7.40 -20.28 -11.02
N ASN D 116 6.29 -20.07 -10.30
CA ASN D 116 5.35 -21.13 -9.93
C ASN D 116 6.05 -22.35 -9.34
N GLY D 117 7.29 -22.17 -8.86
CA GLY D 117 8.06 -23.26 -8.31
C GLY D 117 8.89 -24.04 -9.31
N ILE D 118 8.72 -23.81 -10.62
CA ILE D 118 9.59 -24.47 -11.58
C ILE D 118 11.02 -23.99 -11.41
N ASP D 119 11.19 -22.71 -11.10
CA ASP D 119 12.40 -22.19 -10.47
C ASP D 119 13.67 -22.67 -11.17
N ARG D 120 13.83 -22.22 -12.42
CA ARG D 120 15.01 -22.51 -13.21
C ARG D 120 15.58 -21.23 -13.79
N GLU D 121 16.88 -21.22 -14.03
CA GLU D 121 17.55 -20.15 -14.75
C GLU D 121 17.80 -20.57 -16.19
N ILE D 122 17.71 -19.61 -17.10
CA ILE D 122 17.75 -19.87 -18.54
C ILE D 122 18.75 -18.93 -19.18
N LYS D 123 19.59 -19.47 -20.05
CA LYS D 123 20.47 -18.67 -20.87
C LYS D 123 19.78 -18.30 -22.18
N ILE D 124 20.22 -17.19 -22.77
CA ILE D 124 19.71 -16.73 -24.05
C ILE D 124 20.86 -16.70 -25.04
N ASN D 125 20.60 -17.17 -26.26
CA ASN D 125 21.67 -17.31 -27.24
C ASN D 125 22.06 -15.97 -27.86
N ASP D 126 21.08 -15.10 -28.13
CA ASP D 126 21.36 -13.79 -28.69
C ASP D 126 20.07 -13.00 -28.75
N LEU D 127 20.18 -11.68 -28.60
CA LEU D 127 19.06 -10.76 -28.70
C LEU D 127 19.17 -9.91 -29.95
N MET D 128 18.04 -9.73 -30.62
CA MET D 128 17.98 -8.83 -31.78
C MET D 128 16.60 -8.19 -31.77
N VAL D 129 16.56 -6.86 -31.79
CA VAL D 129 15.34 -6.12 -31.46
C VAL D 129 14.82 -5.43 -32.72
N LEU D 130 13.50 -5.36 -32.84
CA LEU D 130 12.81 -4.71 -33.94
C LEU D 130 11.83 -3.67 -33.41
N PRO D 131 11.55 -2.62 -34.19
CA PRO D 131 10.48 -1.69 -33.80
C PRO D 131 9.12 -2.36 -33.85
N GLU D 132 8.43 -2.39 -32.72
CA GLU D 132 7.07 -2.91 -32.69
C GLU D 132 6.20 -2.09 -33.64
N GLY D 133 5.33 -2.77 -34.35
CA GLY D 133 4.55 -2.16 -35.42
C GLY D 133 5.22 -2.25 -36.77
N TYR D 134 6.53 -1.96 -36.82
CA TYR D 134 7.23 -2.00 -38.10
C TYR D 134 7.35 -3.41 -38.65
N ALA D 135 7.53 -4.41 -37.79
CA ALA D 135 7.84 -5.75 -38.27
C ALA D 135 6.73 -6.31 -39.14
N SER D 136 5.50 -5.79 -39.04
CA SER D 136 4.42 -6.25 -39.91
C SER D 136 4.84 -6.16 -41.38
N TYR D 137 5.71 -5.19 -41.69
CA TYR D 137 6.31 -5.10 -43.01
C TYR D 137 6.66 -6.46 -43.61
N TYR D 138 7.38 -7.28 -42.86
CA TYR D 138 7.84 -8.53 -43.43
C TYR D 138 6.71 -9.53 -43.59
N SER D 139 5.71 -9.48 -42.71
CA SER D 139 4.54 -10.34 -42.87
C SER D 139 3.80 -10.03 -44.16
N LEU D 140 4.00 -8.84 -44.71
CA LEU D 140 3.40 -8.48 -45.98
C LEU D 140 3.93 -9.40 -47.09
N ASP D 141 3.07 -9.69 -48.05
CA ASP D 141 3.48 -10.36 -49.27
C ASP D 141 3.78 -9.33 -50.35
N ILE D 142 4.51 -9.75 -51.38
CA ILE D 142 4.75 -8.90 -52.53
C ILE D 142 3.45 -8.47 -53.20
N GLU D 143 2.32 -9.09 -52.83
CA GLU D 143 1.03 -8.69 -53.38
C GLU D 143 0.73 -7.23 -53.10
N ASN D 144 1.32 -6.64 -52.06
CA ASN D 144 1.17 -5.22 -51.79
C ASN D 144 2.50 -4.51 -51.52
N LYS D 145 3.54 -5.22 -51.08
CA LYS D 145 4.84 -4.59 -50.92
C LYS D 145 5.43 -4.14 -52.25
N LYS D 146 4.99 -4.74 -53.36
CA LYS D 146 5.38 -4.25 -54.67
C LYS D 146 4.95 -2.81 -54.89
N GLY D 147 3.96 -2.34 -54.16
CA GLY D 147 3.54 -0.95 -54.20
C GLY D 147 3.76 -0.27 -52.87
N ASP D 148 3.81 1.06 -52.87
CA ASP D 148 4.01 1.78 -51.63
C ASP D 148 2.86 1.53 -50.67
N VAL D 149 3.18 1.38 -49.39
CA VAL D 149 2.23 0.96 -48.38
C VAL D 149 2.48 1.75 -47.10
N CYS D 150 1.64 1.48 -46.09
CA CYS D 150 1.74 2.14 -44.79
C CYS D 150 1.36 1.13 -43.73
N ILE D 151 2.38 0.63 -43.00
CA ILE D 151 2.13 -0.16 -41.80
C ILE D 151 1.57 0.77 -40.74
N LEU D 152 0.35 0.49 -40.29
CA LEU D 152 -0.40 1.39 -39.42
C LEU D 152 -0.84 0.59 -38.21
N ASP D 153 -0.01 0.58 -37.17
CA ASP D 153 -0.31 -0.17 -35.95
C ASP D 153 -1.06 0.74 -34.99
N LEU D 154 -2.37 0.51 -34.87
CA LEU D 154 -3.18 1.17 -33.86
C LEU D 154 -3.03 0.37 -32.57
N GLY D 155 -2.11 0.80 -31.71
CA GLY D 155 -2.05 0.26 -30.38
C GLY D 155 -2.88 1.11 -29.46
N SER D 156 -3.23 0.57 -28.29
CA SER D 156 -4.23 1.21 -27.46
C SER D 156 -3.81 2.61 -27.01
N ARG D 157 -2.56 2.80 -26.60
CA ARG D 157 -2.05 4.14 -26.30
C ARG D 157 -1.44 4.84 -27.51
N THR D 158 -1.27 4.16 -28.63
CA THR D 158 -0.37 4.65 -29.66
C THR D 158 -0.93 4.41 -31.05
N ILE D 159 -0.42 5.18 -31.99
CA ILE D 159 -0.50 4.84 -33.41
C ILE D 159 0.91 4.95 -33.96
N ASN D 160 1.45 3.82 -34.42
CA ASN D 160 2.76 3.75 -35.04
C ASN D 160 2.57 3.66 -36.55
N ILE D 161 3.32 4.48 -37.28
CA ILE D 161 3.12 4.67 -38.71
C ILE D 161 4.45 4.46 -39.39
N CYS D 162 4.50 3.53 -40.34
CA CYS D 162 5.69 3.30 -41.15
C CYS D 162 5.27 3.38 -42.60
N VAL D 163 5.66 4.46 -43.26
CA VAL D 163 5.31 4.71 -44.66
C VAL D 163 6.45 4.17 -45.52
N LEU D 164 6.14 3.19 -46.37
CA LEU D 164 7.16 2.42 -47.06
C LEU D 164 6.97 2.49 -48.57
N GLU D 165 8.10 2.49 -49.28
CA GLU D 165 8.13 2.27 -50.72
C GLU D 165 8.38 0.78 -50.97
N ASN D 166 8.70 0.42 -52.20
CA ASN D 166 9.05 -0.96 -52.52
C ASN D 166 10.36 -1.31 -51.84
N ALA D 167 10.29 -2.20 -50.85
CA ALA D 167 11.49 -2.76 -50.20
C ALA D 167 12.27 -1.70 -49.43
N LYS D 168 11.59 -0.70 -48.89
CA LYS D 168 12.30 0.32 -48.10
C LYS D 168 11.30 1.25 -47.44
N ILE D 169 11.71 1.83 -46.31
CA ILE D 169 10.91 2.84 -45.63
C ILE D 169 11.00 4.17 -46.38
N VAL D 170 9.94 4.96 -46.26
CA VAL D 170 9.91 6.31 -46.80
C VAL D 170 9.82 7.35 -45.68
N LYS D 171 9.05 7.05 -44.64
CA LYS D 171 8.91 7.93 -43.49
C LYS D 171 8.40 7.11 -42.32
N THR D 172 8.45 7.71 -41.14
CA THR D 172 7.90 7.07 -39.95
C THR D 172 7.36 8.13 -39.00
N ASN D 173 6.44 7.69 -38.14
CA ASN D 173 5.82 8.56 -37.15
C ASN D 173 5.26 7.68 -36.05
N THR D 174 4.96 8.31 -34.91
CA THR D 174 4.26 7.62 -33.84
C THR D 174 3.70 8.66 -32.89
N ILE D 175 2.39 8.58 -32.64
CA ILE D 175 1.72 9.50 -31.73
C ILE D 175 1.03 8.68 -30.66
N LYS D 176 1.28 9.04 -29.39
CA LYS D 176 0.69 8.31 -28.27
C LYS D 176 -0.78 8.66 -28.20
N LEU D 177 -1.55 7.97 -29.03
CA LEU D 177 -2.99 8.14 -29.11
C LEU D 177 -3.62 6.79 -29.43
N GLY D 178 -4.85 6.60 -29.00
CA GLY D 178 -5.55 5.36 -29.29
C GLY D 178 -6.80 5.25 -28.44
N SER D 179 -7.25 4.00 -28.29
CA SER D 179 -8.54 3.76 -27.65
C SER D 179 -8.56 4.27 -26.21
N PHE D 180 -7.41 4.49 -25.59
CA PHE D 180 -7.43 5.00 -24.22
C PHE D 180 -7.88 6.45 -24.19
N ASP D 181 -7.36 7.26 -25.10
CA ASP D 181 -7.80 8.66 -25.13
C ASP D 181 -9.28 8.73 -25.44
N PHE D 182 -9.81 7.79 -26.23
CA PHE D 182 -11.26 7.72 -26.40
C PHE D 182 -11.96 7.36 -25.10
N TYR D 183 -11.43 6.35 -24.39
CA TYR D 183 -12.03 5.99 -23.11
C TYR D 183 -12.01 7.16 -22.15
N SER D 184 -10.92 7.91 -22.13
CA SER D 184 -10.77 9.03 -21.21
C SER D 184 -11.68 10.19 -21.60
N LYS D 185 -11.79 10.46 -22.90
CA LYS D 185 -12.71 11.50 -23.35
C LYS D 185 -14.15 11.13 -23.03
N ILE D 186 -14.49 9.84 -23.17
CA ILE D 186 -15.82 9.37 -22.84
C ILE D 186 -16.06 9.45 -21.34
N LYS D 187 -15.02 9.15 -20.55
CA LYS D 187 -15.12 9.17 -19.09
C LYS D 187 -15.16 10.60 -18.56
N SER D 188 -14.63 11.55 -19.32
CA SER D 188 -14.62 12.94 -18.88
C SER D 188 -16.02 13.44 -18.57
N LEU D 189 -17.04 12.82 -19.17
CA LEU D 189 -18.42 13.19 -18.95
C LEU D 189 -19.29 12.03 -18.51
N GLU D 190 -19.02 10.81 -18.95
CA GLU D 190 -19.77 9.65 -18.49
C GLU D 190 -19.47 9.35 -17.03
N ASN D 191 -18.21 9.50 -16.61
CA ASN D 191 -17.90 9.41 -15.19
C ASN D 191 -18.40 10.64 -14.44
N ALA D 192 -18.54 11.77 -15.14
CA ALA D 192 -19.15 12.95 -14.55
C ALA D 192 -20.63 12.75 -14.26
N LYS D 193 -21.23 11.67 -14.76
CA LYS D 193 -22.58 11.31 -14.36
C LYS D 193 -22.72 11.27 -12.85
N GLY D 194 -21.65 10.89 -12.15
CA GLY D 194 -21.71 10.54 -10.75
C GLY D 194 -21.50 9.05 -10.61
N GLU D 195 -20.72 8.49 -11.54
CA GLU D 195 -20.50 7.06 -11.64
C GLU D 195 -19.02 6.76 -11.47
N ASP D 196 -18.73 5.63 -10.82
CA ASP D 196 -17.35 5.24 -10.49
C ASP D 196 -16.88 4.22 -11.52
N TYR D 197 -16.40 4.72 -12.65
CA TYR D 197 -15.84 3.88 -13.71
C TYR D 197 -14.70 4.64 -14.38
N ILE D 198 -13.81 3.87 -15.01
CA ILE D 198 -12.54 4.39 -15.52
C ILE D 198 -12.24 3.75 -16.86
N GLU D 199 -11.23 4.30 -17.54
CA GLU D 199 -10.80 3.74 -18.82
C GLU D 199 -10.21 2.34 -18.68
N GLU D 200 -9.78 1.96 -17.47
CA GLU D 200 -9.20 0.63 -17.27
C GLU D 200 -10.26 -0.46 -17.31
N ASP D 201 -11.39 -0.23 -16.63
CA ASP D 201 -12.46 -1.22 -16.58
C ASP D 201 -13.53 -0.99 -17.65
N ILE D 202 -13.45 0.12 -18.39
CA ILE D 202 -14.52 0.48 -19.32
C ILE D 202 -14.73 -0.63 -20.34
N GLN D 203 -13.64 -1.06 -20.99
CA GLN D 203 -13.76 -2.02 -22.08
C GLN D 203 -14.48 -3.29 -21.64
N ARG D 204 -14.29 -3.73 -20.40
CA ARG D 204 -15.04 -4.88 -19.90
C ARG D 204 -16.53 -4.58 -19.86
N LEU D 205 -16.89 -3.40 -19.35
CA LEU D 205 -18.31 -3.07 -19.19
C LEU D 205 -19.01 -2.92 -20.54
N ILE D 206 -18.26 -2.53 -21.58
CA ILE D 206 -18.86 -2.58 -22.91
C ILE D 206 -18.84 -4.00 -23.47
N ASP D 207 -17.87 -4.82 -23.06
CA ASP D 207 -17.85 -6.22 -23.50
C ASP D 207 -19.08 -6.96 -22.99
N ASN D 208 -19.41 -6.77 -21.71
CA ASN D 208 -20.64 -7.34 -21.15
C ASN D 208 -21.86 -6.47 -21.44
N GLY D 209 -21.66 -5.24 -21.92
CA GLY D 209 -22.76 -4.37 -22.23
C GLY D 209 -23.40 -3.69 -21.03
N LEU D 210 -22.80 -3.81 -19.85
CA LEU D 210 -23.34 -3.11 -18.68
C LEU D 210 -23.44 -1.62 -18.96
N ILE D 211 -22.50 -1.07 -19.74
CA ILE D 211 -22.60 0.28 -20.27
C ILE D 211 -22.17 0.21 -21.73
N LYS D 212 -22.69 1.13 -22.53
CA LYS D 212 -22.41 1.16 -23.96
C LYS D 212 -22.07 2.58 -24.40
N VAL D 213 -21.52 2.68 -25.61
CA VAL D 213 -20.99 3.93 -26.12
C VAL D 213 -21.47 4.10 -27.56
N ASP D 214 -21.77 5.34 -27.93
CA ASP D 214 -22.29 5.62 -29.26
C ASP D 214 -21.23 5.37 -30.33
N SER D 215 -21.66 4.84 -31.46
CA SER D 215 -20.73 4.59 -32.57
C SER D 215 -20.17 5.89 -33.13
N LYS D 216 -21.00 6.93 -33.21
CA LYS D 216 -20.51 8.18 -33.78
C LYS D 216 -19.34 8.74 -33.01
N GLN D 217 -19.17 8.36 -31.75
CA GLN D 217 -17.98 8.77 -31.01
C GLN D 217 -16.75 8.00 -31.49
N TYR D 218 -16.92 6.71 -31.81
CA TYR D 218 -15.87 5.99 -32.51
C TYR D 218 -15.50 6.72 -33.80
N ILE D 219 -16.51 7.21 -34.51
CA ILE D 219 -16.27 7.93 -35.77
C ILE D 219 -15.55 9.25 -35.49
N GLU D 220 -15.88 9.91 -34.38
CA GLU D 220 -15.17 11.12 -34.00
C GLU D 220 -13.69 10.84 -33.77
N PHE D 221 -13.40 9.75 -33.06
CA PHE D 221 -12.00 9.38 -32.86
C PHE D 221 -11.31 9.09 -34.18
N LEU D 222 -11.99 8.37 -35.08
CA LEU D 222 -11.42 8.09 -36.39
C LEU D 222 -11.12 9.37 -37.14
N SER D 223 -12.06 10.32 -37.13
CA SER D 223 -11.85 11.58 -37.82
C SER D 223 -10.68 12.34 -37.19
N ASP D 224 -10.57 12.32 -35.87
CA ASP D 224 -9.48 13.02 -35.20
C ASP D 224 -8.13 12.45 -35.61
N ILE D 225 -8.02 11.12 -35.61
CA ILE D 225 -6.74 10.51 -35.99
C ILE D 225 -6.44 10.79 -37.45
N LEU D 226 -7.46 10.73 -38.31
CA LEU D 226 -7.24 11.02 -39.73
C LEU D 226 -6.76 12.46 -39.92
N ASN D 227 -7.35 13.40 -39.20
CA ASN D 227 -6.89 14.79 -39.27
C ASN D 227 -5.46 14.90 -38.77
N ALA D 228 -5.12 14.13 -37.73
CA ALA D 228 -3.76 14.17 -37.19
C ALA D 228 -2.74 13.68 -38.20
N VAL D 229 -3.07 12.63 -38.94
CA VAL D 229 -2.09 12.01 -39.84
C VAL D 229 -1.94 12.75 -41.16
N LYS D 230 -2.87 13.63 -41.50
CA LYS D 230 -2.87 14.26 -42.83
C LYS D 230 -1.54 14.92 -43.18
N PRO D 231 -0.92 15.71 -42.31
CA PRO D 231 0.29 16.43 -42.74
C PRO D 231 1.40 15.51 -43.26
N TYR D 232 1.54 14.32 -42.67
CA TYR D 232 2.62 13.43 -43.07
C TYR D 232 2.27 12.64 -44.31
N VAL D 233 1.09 12.01 -44.33
CA VAL D 233 0.77 10.96 -45.30
C VAL D 233 -0.55 11.28 -45.98
N ASN D 234 -0.62 10.95 -47.27
CA ASN D 234 -1.88 10.88 -47.99
C ASN D 234 -2.38 9.44 -47.91
N LEU D 235 -3.39 9.21 -47.06
CA LEU D 235 -3.80 7.84 -46.77
C LEU D 235 -4.27 7.11 -48.03
N LYS D 236 -4.82 7.84 -49.00
CA LYS D 236 -5.19 7.21 -50.26
C LYS D 236 -3.96 6.62 -50.93
N THR D 237 -2.86 7.36 -50.93
CA THR D 237 -1.56 6.80 -51.26
C THR D 237 -1.09 5.91 -50.10
N TYR D 238 -0.10 5.06 -50.40
CA TYR D 238 0.49 4.19 -49.38
C TYR D 238 -0.57 3.28 -48.76
N ASN D 239 -1.05 2.35 -49.59
CA ASN D 239 -2.07 1.41 -49.16
C ASN D 239 -1.83 0.97 -47.72
N THR D 240 -2.84 1.16 -46.89
CA THR D 240 -2.66 1.13 -45.44
C THR D 240 -3.06 -0.23 -44.89
N ILE D 241 -2.15 -0.85 -44.14
CA ILE D 241 -2.38 -2.13 -43.49
C ILE D 241 -2.52 -1.85 -42.00
N PHE D 242 -3.72 -2.04 -41.47
CA PHE D 242 -3.98 -1.79 -40.06
C PHE D 242 -3.59 -3.01 -39.23
N THR D 243 -2.83 -2.75 -38.16
CA THR D 243 -2.35 -3.79 -37.28
C THR D 243 -2.60 -3.36 -35.84
N GLY D 244 -2.40 -4.28 -34.91
CA GLY D 244 -2.66 -4.02 -33.51
C GLY D 244 -4.10 -4.29 -33.13
N GLY D 245 -4.34 -4.28 -31.81
CA GLY D 245 -5.66 -4.60 -31.30
C GLY D 245 -6.65 -3.46 -31.39
N THR D 246 -6.18 -2.21 -31.37
CA THR D 246 -7.10 -1.08 -31.49
C THR D 246 -7.70 -1.00 -32.89
N SER D 247 -7.03 -1.58 -33.90
CA SER D 247 -7.67 -1.71 -35.20
C SER D 247 -8.92 -2.57 -35.11
N LEU D 248 -8.97 -3.46 -34.13
CA LEU D 248 -10.15 -4.31 -33.92
C LEU D 248 -11.25 -3.58 -33.16
N MET D 249 -10.95 -2.43 -32.55
CA MET D 249 -12.02 -1.54 -32.09
C MET D 249 -12.92 -1.15 -33.25
N LEU D 250 -12.33 -0.87 -34.41
CA LEU D 250 -12.98 -0.05 -35.41
C LEU D 250 -13.02 -0.68 -36.79
N LYS D 251 -12.52 -1.90 -36.99
CA LYS D 251 -12.58 -2.53 -38.31
C LYS D 251 -13.91 -2.26 -39.00
N GLU D 252 -15.00 -2.29 -38.23
CA GLU D 252 -16.34 -2.12 -38.81
C GLU D 252 -16.50 -0.77 -39.49
N TYR D 253 -15.84 0.26 -38.98
CA TYR D 253 -15.91 1.60 -39.56
C TYR D 253 -14.72 1.90 -40.46
N ILE D 254 -13.59 1.25 -40.19
CA ILE D 254 -12.43 1.35 -41.06
C ILE D 254 -12.76 0.85 -42.46
N GLU D 255 -13.46 -0.28 -42.54
CA GLU D 255 -13.93 -0.77 -43.83
C GLU D 255 -14.85 0.23 -44.53
N LYS D 256 -15.49 1.12 -43.76
CA LYS D 256 -16.39 2.12 -44.32
C LYS D 256 -15.67 3.39 -44.77
N LEU D 257 -14.36 3.48 -44.58
CA LEU D 257 -13.64 4.70 -44.90
C LEU D 257 -13.66 4.94 -46.41
N PRO D 258 -13.57 6.19 -46.84
CA PRO D 258 -13.56 6.50 -48.28
C PRO D 258 -12.24 6.23 -48.97
N LEU D 259 -11.32 5.53 -48.32
CA LEU D 259 -9.99 5.34 -48.86
C LEU D 259 -10.01 4.36 -50.03
N ASN D 260 -8.99 4.49 -50.89
CA ASN D 260 -8.94 3.69 -52.11
C ASN D 260 -8.38 2.30 -51.86
N LYS D 261 -7.29 2.21 -51.11
CA LYS D 261 -6.60 0.95 -50.89
C LYS D 261 -6.22 0.86 -49.42
N PHE D 262 -6.80 -0.12 -48.72
CA PHE D 262 -6.53 -0.33 -47.31
C PHE D 262 -7.11 -1.69 -46.93
N LYS D 263 -6.71 -2.16 -45.74
CA LYS D 263 -7.23 -3.42 -45.22
C LYS D 263 -6.79 -3.57 -43.77
N VAL D 264 -7.68 -4.12 -42.95
CA VAL D 264 -7.33 -4.56 -41.61
C VAL D 264 -6.77 -5.96 -41.73
N HIS D 265 -5.48 -6.11 -41.42
CA HIS D 265 -4.81 -7.37 -41.64
C HIS D 265 -5.48 -8.48 -40.83
N PRO D 266 -5.74 -9.65 -41.41
CA PRO D 266 -6.23 -10.77 -40.60
C PRO D 266 -5.26 -11.04 -39.46
N ASN D 267 -5.79 -11.22 -38.26
CA ASN D 267 -5.00 -11.26 -37.03
C ASN D 267 -4.12 -10.02 -36.89
N ALA D 268 -4.67 -8.89 -37.35
CA ALA D 268 -3.99 -7.60 -37.34
C ALA D 268 -3.15 -7.39 -36.08
N LEU D 269 -3.69 -7.84 -34.95
CA LEU D 269 -2.98 -7.68 -33.67
C LEU D 269 -1.64 -8.41 -33.69
N THR D 270 -1.58 -9.57 -34.34
CA THR D 270 -0.40 -10.42 -34.31
C THR D 270 0.44 -10.37 -35.58
N SER D 271 0.09 -9.52 -36.54
CA SER D 271 0.80 -9.49 -37.81
C SER D 271 2.25 -9.04 -37.64
N ASN D 272 2.48 -8.07 -36.75
CA ASN D 272 3.82 -7.52 -36.62
C ASN D 272 4.84 -8.59 -36.25
N VAL D 273 4.48 -9.46 -35.31
CA VAL D 273 5.36 -10.58 -34.97
C VAL D 273 5.48 -11.52 -36.16
N ASP D 274 4.39 -11.71 -36.92
CA ASP D 274 4.42 -12.58 -38.08
C ASP D 274 5.49 -12.12 -39.07
N GLY D 275 5.76 -10.82 -39.14
CA GLY D 275 6.82 -10.33 -40.00
C GLY D 275 8.18 -10.31 -39.32
N ALA D 276 8.17 -9.94 -38.05
CA ALA D 276 9.36 -10.07 -37.23
C ALA D 276 9.99 -11.44 -37.38
N MET D 277 9.17 -12.44 -37.71
CA MET D 277 9.70 -13.79 -37.97
C MET D 277 10.37 -13.94 -39.34
N GLU D 278 9.84 -13.32 -40.38
CA GLU D 278 10.63 -13.26 -41.62
C GLU D 278 12.01 -12.70 -41.30
N ALA D 279 12.04 -11.63 -40.51
CA ALA D 279 13.32 -11.04 -40.12
C ALA D 279 14.16 -12.01 -39.29
N SER D 280 13.52 -12.72 -38.37
CA SER D 280 14.22 -13.68 -37.53
C SER D 280 14.94 -14.72 -38.37
N LYS D 281 14.25 -15.27 -39.36
CA LYS D 281 14.90 -16.22 -40.26
C LYS D 281 16.03 -15.56 -41.03
N LYS D 282 15.79 -14.33 -41.51
CA LYS D 282 16.80 -13.67 -42.30
C LYS D 282 18.07 -13.44 -41.50
N VAL D 283 17.99 -13.41 -40.17
CA VAL D 283 19.21 -13.40 -39.38
C VAL D 283 19.71 -14.83 -39.17
N TRP D 284 18.92 -15.67 -38.50
CA TRP D 284 19.36 -17.02 -38.15
C TRP D 284 19.48 -17.94 -39.36
N ASN D 285 18.81 -17.64 -40.46
CA ASN D 285 18.80 -18.53 -41.61
C ASN D 285 18.91 -17.75 -42.92
N MET E 1 -10.86 48.24 -29.15
CA MET E 1 -10.05 48.71 -27.99
C MET E 1 -8.71 47.99 -27.92
N LYS E 2 -8.76 46.76 -27.43
CA LYS E 2 -7.60 46.12 -26.83
C LYS E 2 -6.76 45.40 -27.88
N ILE E 3 -5.44 45.45 -27.69
CA ILE E 3 -4.49 44.83 -28.60
C ILE E 3 -3.59 43.88 -27.80
N THR E 4 -3.16 42.82 -28.46
CA THR E 4 -2.30 41.83 -27.84
C THR E 4 -1.34 41.27 -28.88
N VAL E 5 -0.10 41.03 -28.47
CA VAL E 5 0.86 40.27 -29.27
C VAL E 5 1.26 39.04 -28.47
N VAL E 6 1.12 37.87 -29.08
CA VAL E 6 1.65 36.62 -28.54
C VAL E 6 2.67 36.09 -29.52
N ASP E 7 3.92 36.01 -29.06
CA ASP E 7 5.03 35.49 -29.87
C ASP E 7 5.43 34.13 -29.34
N LEU E 8 5.53 33.15 -30.24
CA LEU E 8 5.71 31.77 -29.83
C LEU E 8 7.17 31.38 -29.63
N GLY E 9 8.11 32.18 -30.11
CA GLY E 9 9.50 32.03 -29.75
C GLY E 9 10.11 30.67 -30.02
N ASN E 10 11.36 30.49 -29.59
CA ASN E 10 12.06 29.21 -29.69
C ASN E 10 12.01 28.42 -28.39
N ILE E 11 12.45 29.02 -27.28
CA ILE E 11 12.45 28.36 -25.99
C ILE E 11 11.27 28.78 -25.12
N ASN E 12 10.77 29.99 -25.32
CA ASN E 12 9.71 30.55 -24.49
C ASN E 12 8.57 31.00 -25.38
N VAL E 13 7.43 31.22 -24.75
CA VAL E 13 6.32 31.89 -25.37
C VAL E 13 6.09 33.21 -24.64
N LYS E 14 5.42 34.14 -25.31
CA LYS E 14 5.59 35.56 -25.07
C LYS E 14 4.22 36.21 -25.19
N TYR E 15 3.81 36.96 -24.17
CA TYR E 15 2.50 37.57 -24.14
C TYR E 15 2.62 39.04 -23.78
N VAL E 16 1.88 39.88 -24.49
CA VAL E 16 1.78 41.29 -24.15
C VAL E 16 0.37 41.77 -24.49
N GLY E 17 -0.25 42.48 -23.56
CA GLY E 17 -1.65 42.81 -23.62
C GLY E 17 -2.03 43.63 -22.39
N GLU E 18 -3.11 43.24 -21.71
CA GLU E 18 -3.37 43.81 -20.39
C GLU E 18 -2.21 43.54 -19.44
N ASN E 19 -1.39 42.54 -19.73
CA ASN E 19 -0.21 42.21 -18.94
C ASN E 19 0.90 41.79 -19.90
N LYS E 20 2.14 41.85 -19.41
CA LYS E 20 3.31 41.55 -20.22
C LYS E 20 4.16 40.48 -19.55
N GLY E 21 4.82 39.68 -20.36
CA GLY E 21 5.78 38.73 -19.84
C GLY E 21 5.96 37.56 -20.81
N ARG E 22 6.54 36.49 -20.27
CA ARG E 22 6.84 35.30 -21.05
C ARG E 22 6.94 34.12 -20.08
N PHE E 23 7.14 32.93 -20.65
CA PHE E 23 7.38 31.74 -19.84
C PHE E 23 7.91 30.65 -20.74
N SER E 24 8.34 29.56 -20.14
CA SER E 24 8.99 28.48 -20.88
C SER E 24 8.04 27.86 -21.90
N SER E 25 8.62 27.38 -22.99
CA SER E 25 7.86 26.68 -24.03
C SER E 25 7.69 25.20 -23.73
N LYS E 26 8.22 24.71 -22.62
CA LYS E 26 8.12 23.29 -22.30
C LYS E 26 6.66 22.90 -22.11
N ILE E 27 6.31 21.70 -22.57
CA ILE E 27 4.94 21.18 -22.48
C ILE E 27 4.95 19.77 -21.91
N THR E 28 4.05 19.53 -20.96
CA THR E 28 3.71 18.18 -20.53
C THR E 28 2.20 17.99 -20.63
N ASN E 29 1.81 16.97 -21.39
CA ASN E 29 0.52 16.32 -21.19
C ASN E 29 0.75 14.87 -20.83
N ASP E 30 1.99 14.52 -20.50
CA ASP E 30 2.39 13.20 -20.05
C ASP E 30 2.03 13.10 -18.56
N TYR E 31 2.58 12.13 -17.81
CA TYR E 31 2.05 11.95 -16.47
C TYR E 31 1.82 13.22 -15.69
N GLN E 32 0.81 13.15 -14.85
CA GLN E 32 0.41 14.28 -14.06
C GLN E 32 -0.29 13.76 -12.82
N SER E 33 0.23 14.09 -11.66
CA SER E 33 -0.39 13.70 -10.41
C SER E 33 -0.86 14.90 -9.60
N TYR E 34 0.03 15.85 -9.31
CA TYR E 34 -0.28 16.95 -8.39
C TYR E 34 -0.84 18.12 -9.19
N GLU E 35 -2.13 18.02 -9.54
CA GLU E 35 -2.78 19.06 -10.32
C GLU E 35 -2.58 20.43 -9.69
N GLU E 36 -2.62 20.51 -8.36
CA GLU E 36 -2.65 21.79 -7.69
C GLU E 36 -1.30 22.51 -7.76
N GLY E 37 -0.19 21.76 -7.85
CA GLY E 37 1.12 22.35 -7.85
C GLY E 37 1.65 22.79 -9.20
N PHE E 38 0.88 22.63 -10.27
CA PHE E 38 1.32 23.00 -11.60
C PHE E 38 0.22 23.79 -12.31
N GLN E 39 0.65 24.72 -13.15
CA GLN E 39 -0.30 25.38 -14.04
C GLN E 39 -0.91 24.35 -14.99
N ARG E 40 -2.21 24.46 -15.22
CA ARG E 40 -2.95 23.40 -15.90
C ARG E 40 -4.10 24.00 -16.67
N VAL E 41 -4.42 23.39 -17.80
CA VAL E 41 -5.54 23.81 -18.63
C VAL E 41 -6.02 22.65 -19.47
N GLU E 42 -7.33 22.52 -19.58
CA GLU E 42 -7.97 21.47 -20.39
C GLU E 42 -8.90 22.12 -21.39
N TYR E 43 -8.80 21.70 -22.65
CA TYR E 43 -9.62 22.23 -23.72
C TYR E 43 -9.77 21.20 -24.82
N ASN E 44 -11.02 20.94 -25.21
CA ASN E 44 -11.34 20.04 -26.32
C ASN E 44 -10.67 18.68 -26.16
N GLY E 45 -10.65 18.18 -24.91
CA GLY E 45 -10.09 16.88 -24.63
C GLY E 45 -8.59 16.85 -24.45
N ILE E 46 -7.92 18.00 -24.58
CA ILE E 46 -6.47 18.10 -24.40
C ILE E 46 -6.22 18.70 -23.03
N LYS E 47 -5.63 17.93 -22.13
CA LYS E 47 -5.23 18.40 -20.81
C LYS E 47 -3.72 18.58 -20.79
N THR E 48 -3.27 19.79 -20.48
CA THR E 48 -1.87 20.14 -20.55
C THR E 48 -1.47 20.93 -19.31
N TYR E 49 -0.19 20.87 -18.98
CA TYR E 49 0.36 21.55 -17.82
C TYR E 49 1.61 22.30 -18.27
N ILE E 50 1.71 23.56 -17.84
CA ILE E 50 2.40 24.59 -18.58
C ILE E 50 3.83 24.73 -18.06
N GLY E 51 4.78 24.82 -19.00
CA GLY E 51 6.15 25.13 -18.66
C GLY E 51 6.97 23.96 -18.15
N VAL E 52 6.61 22.74 -18.53
CA VAL E 52 7.36 21.55 -18.11
C VAL E 52 6.94 20.36 -18.95
N GLY E 53 7.88 19.44 -19.22
CA GLY E 53 7.54 18.22 -19.92
C GLY E 53 8.46 17.87 -21.07
N GLU E 54 7.92 17.86 -22.28
CA GLU E 54 8.67 17.50 -23.49
C GLU E 54 8.69 18.70 -24.44
N LEU E 55 9.83 18.93 -25.04
CA LEU E 55 9.93 19.94 -26.09
C LEU E 55 10.55 19.39 -27.37
N SER E 56 11.56 18.53 -27.25
CA SER E 56 12.11 17.75 -28.36
C SER E 56 12.32 18.43 -29.70
N ARG E 57 12.68 19.72 -29.71
CA ARG E 57 13.18 20.40 -30.90
C ARG E 57 12.28 20.28 -32.13
N GLU E 58 10.99 20.00 -31.94
CA GLU E 58 10.10 19.68 -33.06
C GLU E 58 9.57 20.92 -33.76
N PHE E 59 9.43 20.79 -35.07
CA PHE E 59 8.69 21.73 -35.90
C PHE E 59 7.21 21.67 -35.50
N ASN E 60 6.37 22.42 -36.21
CA ASN E 60 4.93 22.32 -36.02
C ASN E 60 4.53 22.71 -34.60
N LYS E 61 5.30 23.60 -33.98
CA LYS E 61 4.91 24.13 -32.68
C LYS E 61 3.52 24.75 -32.76
N ALA E 62 3.12 25.19 -33.94
CA ALA E 62 1.80 25.76 -34.18
C ALA E 62 0.75 24.70 -34.49
N ASP E 63 1.03 23.43 -34.21
CA ASP E 63 0.01 22.40 -34.33
C ASP E 63 0.01 21.36 -33.22
N ARG E 64 1.07 21.26 -32.41
CA ARG E 64 1.21 20.16 -31.45
C ARG E 64 0.87 20.66 -30.05
N ASP E 65 -0.43 20.71 -29.76
CA ASP E 65 -0.96 20.95 -28.43
C ASP E 65 -0.51 22.28 -27.83
N TYR E 66 0.17 23.13 -28.60
CA TYR E 66 0.48 24.47 -28.11
C TYR E 66 -0.78 25.27 -27.83
N MET E 67 -1.90 24.85 -28.40
CA MET E 67 -3.16 25.58 -28.24
C MET E 67 -3.35 26.00 -26.79
N ALA E 68 -3.49 25.00 -25.91
CA ALA E 68 -3.58 25.26 -24.48
C ALA E 68 -2.55 26.30 -24.07
N GLN E 69 -1.28 25.99 -24.29
CA GLN E 69 -0.21 26.92 -23.97
C GLN E 69 -0.51 28.31 -24.52
N LEU E 70 -0.75 28.39 -25.83
CA LEU E 70 -1.05 29.68 -26.44
C LEU E 70 -2.17 30.38 -25.67
N LEU E 71 -3.28 29.66 -25.45
CA LEU E 71 -4.38 30.24 -24.68
C LEU E 71 -3.87 30.74 -23.33
N TYR E 72 -3.11 29.88 -22.62
CA TYR E 72 -2.51 30.29 -21.36
C TYR E 72 -1.77 31.60 -21.51
N SER E 73 -0.91 31.70 -22.54
CA SER E 73 -0.14 32.93 -22.71
C SER E 73 -1.06 34.12 -22.89
N LEU E 74 -2.13 33.95 -23.66
CA LEU E 74 -3.09 35.05 -23.80
C LEU E 74 -3.71 35.38 -22.46
N ALA E 75 -4.06 34.37 -21.66
CA ALA E 75 -4.54 34.62 -20.31
C ALA E 75 -3.50 35.36 -19.47
N LYS E 76 -2.22 35.12 -19.75
CA LYS E 76 -1.18 35.81 -18.99
C LYS E 76 -1.18 37.31 -19.29
N ALA E 77 -1.17 37.67 -20.57
CA ALA E 77 -1.24 39.08 -20.94
C ALA E 77 -2.62 39.67 -20.69
N ASN E 78 -3.63 38.84 -20.44
CA ASN E 78 -4.99 39.27 -20.24
C ASN E 78 -5.40 39.07 -18.79
N THR E 79 -6.60 39.54 -18.45
CA THR E 79 -7.16 39.28 -17.14
C THR E 79 -7.72 37.86 -17.08
N ALA E 80 -8.10 37.45 -15.88
CA ALA E 80 -8.58 36.09 -15.67
C ALA E 80 -10.03 35.89 -16.12
N ASP E 81 -10.71 36.96 -16.55
CA ASP E 81 -12.11 36.89 -16.95
C ASP E 81 -12.35 37.51 -18.32
N THR E 82 -11.36 37.40 -19.21
CA THR E 82 -11.46 38.01 -20.52
C THR E 82 -12.36 37.21 -21.45
N LYS E 83 -13.01 37.91 -22.38
CA LYS E 83 -13.90 37.29 -23.35
C LYS E 83 -13.69 37.77 -24.78
N GLU E 84 -13.06 38.92 -25.00
CA GLU E 84 -12.86 39.44 -26.34
C GLU E 84 -11.58 40.26 -26.38
N ILE E 85 -10.71 39.96 -27.34
CA ILE E 85 -9.48 40.72 -27.56
C ILE E 85 -9.10 40.63 -29.03
N ASN E 86 -8.35 41.63 -29.48
CA ASN E 86 -7.81 41.63 -30.83
C ASN E 86 -6.41 41.07 -30.81
N LEU E 87 -6.09 40.24 -31.81
CA LEU E 87 -4.89 39.39 -31.77
C LEU E 87 -3.89 39.78 -32.84
N THR E 88 -2.67 40.07 -32.41
CA THR E 88 -1.48 39.99 -33.26
C THR E 88 -0.69 38.77 -32.82
N LEU E 89 -0.38 37.89 -33.77
CA LEU E 89 0.45 36.73 -33.51
C LEU E 89 1.72 36.83 -34.34
N LEU E 90 2.65 35.92 -34.09
CA LEU E 90 3.86 35.87 -34.87
C LEU E 90 4.33 34.42 -34.98
N LEU E 91 5.01 34.14 -36.08
CA LEU E 91 5.68 32.87 -36.26
C LEU E 91 7.04 33.10 -36.90
N PRO E 92 7.99 32.20 -36.69
CA PRO E 92 9.28 32.34 -37.38
C PRO E 92 9.06 32.39 -38.88
N ILE E 93 10.03 32.99 -39.58
CA ILE E 93 9.85 33.24 -41.01
C ILE E 93 9.46 31.97 -41.72
N ILE E 94 10.33 30.96 -41.69
CA ILE E 94 10.10 29.75 -42.46
C ILE E 94 8.75 29.14 -42.10
N GLN E 95 8.47 29.03 -40.81
CA GLN E 95 7.27 28.32 -40.39
C GLN E 95 6.00 28.90 -40.99
N MET E 96 6.06 30.12 -41.54
CA MET E 96 4.86 30.67 -42.18
C MET E 96 4.33 29.77 -43.28
N LYS E 97 5.08 28.77 -43.73
CA LYS E 97 4.48 27.86 -44.70
C LYS E 97 3.21 27.21 -44.16
N ASN E 98 2.87 27.45 -42.89
CA ASN E 98 1.68 26.92 -42.26
C ASN E 98 0.66 28.00 -41.88
N LYS E 99 0.84 29.24 -42.33
CA LYS E 99 -0.06 30.32 -41.91
C LYS E 99 -1.52 29.94 -42.12
N THR E 100 -1.91 29.74 -43.38
CA THR E 100 -3.31 29.82 -43.79
C THR E 100 -4.22 29.11 -42.80
N ARG E 101 -4.08 27.79 -42.67
CA ARG E 101 -5.03 27.04 -41.85
C ARG E 101 -5.15 27.66 -40.47
N LEU E 102 -4.02 27.87 -39.80
CA LEU E 102 -4.03 28.46 -38.46
C LEU E 102 -4.97 29.66 -38.44
N ILE E 103 -4.74 30.61 -39.34
CA ILE E 103 -5.55 31.83 -39.36
C ILE E 103 -7.03 31.48 -39.39
N GLU E 104 -7.47 30.72 -40.39
CA GLU E 104 -8.90 30.45 -40.48
C GLU E 104 -9.35 29.43 -39.46
N THR E 105 -8.42 28.68 -38.87
CA THR E 105 -8.80 27.83 -37.75
C THR E 105 -8.94 28.62 -36.47
N LEU E 106 -8.55 29.89 -36.47
CA LEU E 106 -8.65 30.75 -35.30
C LEU E 106 -9.48 32.00 -35.54
N LYS E 107 -9.43 32.56 -36.74
CA LYS E 107 -9.95 33.90 -37.04
C LYS E 107 -11.32 34.13 -36.42
N GLY E 108 -11.40 35.15 -35.57
CA GLY E 108 -12.68 35.64 -35.08
C GLY E 108 -13.54 34.58 -34.44
N GLU E 109 -12.92 33.65 -33.73
CA GLU E 109 -13.62 32.53 -33.12
C GLU E 109 -13.46 32.57 -31.61
N ASN E 110 -14.31 31.81 -30.93
CA ASN E 110 -14.26 31.66 -29.48
C ASN E 110 -13.80 30.27 -29.12
N PHE E 111 -12.96 30.17 -28.09
CA PHE E 111 -12.32 28.93 -27.71
C PHE E 111 -12.40 28.75 -26.21
N LYS E 112 -12.65 27.52 -25.79
CA LYS E 112 -12.87 27.18 -24.39
C LYS E 112 -11.57 26.74 -23.73
N PHE E 113 -11.64 26.52 -22.42
CA PHE E 113 -10.54 25.93 -21.67
C PHE E 113 -10.99 25.77 -20.22
N LYS E 114 -10.15 25.10 -19.43
CA LYS E 114 -10.41 24.85 -18.03
C LYS E 114 -9.45 25.58 -17.10
N PHE E 115 -8.46 26.30 -17.65
CA PHE E 115 -7.21 26.57 -16.96
C PHE E 115 -7.38 26.78 -15.46
N ASN E 116 -6.64 26.00 -14.67
CA ASN E 116 -6.55 26.17 -13.21
C ASN E 116 -7.92 26.32 -12.56
N GLY E 117 -8.98 25.89 -13.25
CA GLY E 117 -10.32 26.02 -12.74
C GLY E 117 -11.03 27.32 -13.09
N ILE E 118 -10.32 28.31 -13.65
CA ILE E 118 -11.01 29.53 -14.07
C ILE E 118 -11.97 29.20 -15.22
N ASP E 119 -11.57 28.29 -16.09
CA ASP E 119 -12.49 27.55 -16.96
C ASP E 119 -13.49 28.47 -17.65
N ARG E 120 -12.97 29.31 -18.54
CA ARG E 120 -13.77 30.19 -19.35
C ARG E 120 -13.39 30.06 -20.81
N GLU E 121 -14.33 30.34 -21.69
CA GLU E 121 -14.08 30.44 -23.12
C GLU E 121 -13.99 31.90 -23.53
N ILE E 122 -13.12 32.17 -24.49
CA ILE E 122 -12.78 33.54 -24.87
C ILE E 122 -12.88 33.67 -26.39
N LYS E 123 -13.51 34.73 -26.85
CA LYS E 123 -13.53 35.07 -28.27
C LYS E 123 -12.34 35.96 -28.60
N ILE E 124 -11.94 35.92 -29.87
CA ILE E 124 -10.86 36.76 -30.37
C ILE E 124 -11.41 37.65 -31.46
N ASN E 125 -11.02 38.92 -31.45
CA ASN E 125 -11.60 39.89 -32.37
C ASN E 125 -11.02 39.75 -33.77
N ASP E 126 -9.72 39.49 -33.89
CA ASP E 126 -9.10 39.31 -35.19
C ASP E 126 -7.65 38.88 -34.98
N LEU E 127 -7.14 38.09 -35.92
CA LEU E 127 -5.75 37.64 -35.91
C LEU E 127 -4.99 38.29 -37.06
N MET E 128 -3.77 38.71 -36.76
CA MET E 128 -2.87 39.23 -37.79
C MET E 128 -1.44 38.82 -37.40
N VAL E 129 -0.74 38.15 -38.30
CA VAL E 129 0.48 37.43 -37.96
C VAL E 129 1.67 38.13 -38.61
N LEU E 130 2.79 38.12 -37.90
CA LEU E 130 4.05 38.69 -38.36
C LEU E 130 5.16 37.65 -38.29
N PRO E 131 6.18 37.77 -39.14
CA PRO E 131 7.36 36.90 -39.01
C PRO E 131 8.12 37.22 -37.74
N GLU E 132 8.25 36.22 -36.86
CA GLU E 132 9.07 36.40 -35.67
C GLU E 132 10.50 36.74 -36.08
N GLY E 133 11.10 37.67 -35.35
CA GLY E 133 12.39 38.21 -35.71
C GLY E 133 12.28 39.46 -36.57
N TYR E 134 11.42 39.43 -37.58
CA TYR E 134 11.27 40.58 -38.48
C TYR E 134 10.67 41.78 -37.77
N ALA E 135 9.73 41.56 -36.85
CA ALA E 135 8.99 42.68 -36.28
C ALA E 135 9.89 43.66 -35.54
N SER E 136 11.09 43.24 -35.13
CA SER E 136 12.01 44.17 -34.49
C SER E 136 12.24 45.38 -35.37
N TYR E 137 12.15 45.21 -36.69
CA TYR E 137 12.18 46.33 -37.62
C TYR E 137 11.43 47.55 -37.11
N TYR E 138 10.17 47.37 -36.69
CA TYR E 138 9.38 48.53 -36.32
C TYR E 138 9.85 49.12 -34.98
N SER E 139 10.35 48.28 -34.08
CA SER E 139 10.91 48.81 -32.84
C SER E 139 12.10 49.71 -33.09
N LEU E 140 12.73 49.58 -34.26
CA LEU E 140 13.82 50.45 -34.63
C LEU E 140 13.33 51.90 -34.73
N ASP E 141 14.20 52.83 -34.38
CA ASP E 141 13.95 54.24 -34.63
C ASP E 141 14.62 54.65 -35.94
N ILE E 142 14.19 55.79 -36.47
CA ILE E 142 14.81 56.36 -37.65
C ILE E 142 16.29 56.64 -37.43
N GLU E 143 16.76 56.58 -36.17
CA GLU E 143 18.17 56.77 -35.88
C GLU E 143 19.05 55.77 -36.61
N ASN E 144 18.51 54.61 -36.97
CA ASN E 144 19.24 53.64 -37.78
C ASN E 144 18.45 53.10 -38.97
N LYS E 145 17.11 53.15 -38.94
CA LYS E 145 16.34 52.76 -40.11
C LYS E 145 16.56 53.70 -41.29
N LYS E 146 16.99 54.94 -41.02
CA LYS E 146 17.37 55.84 -42.10
C LYS E 146 18.52 55.27 -42.93
N GLY E 147 19.28 54.33 -42.37
CA GLY E 147 20.32 53.64 -43.11
C GLY E 147 20.02 52.16 -43.21
N ASP E 148 20.64 51.48 -44.16
CA ASP E 148 20.41 50.05 -44.33
C ASP E 148 20.87 49.31 -43.09
N VAL E 149 20.10 48.30 -42.68
CA VAL E 149 20.30 47.60 -41.42
C VAL E 149 20.05 46.11 -41.64
N CYS E 150 20.23 45.34 -40.57
CA CYS E 150 20.04 43.90 -40.59
C CYS E 150 19.44 43.48 -39.24
N ILE E 151 18.15 43.18 -39.24
CA ILE E 151 17.53 42.54 -38.07
C ILE E 151 18.08 41.12 -37.98
N LEU E 152 18.75 40.81 -36.87
CA LEU E 152 19.49 39.56 -36.72
C LEU E 152 19.02 38.91 -35.43
N ASP E 153 17.99 38.07 -35.53
CA ASP E 153 17.43 37.40 -34.36
C ASP E 153 18.15 36.07 -34.17
N LEU E 154 19.03 36.02 -33.18
CA LEU E 154 19.64 34.77 -32.76
C LEU E 154 18.69 34.08 -31.80
N GLY E 155 17.88 33.18 -32.32
CA GLY E 155 17.09 32.32 -31.48
C GLY E 155 17.86 31.04 -31.23
N SER E 156 17.46 30.31 -30.18
CA SER E 156 18.29 29.20 -29.70
C SER E 156 18.50 28.13 -30.77
N ARG E 157 17.45 27.76 -31.51
CA ARG E 157 17.62 26.83 -32.63
C ARG E 157 17.90 27.53 -33.95
N THR E 158 17.81 28.86 -34.00
CA THR E 158 17.69 29.53 -35.29
C THR E 158 18.51 30.82 -35.31
N ILE E 159 18.81 31.26 -36.52
CA ILE E 159 19.20 32.64 -36.78
C ILE E 159 18.32 33.12 -37.91
N ASN E 160 17.49 34.12 -37.62
CA ASN E 160 16.63 34.76 -38.61
C ASN E 160 17.26 36.10 -39.01
N ILE E 161 17.32 36.34 -40.30
CA ILE E 161 18.08 37.45 -40.87
C ILE E 161 17.16 38.21 -41.80
N CYS E 162 16.98 39.50 -41.53
CA CYS E 162 16.20 40.38 -42.40
C CYS E 162 17.08 41.57 -42.76
N VAL E 163 17.54 41.60 -44.00
CA VAL E 163 18.42 42.64 -44.49
C VAL E 163 17.56 43.71 -45.13
N LEU E 164 17.60 44.93 -44.59
CA LEU E 164 16.65 45.97 -44.93
C LEU E 164 17.35 47.22 -45.44
N GLU E 165 16.71 47.89 -46.39
CA GLU E 165 17.07 49.23 -46.81
C GLU E 165 16.22 50.23 -46.02
N ASN E 166 16.22 51.49 -46.43
CA ASN E 166 15.36 52.49 -45.80
C ASN E 166 13.90 52.15 -46.09
N ALA E 167 13.17 51.76 -45.04
CA ALA E 167 11.72 51.55 -45.13
C ALA E 167 11.36 50.39 -46.05
N LYS E 168 12.21 49.37 -46.14
CA LYS E 168 11.88 48.22 -46.96
C LYS E 168 12.92 47.11 -46.76
N ILE E 169 12.48 45.88 -46.99
CA ILE E 169 13.37 44.73 -46.95
C ILE E 169 14.23 44.69 -48.21
N VAL E 170 15.43 44.14 -48.08
CA VAL E 170 16.31 43.90 -49.21
C VAL E 170 16.51 42.41 -49.45
N LYS E 171 16.63 41.63 -48.37
CA LYS E 171 16.77 40.18 -48.47
C LYS E 171 16.35 39.57 -47.14
N THR E 172 16.21 38.24 -47.14
CA THR E 172 15.91 37.54 -45.91
C THR E 172 16.54 36.15 -45.97
N ASN E 173 16.75 35.60 -44.77
CA ASN E 173 17.34 34.26 -44.63
C ASN E 173 16.96 33.74 -43.25
N THR E 174 17.12 32.44 -43.08
CA THR E 174 16.94 31.84 -41.76
C THR E 174 17.59 30.46 -41.78
N ILE E 175 18.50 30.22 -40.84
CA ILE E 175 19.18 28.93 -40.73
C ILE E 175 18.94 28.39 -39.33
N LYS E 176 18.49 27.14 -39.25
CA LYS E 176 18.19 26.52 -37.96
C LYS E 176 19.52 26.21 -37.28
N LEU E 177 20.08 27.24 -36.65
CA LEU E 177 21.34 27.13 -35.93
C LEU E 177 21.26 28.07 -34.73
N GLY E 178 22.00 27.74 -33.68
CA GLY E 178 22.04 28.58 -32.51
C GLY E 178 22.68 27.85 -31.35
N SER E 179 22.36 28.34 -30.15
CA SER E 179 23.05 27.85 -28.96
C SER E 179 22.82 26.35 -28.74
N PHE E 180 21.79 25.76 -29.37
CA PHE E 180 21.59 24.33 -29.18
C PHE E 180 22.66 23.53 -29.91
N ASP E 181 22.97 23.92 -31.14
CA ASP E 181 24.02 23.22 -31.86
C ASP E 181 25.35 23.35 -31.13
N PHE E 182 25.57 24.48 -30.46
CA PHE E 182 26.74 24.60 -29.61
C PHE E 182 26.67 23.64 -28.43
N TYR E 183 25.50 23.57 -27.77
CA TYR E 183 25.35 22.63 -26.66
C TYR E 183 25.59 21.21 -27.13
N SER E 184 25.09 20.86 -28.31
CA SER E 184 25.21 19.50 -28.82
C SER E 184 26.64 19.20 -29.24
N LYS E 185 27.32 20.16 -29.85
CA LYS E 185 28.73 19.97 -30.20
C LYS E 185 29.56 19.80 -28.94
N ILE E 186 29.24 20.57 -27.90
CA ILE E 186 29.96 20.47 -26.63
C ILE E 186 29.66 19.12 -25.97
N LYS E 187 28.41 18.66 -26.08
CA LYS E 187 28.00 17.40 -25.48
C LYS E 187 28.55 16.20 -26.25
N SER E 188 28.88 16.39 -27.53
CA SER E 188 29.41 15.31 -28.34
C SER E 188 30.66 14.71 -27.72
N LEU E 189 31.37 15.48 -26.91
CA LEU E 189 32.58 15.04 -26.24
C LEU E 189 32.54 15.20 -24.73
N GLU E 190 31.86 16.23 -24.22
CA GLU E 190 31.72 16.39 -22.77
C GLU E 190 30.82 15.31 -22.19
N ASN E 191 29.76 14.94 -22.89
CA ASN E 191 28.97 13.78 -22.47
C ASN E 191 29.72 12.48 -22.75
N ALA E 192 30.64 12.50 -23.71
CA ALA E 192 31.51 11.35 -23.95
C ALA E 192 32.48 11.13 -22.81
N LYS E 193 32.59 12.07 -21.88
CA LYS E 193 33.35 11.84 -20.65
C LYS E 193 32.91 10.56 -19.96
N GLY E 194 31.63 10.22 -20.09
CA GLY E 194 31.02 9.20 -19.27
C GLY E 194 30.05 9.86 -18.31
N GLU E 195 29.49 10.98 -18.73
CA GLU E 195 28.63 11.81 -17.91
C GLU E 195 27.24 11.90 -18.52
N ASP E 196 26.22 11.94 -17.66
CA ASP E 196 24.83 11.93 -18.10
C ASP E 196 24.29 13.36 -18.07
N TYR E 197 24.56 14.10 -19.15
CA TYR E 197 24.07 15.45 -19.30
C TYR E 197 23.77 15.71 -20.77
N ILE E 198 22.89 16.69 -21.02
CA ILE E 198 22.32 16.92 -22.34
C ILE E 198 22.23 18.42 -22.58
N GLU E 199 21.94 18.77 -23.84
CA GLU E 199 21.76 20.18 -24.21
C GLU E 199 20.55 20.79 -23.52
N GLU E 200 19.60 19.98 -23.06
CA GLU E 200 18.41 20.52 -22.41
C GLU E 200 18.72 21.05 -21.02
N ASP E 201 19.49 20.30 -20.22
CA ASP E 201 19.83 20.72 -18.87
C ASP E 201 21.16 21.46 -18.80
N ILE E 202 21.92 21.52 -19.89
CA ILE E 202 23.27 22.08 -19.85
C ILE E 202 23.24 23.51 -19.35
N GLN E 203 22.38 24.35 -19.95
CA GLN E 203 22.38 25.77 -19.63
C GLN E 203 22.17 26.00 -18.14
N ARG E 204 21.36 25.17 -17.48
CA ARG E 204 21.21 25.29 -16.03
C ARG E 204 22.52 25.03 -15.32
N LEU E 205 23.23 23.97 -15.72
CA LEU E 205 24.46 23.59 -15.04
C LEU E 205 25.56 24.63 -15.24
N ILE E 206 25.53 25.36 -16.35
CA ILE E 206 26.44 26.50 -16.46
C ILE E 206 25.91 27.71 -15.70
N ASP E 207 24.58 27.83 -15.56
CA ASP E 207 24.02 28.92 -14.76
C ASP E 207 24.45 28.80 -13.30
N ASN E 208 24.37 27.59 -12.75
CA ASN E 208 24.86 27.35 -11.40
C ASN E 208 26.36 27.07 -11.37
N GLY E 209 26.98 26.87 -12.54
CA GLY E 209 28.40 26.62 -12.61
C GLY E 209 28.84 25.22 -12.23
N LEU E 210 27.88 24.30 -12.05
CA LEU E 210 28.26 22.92 -11.78
C LEU E 210 29.18 22.38 -12.86
N ILE E 211 28.98 22.82 -14.11
CA ILE E 211 29.92 22.57 -15.19
C ILE E 211 30.05 23.88 -15.97
N LYS E 212 31.20 24.08 -16.60
CA LYS E 212 31.48 25.30 -17.33
C LYS E 212 32.08 24.96 -18.69
N VAL E 213 32.11 25.96 -19.56
CA VAL E 213 32.48 25.80 -20.96
C VAL E 213 33.45 26.91 -21.33
N ASP E 214 34.44 26.58 -22.16
CA ASP E 214 35.45 27.56 -22.54
C ASP E 214 34.86 28.64 -23.42
N SER E 215 35.33 29.87 -23.22
CA SER E 215 34.85 30.99 -24.03
C SER E 215 35.25 30.84 -25.49
N LYS E 216 36.46 30.33 -25.75
CA LYS E 216 36.89 30.21 -27.13
C LYS E 216 35.97 29.31 -27.95
N GLN E 217 35.21 28.43 -27.30
CA GLN E 217 34.21 27.66 -28.03
C GLN E 217 33.02 28.53 -28.41
N TYR E 218 32.62 29.44 -27.53
CA TYR E 218 31.67 30.48 -27.93
C TYR E 218 32.19 31.23 -29.16
N ILE E 219 33.48 31.54 -29.16
CA ILE E 219 34.08 32.25 -30.27
C ILE E 219 34.07 31.38 -31.53
N GLU E 220 34.28 30.07 -31.37
CA GLU E 220 34.19 29.16 -32.51
C GLU E 220 32.79 29.19 -33.11
N PHE E 221 31.76 29.15 -32.26
CA PHE E 221 30.40 29.24 -32.77
C PHE E 221 30.17 30.56 -33.49
N LEU E 222 30.67 31.66 -32.92
CA LEU E 222 30.53 32.96 -33.56
C LEU E 222 31.19 32.96 -34.93
N SER E 223 32.40 32.42 -35.02
CA SER E 223 33.10 32.36 -36.30
C SER E 223 32.34 31.50 -37.29
N ASP E 224 31.79 30.38 -36.84
CA ASP E 224 31.04 29.50 -37.73
C ASP E 224 29.83 30.22 -38.31
N ILE E 225 29.07 30.92 -37.45
CA ILE E 225 27.88 31.62 -37.94
C ILE E 225 28.27 32.75 -38.88
N LEU E 226 29.37 33.46 -38.55
CA LEU E 226 29.83 34.53 -39.43
C LEU E 226 30.23 33.99 -40.79
N ASN E 227 30.93 32.86 -40.82
CA ASN E 227 31.27 32.22 -42.08
C ASN E 227 30.01 31.81 -42.84
N ALA E 228 29.00 31.33 -42.11
CA ALA E 228 27.76 30.91 -42.76
C ALA E 228 27.05 32.09 -43.42
N VAL E 229 27.04 33.25 -42.77
CA VAL E 229 26.27 34.38 -43.27
C VAL E 229 26.97 35.15 -44.38
N LYS E 230 28.29 34.94 -44.57
CA LYS E 230 29.05 35.75 -45.51
C LYS E 230 28.46 35.78 -46.91
N PRO E 231 28.04 34.67 -47.51
CA PRO E 231 27.58 34.73 -48.92
C PRO E 231 26.43 35.70 -49.13
N TYR E 232 25.52 35.81 -48.17
CA TYR E 232 24.36 36.67 -48.35
C TYR E 232 24.68 38.13 -48.06
N VAL E 233 25.31 38.40 -46.92
CA VAL E 233 25.37 39.74 -46.36
C VAL E 233 26.81 40.11 -46.04
N ASN E 234 27.16 41.36 -46.26
CA ASN E 234 28.38 41.96 -45.71
C ASN E 234 28.02 42.59 -44.38
N LEU E 235 28.41 41.94 -43.29
CA LEU E 235 27.96 42.37 -41.97
C LEU E 235 28.40 43.80 -41.67
N LYS E 236 29.54 44.23 -42.20
CA LYS E 236 29.95 45.62 -42.01
C LYS E 236 28.92 46.56 -42.62
N THR E 237 28.42 46.23 -43.79
CA THR E 237 27.21 46.86 -44.31
C THR E 237 26.00 46.36 -43.53
N TYR E 238 24.90 47.10 -43.65
CA TYR E 238 23.63 46.70 -43.02
C TYR E 238 23.81 46.58 -41.51
N ASN E 239 24.02 47.75 -40.87
CA ASN E 239 24.20 47.82 -39.44
C ASN E 239 23.29 46.82 -38.73
N THR E 240 23.91 45.95 -37.93
CA THR E 240 23.24 44.74 -37.46
C THR E 240 22.69 44.95 -36.06
N ILE E 241 21.39 44.67 -35.90
CA ILE E 241 20.72 44.76 -34.62
C ILE E 241 20.44 43.33 -34.16
N PHE E 242 21.13 42.91 -33.09
CA PHE E 242 20.98 41.56 -32.57
C PHE E 242 19.76 41.50 -31.65
N THR E 243 18.91 40.50 -31.87
CA THR E 243 17.71 40.30 -31.09
C THR E 243 17.63 38.83 -30.70
N GLY E 244 16.68 38.51 -29.81
CA GLY E 244 16.53 37.16 -29.32
C GLY E 244 17.41 36.89 -28.11
N GLY E 245 17.15 35.76 -27.47
CA GLY E 245 17.86 35.41 -26.26
C GLY E 245 19.25 34.85 -26.48
N THR E 246 19.48 34.22 -27.63
CA THR E 246 20.81 33.70 -27.91
C THR E 246 21.82 34.82 -28.13
N SER E 247 21.36 36.00 -28.52
CA SER E 247 22.25 37.16 -28.54
C SER E 247 22.78 37.46 -27.15
N LEU E 248 22.04 37.08 -26.11
CA LEU E 248 22.48 37.27 -24.74
C LEU E 248 23.46 36.20 -24.29
N MET E 249 23.58 35.09 -25.03
CA MET E 249 24.71 34.19 -24.84
C MET E 249 26.02 34.93 -25.01
N LEU E 250 26.09 35.80 -26.01
CA LEU E 250 27.36 36.21 -26.57
C LEU E 250 27.56 37.72 -26.63
N LYS E 251 26.63 38.54 -26.16
CA LYS E 251 26.82 39.99 -26.19
C LYS E 251 28.25 40.37 -25.83
N GLU E 252 28.84 39.67 -24.86
CA GLU E 252 30.18 40.01 -24.38
C GLU E 252 31.22 39.89 -25.49
N TYR E 253 31.03 38.95 -26.41
CA TYR E 253 31.95 38.76 -27.53
C TYR E 253 31.48 39.45 -28.80
N ILE E 254 30.16 39.62 -28.93
CA ILE E 254 29.58 40.36 -30.04
C ILE E 254 30.09 41.79 -30.02
N GLU E 255 30.11 42.41 -28.84
CA GLU E 255 30.69 43.75 -28.71
C GLU E 255 32.15 43.77 -29.12
N LYS E 256 32.84 42.63 -29.06
CA LYS E 256 34.25 42.54 -29.42
C LYS E 256 34.47 42.32 -30.91
N LEU E 257 33.41 42.18 -31.69
CA LEU E 257 33.56 41.88 -33.10
C LEU E 257 34.22 43.05 -33.83
N PRO E 258 34.93 42.77 -34.93
CA PRO E 258 35.57 43.84 -35.70
C PRO E 258 34.63 44.64 -36.57
N LEU E 259 33.31 44.49 -36.39
CA LEU E 259 32.36 45.12 -37.27
C LEU E 259 32.28 46.63 -37.03
N ASN E 260 31.84 47.35 -38.06
CA ASN E 260 31.84 48.81 -37.99
C ASN E 260 30.60 49.34 -37.27
N LYS E 261 29.43 48.80 -37.59
CA LYS E 261 28.17 49.30 -37.04
C LYS E 261 27.32 48.10 -36.64
N PHE E 262 27.04 47.98 -35.34
CA PHE E 262 26.23 46.89 -34.81
C PHE E 262 25.88 47.22 -33.37
N LYS E 263 24.92 46.47 -32.83
CA LYS E 263 24.52 46.65 -31.44
C LYS E 263 23.60 45.51 -31.05
N VAL E 264 23.75 45.04 -29.80
CA VAL E 264 22.79 44.13 -29.21
C VAL E 264 21.67 44.99 -28.61
N HIS E 265 20.48 44.86 -29.17
CA HIS E 265 19.40 45.75 -28.77
C HIS E 265 19.10 45.57 -27.29
N PRO E 266 18.92 46.66 -26.54
CA PRO E 266 18.46 46.51 -25.15
C PRO E 266 17.17 45.73 -25.11
N ASN E 267 17.08 44.77 -24.20
CA ASN E 267 16.00 43.77 -24.17
C ASN E 267 15.88 43.07 -25.53
N ALA E 268 17.04 42.84 -26.16
CA ALA E 268 17.13 42.21 -27.48
C ALA E 268 16.14 41.07 -27.64
N LEU E 269 15.94 40.29 -26.57
CA LEU E 269 15.02 39.18 -26.63
C LEU E 269 13.60 39.63 -26.94
N THR E 270 13.19 40.78 -26.41
CA THR E 270 11.81 41.26 -26.52
C THR E 270 11.62 42.35 -27.55
N SER E 271 12.66 42.72 -28.30
CA SER E 271 12.55 43.84 -29.23
C SER E 271 11.56 43.54 -30.35
N ASN E 272 11.55 42.29 -30.83
CA ASN E 272 10.72 41.96 -31.99
C ASN E 272 9.25 42.25 -31.71
N VAL E 273 8.78 41.87 -30.52
CA VAL E 273 7.40 42.20 -30.15
C VAL E 273 7.25 43.72 -30.01
N ASP E 274 8.29 44.40 -29.51
CA ASP E 274 8.22 45.84 -29.37
C ASP E 274 7.95 46.52 -30.71
N GLY E 275 8.41 45.92 -31.81
CA GLY E 275 8.11 46.47 -33.13
C GLY E 275 6.80 45.94 -33.70
N ALA E 276 6.55 44.65 -33.47
CA ALA E 276 5.26 44.08 -33.79
C ALA E 276 4.13 44.95 -33.26
N MET E 277 4.39 45.71 -32.20
CA MET E 277 3.40 46.64 -31.67
C MET E 277 3.26 47.93 -32.49
N GLU E 278 4.35 48.48 -33.01
CA GLU E 278 4.18 49.55 -33.99
C GLU E 278 3.25 49.06 -35.10
N ALA E 279 3.49 47.84 -35.57
CA ALA E 279 2.63 47.27 -36.62
C ALA E 279 1.20 47.10 -36.12
N SER E 280 1.03 46.65 -34.89
CA SER E 280 -0.29 46.45 -34.31
C SER E 280 -1.10 47.74 -34.35
N LYS E 281 -0.48 48.83 -33.93
CA LYS E 281 -1.16 50.13 -33.99
C LYS E 281 -1.45 50.50 -35.44
N LYS E 282 -0.48 50.28 -36.32
CA LYS E 282 -0.68 50.66 -37.71
C LYS E 282 -1.86 49.93 -38.34
N VAL E 283 -2.23 48.77 -37.81
CA VAL E 283 -3.48 48.15 -38.23
C VAL E 283 -4.66 48.73 -37.47
N TRP E 284 -4.68 48.55 -36.15
CA TRP E 284 -5.83 48.96 -35.34
C TRP E 284 -5.96 50.48 -35.23
N ASN E 285 -4.90 51.23 -35.46
CA ASN E 285 -4.93 52.67 -35.26
C ASN E 285 -4.17 53.39 -36.37
PG GTP F . 0.60 -20.01 43.97
O1G GTP F . 1.34 -18.70 43.99
O2G GTP F . -0.58 -19.94 44.90
O3G GTP F . 1.52 -21.12 44.42
O3B GTP F . 0.06 -20.30 42.48
PB GTP F . 0.88 -19.82 41.19
O1B GTP F . 2.14 -19.09 41.61
O2B GTP F . 0.02 -18.93 40.32
O3A GTP F . 1.29 -21.16 40.40
PA GTP F . 2.14 -22.35 41.04
O1A GTP F . 3.16 -22.82 40.02
O2A GTP F . 2.81 -21.97 42.34
O5' GTP F . 1.10 -23.53 41.27
C5' GTP F . 1.40 -24.57 42.17
C4' GTP F . 2.65 -25.33 41.81
O4' GTP F . 3.77 -24.70 42.39
C3' GTP F . 2.58 -26.74 42.42
O3' GTP F . 2.69 -27.73 41.42
C2' GTP F . 3.74 -26.77 43.38
O2' GTP F . 4.32 -28.05 43.45
C1' GTP F . 4.66 -25.69 42.83
N9 GTP F . 5.61 -25.24 43.86
C8 GTP F . 5.53 -24.15 44.69
N7 GTP F . 6.65 -24.13 45.46
C5 GTP F . 7.44 -25.18 45.12
C6 GTP F . 8.68 -25.62 45.59
O6 GTP F . 9.25 -25.01 46.48
N1 GTP F . 9.25 -26.75 45.02
C2 GTP F . 8.59 -27.43 44.02
N2 GTP F . 9.12 -28.51 43.47
N3 GTP F . 7.37 -26.98 43.57
C4 GTP F . 6.80 -25.87 44.11
PG GTP G . -21.18 -20.66 9.56
O1G GTP G . -21.11 -21.31 8.19
O2G GTP G . -20.53 -21.56 10.57
O3G GTP G . -22.62 -20.42 9.94
O3B GTP G . -20.36 -19.27 9.51
PB GTP G . -20.31 -18.36 8.18
O1B GTP G . -21.11 -19.02 7.07
O2B GTP G . -18.89 -18.13 7.75
O3A GTP G . -21.03 -16.96 8.57
PA GTP G . -22.53 -16.86 9.12
O1A GTP G . -23.21 -15.69 8.44
O2A GTP G . -23.31 -18.13 8.95
O5' GTP G . -22.37 -16.50 10.68
C5' GTP G . -23.43 -16.72 11.56
C4' GTP G . -24.68 -15.95 11.21
O4' GTP G . -25.46 -16.70 10.28
C3' GTP G . -25.53 -15.75 12.45
O3' GTP G . -25.77 -14.38 12.69
C2' GTP G . -26.82 -16.48 12.14
O2' GTP G . -27.95 -15.85 12.70
C1' GTP G . -26.82 -16.51 10.61
N9 GTP G . -27.71 -17.58 10.11
C8 GTP G . -27.40 -18.85 9.72
N7 GTP G . -28.54 -19.46 9.32
C5 GTP G . -29.57 -18.59 9.44
C6 GTP G . -30.93 -18.68 9.18
O6 GTP G . -31.40 -19.74 8.74
N1 GTP G . -31.75 -17.60 9.41
C2 GTP G . -31.21 -16.43 9.89
N2 GTP G . -31.98 -15.37 10.12
N3 GTP G . -29.87 -16.35 10.15
C4 GTP G . -29.06 -17.40 9.93
PG GTP H . 8.07 7.98 9.85
O1G GTP H . 8.16 9.48 9.74
O2G GTP H . 6.76 7.58 10.48
O3G GTP H . 9.20 7.45 10.68
O3B GTP H . 8.12 7.34 8.37
PB GTP H . 8.99 8.01 7.19
O1B GTP H . 9.66 9.26 7.70
O2B GTP H . 8.10 8.33 6.00
O3A GTP H . 10.11 6.94 6.78
PA GTP H . 11.18 6.34 7.82
O1A GTP H . 12.54 6.30 7.14
O2A GTP H . 11.24 7.10 9.12
O5' GTP H . 10.71 4.83 8.06
C5' GTP H . 11.15 4.13 9.20
C4' GTP H . 12.65 3.99 9.27
O4' GTP H . 13.21 5.12 9.90
C3' GTP H . 13.01 2.77 10.11
O3' GTP H . 13.80 1.86 9.38
C2' GTP H . 13.78 3.36 11.28
O2' GTP H . 14.80 2.50 11.72
C1' GTP H . 14.27 4.69 10.72
N9 GTP H . 14.63 5.62 11.80
C8 GTP H . 13.89 6.62 12.36
N7 GTP H . 14.64 7.22 13.31
C5 GTP H . 15.85 6.62 13.37
C6 GTP H . 16.99 6.83 14.14
O6 GTP H . 16.99 7.72 15.00
N1 GTP H . 18.11 6.05 13.96
C2 GTP H . 18.08 5.05 13.00
N2 GTP H . 19.15 4.28 12.79
N3 GTP H . 16.95 4.85 12.24
C4 GTP H . 15.87 5.62 12.41
PG GTP I . -1.02 -5.65 -27.42
O1G GTP I . -0.31 -6.33 -28.56
O2G GTP I . -0.37 -6.06 -26.12
O3G GTP I . -2.48 -6.04 -27.40
O3B GTP I . -0.86 -4.05 -27.58
PB GTP I . -0.82 -3.35 -29.02
O1B GTP I . -0.93 -4.40 -30.11
O2B GTP I . 0.45 -2.55 -29.18
O3A GTP I . -2.11 -2.40 -29.10
PA GTP I . -3.62 -2.92 -28.91
O1A GTP I . -4.50 -2.25 -29.95
O2A GTP I . -3.74 -4.41 -28.98
O5' GTP I . -4.06 -2.37 -27.47
C5' GTP I . -5.14 -2.96 -26.81
C4' GTP I . -6.44 -2.88 -27.57
O4' GTP I . -6.55 -3.97 -28.46
C3' GTP I . -7.62 -2.95 -26.61
O3' GTP I . -8.45 -1.81 -26.72
C2' GTP I . -8.35 -4.20 -27.02
O2' GTP I . -9.74 -4.09 -26.85
C1' GTP I . -7.90 -4.38 -28.47
N9 GTP I . -8.11 -5.78 -28.91
C8 GTP I . -7.21 -6.81 -28.95
N7 GTP I . -7.85 -7.90 -29.45
C5 GTP I . -9.12 -7.58 -29.73
C6 GTP I . -10.20 -8.29 -30.25
O6 GTP I . -10.06 -9.48 -30.55
N1 GTP I . -11.41 -7.67 -30.44
C2 GTP I . -11.56 -6.34 -30.10
N2 GTP I . -12.72 -5.72 -30.27
N3 GTP I . -10.49 -5.64 -29.59
C4 GTP I . -9.29 -6.24 -29.41
PG GTP J . 12.30 32.86 -26.85
O1G GTP J . 11.80 34.24 -27.23
O2G GTP J . 11.13 32.00 -26.45
O3G GTP J . 13.26 32.97 -25.68
O3B GTP J . 13.03 32.19 -28.11
PB GTP J . 13.85 33.08 -29.18
O1B GTP J . 13.78 34.54 -28.80
O2B GTP J . 13.29 32.87 -30.58
O3A GTP J . 15.38 32.58 -29.10
PA GTP J . 16.25 32.61 -27.75
O1A GTP J . 17.63 33.11 -28.08
O2A GTP J . 15.62 33.43 -26.66
O5' GTP J . 16.37 31.08 -27.32
C5' GTP J . 16.71 30.74 -25.99
C4' GTP J . 18.06 31.29 -25.56
O4' GTP J . 17.89 32.61 -25.06
C3' GTP J . 18.61 30.44 -24.43
O3' GTP J . 19.87 29.91 -24.77
C2' GTP J . 18.70 31.41 -23.27
O2' GTP J . 19.81 31.13 -22.44
C1' GTP J . 18.76 32.76 -23.96
N9 GTP J . 18.38 33.85 -23.03
C8 GTP J . 17.17 34.45 -22.88
N7 GTP J . 17.30 35.41 -21.91
C5 GTP J . 18.58 35.41 -21.47
C6 GTP J . 19.25 36.17 -20.52
O6 GTP J . 18.65 37.05 -19.89
N1 GTP J . 20.59 35.95 -20.29
C2 GTP J . 21.26 34.97 -21.00
N2 GTP J . 22.55 34.74 -20.80
N3 GTP J . 20.58 34.23 -21.95
C4 GTP J . 19.27 34.44 -22.17
#